data_7XY9
#
_entry.id   7XY9
#
_cell.length_a   1.00
_cell.length_b   1.00
_cell.length_c   1.00
_cell.angle_alpha   90.00
_cell.angle_beta   90.00
_cell.angle_gamma   90.00
#
_symmetry.space_group_name_H-M   'P 1'
#
loop_
_entity.id
_entity.type
_entity.pdbx_description
1 polymer 'NADP-dependent isopropanol dehydrogenase'
2 non-polymer 'ZINC ION'
3 non-polymer 'MAGNESIUM ION'
4 water water
#
_entity_poly.entity_id   1
_entity_poly.type   'polypeptide(L)'
_entity_poly.pdbx_seq_one_letter_code
;MHHHHHHKGFAMLSIGKVGWIEKEKPAPGPFDAIVRPLAVAPCTSDIHTVFEGAIGERHNMILGHEAVGEVVEVGSEVKD
FKPGDRVVVPANTPDWRTSEVQRGYHQHSGGMLAGWKFSNVKDGVFGEFFHVNDADMNLAHLPKEIPLEAAVMIPDMMTT
GFHGAELADIELGATVAVLGIGPVGLMAVAGAKLRGAGRIIAVGSRPVCVDAAKYYGATDIVNYKDGPIESQIMNLTEGK
GVDAAIIAGGNADIMATAVKIVKPGGTIANVNYFGEGEVLPVPRLEWGCGMAHKTIKGGLCPGGRLRMERLIDLVFYKRV
DPSKLVTHVFRGFDNIEKAFMLMKDKPKDLIKPVVILA
;
_entity_poly.pdbx_strand_id   A,B,C,D
#
loop_
_chem_comp.id
_chem_comp.type
_chem_comp.name
_chem_comp.formula
MG non-polymer 'MAGNESIUM ION' 'Mg 2'
ZN non-polymer 'ZINC ION' 'Zn 2'
#
# COMPACT_ATOMS: atom_id res chain seq x y z
N HIS A 6 2.10 -49.69 2.35
CA HIS A 6 2.13 -49.97 0.92
C HIS A 6 0.79 -49.69 0.26
N HIS A 7 0.76 -48.72 -0.66
CA HIS A 7 -0.46 -48.28 -1.30
C HIS A 7 -0.23 -48.12 -2.80
N LYS A 8 -1.33 -48.00 -3.54
CA LYS A 8 -1.29 -47.75 -4.97
C LYS A 8 -1.25 -46.25 -5.25
N GLY A 9 -0.66 -45.89 -6.39
CA GLY A 9 -0.57 -44.50 -6.78
C GLY A 9 -0.45 -44.37 -8.28
N PHE A 10 -0.93 -43.24 -8.80
CA PHE A 10 -0.83 -42.93 -10.21
C PHE A 10 0.38 -42.04 -10.41
N ALA A 11 1.42 -42.57 -11.04
CA ALA A 11 2.72 -41.94 -11.05
C ALA A 11 3.24 -41.77 -12.47
N MET A 12 4.20 -40.84 -12.61
CA MET A 12 4.92 -40.64 -13.86
C MET A 12 6.10 -41.61 -13.88
N LEU A 13 6.09 -42.54 -14.83
CA LEU A 13 7.18 -43.49 -14.95
C LEU A 13 8.46 -42.80 -15.45
N SER A 14 8.32 -41.99 -16.48
CA SER A 14 9.43 -41.22 -17.06
C SER A 14 8.82 -40.12 -17.91
N ILE A 15 9.66 -39.43 -18.68
CA ILE A 15 9.17 -38.38 -19.57
C ILE A 15 8.35 -39.04 -20.67
N GLY A 16 7.03 -38.83 -20.63
CA GLY A 16 6.14 -39.41 -21.61
C GLY A 16 5.55 -40.76 -21.24
N LYS A 17 5.97 -41.35 -20.11
CA LYS A 17 5.46 -42.63 -19.68
C LYS A 17 4.68 -42.47 -18.38
N VAL A 18 3.56 -43.17 -18.29
CA VAL A 18 2.61 -43.01 -17.18
C VAL A 18 1.95 -44.36 -16.91
N GLY A 19 1.80 -44.68 -15.63
CA GLY A 19 1.16 -45.93 -15.26
C GLY A 19 0.92 -46.00 -13.76
N TRP A 20 0.23 -47.06 -13.36
CA TRP A 20 -0.06 -47.32 -11.95
C TRP A 20 1.09 -48.09 -11.33
N ILE A 21 1.60 -47.60 -10.22
CA ILE A 21 2.68 -48.26 -9.48
C ILE A 21 2.26 -48.40 -8.02
N GLU A 22 3.04 -49.19 -7.29
CA GLU A 22 2.80 -49.46 -5.88
C GLU A 22 3.98 -48.95 -5.07
N LYS A 23 3.69 -48.17 -4.02
CA LYS A 23 4.72 -47.52 -3.24
C LYS A 23 4.47 -47.73 -1.75
N GLU A 24 5.53 -47.51 -0.97
CA GLU A 24 5.43 -47.60 0.48
C GLU A 24 4.52 -46.51 1.03
N LYS A 25 3.70 -46.85 2.00
CA LYS A 25 2.75 -45.90 2.57
C LYS A 25 3.52 -44.83 3.36
N PRO A 26 3.29 -43.55 3.08
CA PRO A 26 4.01 -42.50 3.81
C PRO A 26 3.66 -42.49 5.29
N ALA A 27 4.65 -42.11 6.10
CA ALA A 27 4.47 -41.99 7.54
C ALA A 27 4.63 -40.53 7.96
N PRO A 28 3.85 -40.07 8.94
CA PRO A 28 3.89 -38.65 9.31
C PRO A 28 4.88 -38.37 10.43
N GLY A 29 5.54 -37.21 10.32
CA GLY A 29 6.36 -36.72 11.39
C GLY A 29 5.52 -36.12 12.51
N PRO A 30 6.18 -35.60 13.53
CA PRO A 30 5.45 -35.02 14.66
C PRO A 30 4.54 -33.86 14.26
N PHE A 31 4.86 -33.11 13.21
CA PHE A 31 4.06 -31.99 12.77
C PHE A 31 3.31 -32.27 11.47
N ASP A 32 3.30 -33.52 11.00
CA ASP A 32 2.70 -33.86 9.72
C ASP A 32 1.40 -34.63 9.92
N ALA A 33 0.70 -34.85 8.81
CA ALA A 33 -0.54 -35.62 8.78
C ALA A 33 -0.61 -36.43 7.50
N ILE A 34 -1.34 -37.55 7.57
CA ILE A 34 -1.60 -38.39 6.42
C ILE A 34 -3.05 -38.22 6.02
N VAL A 35 -3.30 -37.95 4.73
CA VAL A 35 -4.62 -37.64 4.22
C VAL A 35 -4.96 -38.60 3.09
N ARG A 36 -6.17 -39.15 3.13
CA ARG A 36 -6.66 -39.89 1.98
C ARG A 36 -7.64 -39.03 1.18
N PRO A 37 -7.57 -39.06 -0.15
CA PRO A 37 -8.36 -38.12 -0.95
C PRO A 37 -9.82 -38.55 -1.08
N LEU A 38 -10.70 -37.56 -1.11
CA LEU A 38 -12.11 -37.76 -1.42
C LEU A 38 -12.47 -37.27 -2.81
N ALA A 39 -11.78 -36.27 -3.31
CA ALA A 39 -11.96 -35.78 -4.68
C ALA A 39 -10.64 -35.19 -5.16
N VAL A 40 -10.27 -35.51 -6.40
CA VAL A 40 -9.03 -35.02 -6.99
C VAL A 40 -9.33 -34.48 -8.38
N ALA A 41 -8.40 -33.65 -8.87
CA ALA A 41 -8.55 -33.03 -10.19
C ALA A 41 -7.19 -32.95 -10.87
N PRO A 42 -7.04 -33.52 -12.06
CA PRO A 42 -5.80 -33.34 -12.82
C PRO A 42 -5.65 -31.90 -13.30
N CYS A 43 -4.39 -31.52 -13.52
CA CYS A 43 -4.06 -30.16 -13.93
C CYS A 43 -3.16 -30.20 -15.17
N THR A 44 -3.14 -29.07 -15.89
CA THR A 44 -2.26 -28.96 -17.04
C THR A 44 -0.79 -28.99 -16.62
N SER A 45 -0.51 -28.64 -15.36
CA SER A 45 0.86 -28.70 -14.86
C SER A 45 1.39 -30.13 -14.86
N ASP A 46 0.53 -31.09 -14.51
CA ASP A 46 0.95 -32.49 -14.55
C ASP A 46 1.29 -32.93 -15.96
N ILE A 47 0.49 -32.48 -16.94
CA ILE A 47 0.75 -32.85 -18.33
C ILE A 47 2.04 -32.22 -18.83
N HIS A 48 2.28 -30.96 -18.47
CA HIS A 48 3.55 -30.32 -18.82
C HIS A 48 4.73 -31.03 -18.16
N THR A 49 4.55 -31.49 -16.93
CA THR A 49 5.61 -32.24 -16.25
C THR A 49 5.91 -33.55 -16.96
N VAL A 50 4.86 -34.28 -17.36
CA VAL A 50 5.05 -35.62 -17.90
C VAL A 50 5.54 -35.56 -19.35
N PHE A 51 4.78 -34.90 -20.22
CA PHE A 51 5.01 -34.98 -21.66
C PHE A 51 5.88 -33.84 -22.19
N GLU A 52 6.29 -32.89 -21.36
CA GLU A 52 7.07 -31.76 -21.83
C GLU A 52 8.36 -31.54 -21.05
N GLY A 53 8.61 -32.30 -19.99
CA GLY A 53 9.82 -32.10 -19.20
C GLY A 53 9.89 -30.73 -18.55
N ALA A 54 8.78 -30.29 -17.94
CA ALA A 54 8.75 -28.96 -17.35
C ALA A 54 9.66 -28.86 -16.12
N ILE A 55 9.80 -29.94 -15.35
CA ILE A 55 10.58 -29.92 -14.13
C ILE A 55 11.75 -30.92 -14.18
N GLY A 56 12.07 -31.42 -15.36
CA GLY A 56 13.17 -32.36 -15.50
C GLY A 56 12.71 -33.81 -15.58
N GLU A 57 13.55 -34.73 -15.12
CA GLU A 57 13.26 -36.15 -15.17
C GLU A 57 12.82 -36.65 -13.80
N ARG A 58 11.74 -37.42 -13.77
CA ARG A 58 11.22 -38.02 -12.55
C ARG A 58 11.02 -39.51 -12.79
N HIS A 59 11.13 -40.28 -11.71
CA HIS A 59 10.97 -41.73 -11.76
C HIS A 59 10.00 -42.17 -10.67
N ASN A 60 8.89 -42.77 -11.08
CA ASN A 60 7.89 -43.30 -10.15
C ASN A 60 7.42 -42.24 -9.16
N MET A 61 7.12 -41.04 -9.67
CA MET A 61 6.67 -39.94 -8.85
C MET A 61 5.15 -39.80 -9.02
N ILE A 62 4.43 -39.94 -7.90
CA ILE A 62 2.97 -39.82 -7.95
C ILE A 62 2.59 -38.39 -8.31
N LEU A 63 1.64 -38.27 -9.23
CA LEU A 63 1.23 -36.97 -9.75
C LEU A 63 0.05 -36.42 -8.95
N GLY A 64 -0.37 -35.20 -9.31
CA GLY A 64 -1.54 -34.59 -8.70
C GLY A 64 -1.22 -33.63 -7.57
N HIS A 65 -1.84 -32.45 -7.58
CA HIS A 65 -1.67 -31.50 -6.49
C HIS A 65 -2.96 -30.77 -6.12
N GLU A 66 -4.12 -31.29 -6.51
CA GLU A 66 -5.41 -30.65 -6.22
C GLU A 66 -6.33 -31.73 -5.63
N ALA A 67 -6.46 -31.73 -4.31
CA ALA A 67 -7.23 -32.76 -3.64
C ALA A 67 -8.01 -32.18 -2.47
N VAL A 68 -9.18 -32.77 -2.23
CA VAL A 68 -9.95 -32.60 -1.00
C VAL A 68 -10.02 -33.97 -0.35
N GLY A 69 -9.65 -34.04 0.93
CA GLY A 69 -9.48 -35.33 1.58
C GLY A 69 -9.91 -35.32 3.03
N GLU A 70 -9.78 -36.49 3.65
CA GLU A 70 -10.09 -36.70 5.05
C GLU A 70 -8.82 -37.10 5.78
N VAL A 71 -8.60 -36.47 6.95
CA VAL A 71 -7.39 -36.77 7.72
C VAL A 71 -7.43 -38.21 8.21
N VAL A 72 -6.35 -38.94 7.95
CA VAL A 72 -6.25 -40.34 8.35
C VAL A 72 -5.49 -40.50 9.65
N GLU A 73 -4.36 -39.81 9.79
CA GLU A 73 -3.59 -39.84 11.04
C GLU A 73 -2.70 -38.60 11.07
N VAL A 74 -2.31 -38.21 12.28
CA VAL A 74 -1.55 -36.99 12.51
C VAL A 74 -0.35 -37.30 13.39
N GLY A 75 0.59 -36.35 13.42
CA GLY A 75 1.72 -36.45 14.31
C GLY A 75 1.38 -36.09 15.74
N SER A 76 2.34 -36.33 16.63
CA SER A 76 2.12 -36.09 18.04
C SER A 76 1.95 -34.60 18.37
N GLU A 77 2.52 -33.72 17.57
CA GLU A 77 2.45 -32.28 17.82
C GLU A 77 1.32 -31.59 17.06
N VAL A 78 0.47 -32.35 16.37
CA VAL A 78 -0.65 -31.80 15.63
C VAL A 78 -1.82 -31.62 16.60
N LYS A 79 -2.40 -30.42 16.62
CA LYS A 79 -3.43 -30.07 17.60
C LYS A 79 -4.76 -29.69 16.98
N ASP A 80 -4.77 -29.03 15.83
CA ASP A 80 -6.01 -28.50 15.26
C ASP A 80 -6.75 -29.49 14.37
N PHE A 81 -6.16 -30.63 14.07
CA PHE A 81 -6.79 -31.61 13.19
C PHE A 81 -6.59 -33.01 13.75
N LYS A 82 -7.59 -33.85 13.61
CA LYS A 82 -7.57 -35.22 14.08
C LYS A 82 -8.12 -36.12 12.99
N PRO A 83 -7.82 -37.42 13.04
CA PRO A 83 -8.35 -38.35 12.03
C PRO A 83 -9.86 -38.28 11.93
N GLY A 84 -10.36 -38.33 10.70
CA GLY A 84 -11.78 -38.19 10.41
C GLY A 84 -12.19 -36.81 9.96
N ASP A 85 -11.34 -35.80 10.15
CA ASP A 85 -11.69 -34.45 9.77
C ASP A 85 -11.61 -34.28 8.25
N ARG A 86 -12.64 -33.67 7.67
CA ARG A 86 -12.66 -33.36 6.25
C ARG A 86 -11.97 -32.03 6.01
N VAL A 87 -10.94 -32.04 5.17
CA VAL A 87 -10.05 -30.89 5.00
C VAL A 87 -9.87 -30.58 3.52
N VAL A 88 -9.43 -29.35 3.27
CA VAL A 88 -8.97 -28.92 1.96
C VAL A 88 -7.47 -28.77 2.01
N VAL A 89 -6.77 -29.39 1.06
CA VAL A 89 -5.31 -29.40 1.03
C VAL A 89 -4.86 -28.41 -0.04
N PRO A 90 -4.17 -27.34 0.32
CA PRO A 90 -3.67 -26.40 -0.68
C PRO A 90 -2.59 -27.03 -1.55
N ALA A 91 -2.51 -26.55 -2.79
CA ALA A 91 -1.47 -27.04 -3.71
C ALA A 91 -0.09 -26.62 -3.23
N ASN A 92 0.03 -25.41 -2.68
CA ASN A 92 1.29 -24.91 -2.14
C ASN A 92 1.29 -25.11 -0.62
N THR A 93 2.27 -25.86 -0.12
CA THR A 93 2.40 -26.17 1.30
C THR A 93 3.78 -25.72 1.77
N PRO A 94 3.93 -24.45 2.17
CA PRO A 94 5.25 -23.94 2.55
C PRO A 94 5.74 -24.55 3.86
N ASP A 95 7.07 -24.48 4.03
CA ASP A 95 7.70 -24.84 5.30
C ASP A 95 7.60 -23.65 6.25
N TRP A 96 6.90 -23.84 7.36
CA TRP A 96 6.58 -22.73 8.25
C TRP A 96 7.51 -22.64 9.46
N ARG A 97 8.50 -23.52 9.57
CA ARG A 97 9.44 -23.49 10.68
C ARG A 97 10.77 -22.87 10.32
N THR A 98 10.86 -22.25 9.14
CA THR A 98 12.06 -21.55 8.71
C THR A 98 11.79 -20.04 8.75
N SER A 99 12.83 -19.27 9.04
CA SER A 99 12.69 -17.82 9.14
C SER A 99 12.32 -17.17 7.81
N GLU A 100 12.42 -17.90 6.70
CA GLU A 100 12.15 -17.31 5.39
C GLU A 100 10.71 -16.82 5.27
N VAL A 101 9.75 -17.49 5.93
CA VAL A 101 8.35 -17.09 5.81
C VAL A 101 8.12 -15.71 6.43
N GLN A 102 9.02 -15.24 7.28
CA GLN A 102 8.88 -13.93 7.91
C GLN A 102 9.09 -12.79 6.92
N ARG A 103 9.75 -13.05 5.78
CA ARG A 103 10.04 -11.99 4.82
C ARG A 103 8.74 -11.36 4.31
N GLY A 104 7.94 -12.15 3.60
CA GLY A 104 6.60 -11.73 3.23
C GLY A 104 6.52 -10.69 2.12
N TYR A 105 5.50 -10.82 1.29
CA TYR A 105 5.21 -9.84 0.24
C TYR A 105 3.77 -10.07 -0.21
N HIS A 106 3.24 -9.08 -0.94
CA HIS A 106 1.85 -9.11 -1.41
C HIS A 106 0.88 -9.27 -0.24
N GLN A 107 1.24 -8.74 0.92
CA GLN A 107 0.42 -8.79 2.14
C GLN A 107 0.15 -10.23 2.58
N HIS A 108 1.06 -11.14 2.27
CA HIS A 108 1.00 -12.51 2.80
C HIS A 108 2.40 -12.92 3.23
N SER A 109 2.52 -14.17 3.69
CA SER A 109 3.79 -14.67 4.19
C SER A 109 4.74 -14.96 3.02
N GLY A 110 6.01 -15.13 3.36
CA GLY A 110 7.05 -15.42 2.40
C GLY A 110 7.39 -16.89 2.34
N GLY A 111 8.55 -17.18 1.75
CA GLY A 111 9.00 -18.56 1.63
C GLY A 111 8.06 -19.46 0.87
N MET A 112 7.44 -18.94 -0.17
CA MET A 112 6.39 -19.66 -0.90
C MET A 112 6.95 -20.43 -2.09
N LEU A 113 8.21 -20.22 -2.44
CA LEU A 113 8.86 -20.99 -3.50
C LEU A 113 9.11 -22.43 -3.10
N ALA A 114 9.44 -22.67 -1.83
CA ALA A 114 9.64 -24.03 -1.32
C ALA A 114 8.33 -24.73 -1.02
N GLY A 115 7.19 -24.05 -1.13
CA GLY A 115 5.90 -24.67 -0.86
C GLY A 115 5.38 -25.54 -1.97
N TRP A 116 5.96 -25.44 -3.17
CA TRP A 116 5.52 -26.25 -4.30
C TRP A 116 6.22 -27.61 -4.20
N LYS A 117 5.60 -28.52 -3.46
CA LYS A 117 6.15 -29.85 -3.19
C LYS A 117 5.41 -30.96 -3.90
N PHE A 118 4.08 -30.90 -3.94
CA PHE A 118 3.28 -31.98 -4.50
C PHE A 118 3.61 -32.20 -5.96
N SER A 119 3.94 -33.44 -6.32
CA SER A 119 4.27 -33.85 -7.68
C SER A 119 5.45 -33.08 -8.26
N ASN A 120 6.24 -32.41 -7.43
CA ASN A 120 7.48 -31.78 -7.87
C ASN A 120 8.69 -32.39 -7.16
N VAL A 121 8.72 -32.36 -5.84
CA VAL A 121 9.77 -32.99 -5.04
C VAL A 121 9.20 -33.98 -4.04
N LYS A 122 7.91 -34.30 -4.17
CA LYS A 122 7.22 -35.14 -3.21
C LYS A 122 6.06 -35.82 -3.95
N ASP A 123 5.66 -36.99 -3.44
CA ASP A 123 4.57 -37.73 -4.07
C ASP A 123 3.29 -36.90 -4.05
N GLY A 124 2.53 -36.99 -5.14
CA GLY A 124 1.33 -36.20 -5.30
C GLY A 124 0.13 -36.81 -4.60
N VAL A 125 -1.05 -36.31 -4.98
CA VAL A 125 -2.29 -36.71 -4.32
C VAL A 125 -3.02 -37.83 -5.06
N PHE A 126 -2.51 -38.28 -6.22
CA PHE A 126 -3.19 -39.32 -6.97
C PHE A 126 -2.86 -40.70 -6.42
N GLY A 127 -3.03 -40.89 -5.12
CA GLY A 127 -2.77 -42.16 -4.48
C GLY A 127 -3.78 -42.41 -3.37
N GLU A 128 -3.67 -43.58 -2.76
CA GLU A 128 -4.55 -43.91 -1.65
C GLU A 128 -4.29 -43.03 -0.44
N PHE A 129 -3.05 -42.56 -0.27
CA PHE A 129 -2.70 -41.64 0.79
C PHE A 129 -1.60 -40.71 0.30
N PHE A 130 -1.48 -39.56 0.96
CA PHE A 130 -0.37 -38.65 0.70
C PHE A 130 -0.01 -37.92 1.98
N HIS A 131 1.13 -37.24 1.95
CA HIS A 131 1.75 -36.64 3.12
C HIS A 131 1.62 -35.13 3.04
N VAL A 132 1.18 -34.51 4.13
CA VAL A 132 1.07 -33.06 4.23
C VAL A 132 1.97 -32.59 5.37
N ASN A 133 2.90 -31.71 5.06
CA ASN A 133 3.81 -31.17 6.06
C ASN A 133 3.19 -29.97 6.76
N ASP A 134 3.48 -29.83 8.05
CA ASP A 134 2.98 -28.73 8.88
C ASP A 134 1.46 -28.62 8.78
N ALA A 135 0.79 -29.67 9.26
CA ALA A 135 -0.65 -29.82 9.05
C ALA A 135 -1.42 -28.66 9.68
N ASP A 136 -1.06 -28.26 10.90
CA ASP A 136 -1.77 -27.17 11.57
C ASP A 136 -1.60 -25.85 10.84
N MET A 137 -0.57 -25.71 10.01
CA MET A 137 -0.31 -24.49 9.28
C MET A 137 -0.80 -24.54 7.84
N ASN A 138 -1.19 -25.71 7.34
CA ASN A 138 -1.52 -25.87 5.93
C ASN A 138 -2.95 -26.32 5.68
N LEU A 139 -3.45 -27.28 6.46
CA LEU A 139 -4.78 -27.81 6.25
C LEU A 139 -5.85 -26.82 6.72
N ALA A 140 -7.04 -26.94 6.13
CA ALA A 140 -8.18 -26.11 6.50
C ALA A 140 -9.44 -26.96 6.54
N HIS A 141 -10.27 -26.72 7.55
CA HIS A 141 -11.51 -27.49 7.70
C HIS A 141 -12.48 -27.18 6.58
N LEU A 142 -13.12 -28.23 6.05
CA LEU A 142 -14.10 -28.08 4.99
C LEU A 142 -15.50 -28.29 5.57
N PRO A 143 -16.37 -27.28 5.54
CA PRO A 143 -17.74 -27.47 6.04
C PRO A 143 -18.51 -28.48 5.20
N LYS A 144 -19.42 -29.19 5.85
CA LYS A 144 -20.17 -30.24 5.19
C LYS A 144 -21.13 -29.72 4.12
N GLU A 145 -21.43 -28.42 4.13
CA GLU A 145 -22.38 -27.85 3.19
C GLU A 145 -21.77 -27.54 1.83
N ILE A 146 -20.46 -27.68 1.67
CA ILE A 146 -19.77 -27.39 0.41
C ILE A 146 -19.61 -28.71 -0.35
N PRO A 147 -20.11 -28.82 -1.57
CA PRO A 147 -19.94 -30.06 -2.34
C PRO A 147 -18.48 -30.29 -2.70
N LEU A 148 -18.14 -31.57 -2.91
CA LEU A 148 -16.76 -31.96 -3.17
C LEU A 148 -16.24 -31.35 -4.47
N GLU A 149 -17.08 -31.34 -5.51
CA GLU A 149 -16.65 -30.80 -6.80
C GLU A 149 -16.33 -29.32 -6.70
N ALA A 150 -17.14 -28.56 -5.97
CA ALA A 150 -16.84 -27.15 -5.75
C ALA A 150 -15.60 -26.97 -4.89
N ALA A 151 -15.43 -27.81 -3.87
CA ALA A 151 -14.33 -27.64 -2.93
C ALA A 151 -12.99 -27.94 -3.59
N VAL A 152 -12.95 -28.92 -4.50
CA VAL A 152 -11.70 -29.31 -5.14
C VAL A 152 -11.16 -28.25 -6.09
N MET A 153 -11.94 -27.23 -6.40
CA MET A 153 -11.44 -26.13 -7.23
C MET A 153 -10.67 -25.09 -6.43
N ILE A 154 -10.82 -25.09 -5.11
CA ILE A 154 -10.15 -24.14 -4.23
C ILE A 154 -8.62 -24.27 -4.23
N PRO A 155 -8.04 -25.48 -4.10
CA PRO A 155 -6.59 -25.56 -3.81
C PRO A 155 -5.69 -24.87 -4.83
N ASP A 156 -5.97 -24.96 -6.12
CA ASP A 156 -5.08 -24.36 -7.12
C ASP A 156 -5.78 -23.31 -8.00
N MET A 157 -6.88 -23.68 -8.67
CA MET A 157 -7.48 -22.79 -9.66
C MET A 157 -7.97 -21.49 -8.99
N MET A 158 -8.78 -21.63 -7.95
CA MET A 158 -9.38 -20.46 -7.33
C MET A 158 -8.33 -19.56 -6.71
N THR A 159 -7.36 -20.15 -6.01
CA THR A 159 -6.33 -19.33 -5.36
C THR A 159 -5.46 -18.63 -6.38
N THR A 160 -5.10 -19.29 -7.49
CA THR A 160 -4.26 -18.65 -8.49
C THR A 160 -5.01 -17.51 -9.19
N GLY A 161 -6.25 -17.77 -9.60
CA GLY A 161 -7.03 -16.72 -10.24
C GLY A 161 -7.30 -15.54 -9.33
N PHE A 162 -7.62 -15.82 -8.06
CA PHE A 162 -7.93 -14.75 -7.13
C PHE A 162 -6.68 -13.94 -6.78
N HIS A 163 -5.52 -14.59 -6.70
CA HIS A 163 -4.29 -13.82 -6.50
C HIS A 163 -3.94 -13.00 -7.72
N GLY A 164 -4.23 -13.52 -8.93
CA GLY A 164 -4.06 -12.71 -10.11
C GLY A 164 -4.92 -11.46 -10.08
N ALA A 165 -6.16 -11.60 -9.62
CA ALA A 165 -7.03 -10.42 -9.48
C ALA A 165 -6.52 -9.49 -8.39
N GLU A 166 -6.02 -10.03 -7.28
CA GLU A 166 -5.54 -9.20 -6.19
C GLU A 166 -4.30 -8.40 -6.60
N LEU A 167 -3.37 -9.03 -7.32
CA LEU A 167 -2.15 -8.36 -7.72
C LEU A 167 -2.38 -7.32 -8.82
N ALA A 168 -3.53 -7.35 -9.48
CA ALA A 168 -3.82 -6.40 -10.55
C ALA A 168 -4.13 -5.00 -10.05
N ASP A 169 -4.26 -4.81 -8.74
CA ASP A 169 -4.54 -3.50 -8.14
C ASP A 169 -5.84 -2.91 -8.71
N ILE A 170 -6.90 -3.69 -8.62
CA ILE A 170 -8.18 -3.30 -9.21
C ILE A 170 -8.89 -2.32 -8.28
N GLU A 171 -9.25 -1.16 -8.81
CA GLU A 171 -10.06 -0.19 -8.09
C GLU A 171 -11.53 -0.34 -8.48
N LEU A 172 -12.41 0.20 -7.64
CA LEU A 172 -13.84 0.08 -7.88
C LEU A 172 -14.23 0.71 -9.22
N GLY A 173 -14.97 -0.05 -10.02
CA GLY A 173 -15.44 0.43 -11.30
C GLY A 173 -14.42 0.42 -12.42
N ALA A 174 -13.21 -0.08 -12.17
CA ALA A 174 -12.17 -0.08 -13.19
C ALA A 174 -12.45 -1.16 -14.24
N THR A 175 -11.94 -0.92 -15.45
CA THR A 175 -12.05 -1.88 -16.54
C THR A 175 -10.88 -2.84 -16.49
N VAL A 176 -11.18 -4.14 -16.52
CA VAL A 176 -10.18 -5.20 -16.37
C VAL A 176 -10.27 -6.13 -17.57
N ALA A 177 -9.11 -6.50 -18.11
CA ALA A 177 -9.01 -7.45 -19.20
C ALA A 177 -8.36 -8.73 -18.70
N VAL A 178 -8.93 -9.88 -19.07
CA VAL A 178 -8.40 -11.19 -18.70
C VAL A 178 -8.03 -11.91 -19.98
N LEU A 179 -6.74 -12.18 -20.16
CA LEU A 179 -6.22 -12.83 -21.36
C LEU A 179 -6.03 -14.31 -21.04
N GLY A 180 -6.79 -15.17 -21.72
CA GLY A 180 -6.81 -16.58 -21.40
C GLY A 180 -8.04 -16.93 -20.60
N ILE A 181 -8.87 -17.82 -21.11
CA ILE A 181 -10.18 -18.08 -20.50
C ILE A 181 -10.18 -19.56 -20.10
N GLY A 182 -9.01 -20.06 -19.69
CA GLY A 182 -8.94 -21.34 -19.03
C GLY A 182 -9.51 -21.26 -17.63
N PRO A 183 -9.44 -22.37 -16.90
CA PRO A 183 -9.98 -22.37 -15.53
C PRO A 183 -9.35 -21.30 -14.65
N VAL A 184 -8.04 -21.10 -14.77
CA VAL A 184 -7.40 -20.03 -14.02
C VAL A 184 -7.90 -18.66 -14.49
N GLY A 185 -8.10 -18.51 -15.80
CA GLY A 185 -8.65 -17.26 -16.30
C GLY A 185 -10.08 -17.02 -15.87
N LEU A 186 -10.88 -18.09 -15.82
CA LEU A 186 -12.25 -17.96 -15.33
C LEU A 186 -12.26 -17.53 -13.86
N MET A 187 -11.39 -18.13 -13.05
CA MET A 187 -11.28 -17.70 -11.65
C MET A 187 -10.73 -16.28 -11.54
N ALA A 188 -9.89 -15.86 -12.49
CA ALA A 188 -9.44 -14.47 -12.50
C ALA A 188 -10.58 -13.51 -12.79
N VAL A 189 -11.48 -13.90 -13.70
CA VAL A 189 -12.67 -13.10 -13.97
C VAL A 189 -13.52 -13.00 -12.70
N ALA A 190 -13.71 -14.14 -12.01
CA ALA A 190 -14.48 -14.14 -10.78
C ALA A 190 -13.84 -13.26 -9.72
N GLY A 191 -12.52 -13.32 -9.59
CA GLY A 191 -11.82 -12.48 -8.62
C GLY A 191 -11.90 -11.01 -8.97
N ALA A 192 -11.83 -10.68 -10.26
CA ALA A 192 -11.99 -9.29 -10.67
C ALA A 192 -13.37 -8.78 -10.32
N LYS A 193 -14.40 -9.61 -10.52
CA LYS A 193 -15.74 -9.24 -10.07
C LYS A 193 -15.78 -9.06 -8.55
N LEU A 194 -15.09 -9.94 -7.81
CA LEU A 194 -15.05 -9.85 -6.36
C LEU A 194 -14.29 -8.62 -5.87
N ARG A 195 -13.42 -8.04 -6.70
CA ARG A 195 -12.67 -6.85 -6.33
C ARG A 195 -13.37 -5.55 -6.73
N GLY A 196 -14.59 -5.63 -7.21
CA GLY A 196 -15.32 -4.43 -7.57
C GLY A 196 -15.03 -3.86 -8.93
N ALA A 197 -14.61 -4.71 -9.87
CA ALA A 197 -14.37 -4.23 -11.23
C ALA A 197 -15.69 -3.90 -11.92
N GLY A 198 -15.61 -3.05 -12.93
CA GLY A 198 -16.77 -2.69 -13.71
C GLY A 198 -16.86 -3.54 -14.95
N ARG A 199 -16.49 -2.97 -16.10
CA ARG A 199 -16.41 -3.76 -17.31
C ARG A 199 -15.28 -4.78 -17.21
N ILE A 200 -15.58 -6.03 -17.54
CA ILE A 200 -14.59 -7.10 -17.59
C ILE A 200 -14.57 -7.65 -19.01
N ILE A 201 -13.40 -7.58 -19.65
CA ILE A 201 -13.22 -8.07 -21.02
C ILE A 201 -12.49 -9.40 -20.97
N ALA A 202 -13.10 -10.44 -21.50
CA ALA A 202 -12.52 -11.78 -21.54
C ALA A 202 -12.09 -12.10 -22.95
N VAL A 203 -10.87 -12.61 -23.10
CA VAL A 203 -10.30 -12.95 -24.40
C VAL A 203 -10.26 -14.47 -24.50
N GLY A 204 -11.07 -15.02 -25.40
CA GLY A 204 -11.12 -16.45 -25.59
C GLY A 204 -12.09 -16.78 -26.72
N SER A 205 -12.05 -18.04 -27.14
CA SER A 205 -12.83 -18.48 -28.29
C SER A 205 -13.63 -19.76 -28.08
N ARG A 206 -13.27 -20.60 -27.12
CA ARG A 206 -13.97 -21.86 -26.95
C ARG A 206 -15.37 -21.61 -26.38
N PRO A 207 -16.42 -22.12 -27.03
CA PRO A 207 -17.79 -21.81 -26.58
C PRO A 207 -18.06 -22.14 -25.12
N VAL A 208 -17.58 -23.28 -24.61
CA VAL A 208 -17.84 -23.63 -23.22
C VAL A 208 -17.12 -22.65 -22.29
N CYS A 209 -15.88 -22.29 -22.62
CA CYS A 209 -15.14 -21.32 -21.83
C CYS A 209 -15.78 -19.94 -21.91
N VAL A 210 -16.28 -19.57 -23.09
CA VAL A 210 -16.95 -18.27 -23.24
C VAL A 210 -18.22 -18.23 -22.39
N ASP A 211 -18.99 -19.32 -22.40
CA ASP A 211 -20.20 -19.37 -21.57
C ASP A 211 -19.84 -19.28 -20.08
N ALA A 212 -18.80 -19.99 -19.66
CA ALA A 212 -18.37 -19.91 -18.27
C ALA A 212 -17.92 -18.49 -17.91
N ALA A 213 -17.20 -17.83 -18.82
CA ALA A 213 -16.74 -16.46 -18.57
C ALA A 213 -17.92 -15.50 -18.45
N LYS A 214 -18.93 -15.66 -19.30
CA LYS A 214 -20.13 -14.85 -19.18
C LYS A 214 -20.83 -15.10 -17.85
N TYR A 215 -20.86 -16.36 -17.41
CA TYR A 215 -21.47 -16.69 -16.13
C TYR A 215 -20.73 -16.03 -14.97
N TYR A 216 -19.39 -16.00 -15.03
CA TYR A 216 -18.61 -15.51 -13.90
C TYR A 216 -18.44 -13.99 -13.88
N GLY A 217 -18.97 -13.27 -14.86
CA GLY A 217 -18.99 -11.82 -14.77
C GLY A 217 -18.39 -11.06 -15.93
N ALA A 218 -17.97 -11.76 -16.98
CA ALA A 218 -17.41 -11.07 -18.14
C ALA A 218 -18.51 -10.38 -18.92
N THR A 219 -18.31 -9.10 -19.21
CA THR A 219 -19.28 -8.32 -19.97
C THR A 219 -18.97 -8.25 -21.45
N ASP A 220 -17.72 -8.47 -21.84
CA ASP A 220 -17.32 -8.44 -23.24
C ASP A 220 -16.42 -9.63 -23.54
N ILE A 221 -16.62 -10.23 -24.71
CA ILE A 221 -15.85 -11.37 -25.15
C ILE A 221 -15.13 -11.00 -26.44
N VAL A 222 -13.82 -11.23 -26.48
CA VAL A 222 -13.00 -10.92 -27.64
C VAL A 222 -12.51 -12.23 -28.24
N ASN A 223 -12.88 -12.47 -29.50
CA ASN A 223 -12.49 -13.67 -30.23
C ASN A 223 -11.36 -13.31 -31.19
N TYR A 224 -10.29 -14.10 -31.17
CA TYR A 224 -9.16 -13.83 -32.04
C TYR A 224 -9.44 -14.14 -33.51
N LYS A 225 -10.58 -14.75 -33.81
CA LYS A 225 -11.00 -14.97 -35.20
C LYS A 225 -11.64 -13.72 -35.80
N ASP A 226 -11.59 -12.58 -35.12
CA ASP A 226 -12.16 -11.33 -35.62
C ASP A 226 -11.10 -10.24 -35.77
N GLY A 227 -9.83 -10.62 -35.86
CA GLY A 227 -8.76 -9.67 -35.95
C GLY A 227 -7.84 -9.72 -34.75
N PRO A 228 -6.82 -8.85 -34.74
CA PRO A 228 -5.87 -8.83 -33.62
C PRO A 228 -6.57 -8.49 -32.31
N ILE A 229 -6.09 -9.12 -31.23
CA ILE A 229 -6.66 -8.89 -29.91
C ILE A 229 -6.51 -7.43 -29.50
N GLU A 230 -5.32 -6.87 -29.74
CA GLU A 230 -5.04 -5.50 -29.32
C GLU A 230 -5.98 -4.51 -30.00
N SER A 231 -6.18 -4.65 -31.32
CA SER A 231 -7.05 -3.73 -32.04
C SER A 231 -8.49 -3.83 -31.56
N GLN A 232 -8.97 -5.06 -31.35
CA GLN A 232 -10.34 -5.24 -30.87
C GLN A 232 -10.53 -4.62 -29.49
N ILE A 233 -9.57 -4.85 -28.58
CA ILE A 233 -9.70 -4.31 -27.24
C ILE A 233 -9.63 -2.79 -27.25
N MET A 234 -8.72 -2.22 -28.05
CA MET A 234 -8.63 -0.77 -28.14
C MET A 234 -9.89 -0.17 -28.75
N ASN A 235 -10.51 -0.86 -29.71
CA ASN A 235 -11.78 -0.38 -30.26
C ASN A 235 -12.89 -0.46 -29.23
N LEU A 236 -12.87 -1.49 -28.37
CA LEU A 236 -13.92 -1.65 -27.37
C LEU A 236 -13.89 -0.51 -26.36
N THR A 237 -12.69 -0.06 -25.97
CA THR A 237 -12.53 1.00 -24.98
C THR A 237 -12.36 2.37 -25.62
N GLU A 238 -12.56 2.48 -26.93
CA GLU A 238 -12.44 3.74 -27.67
C GLU A 238 -11.05 4.35 -27.50
N GLY A 239 -10.02 3.50 -27.54
CA GLY A 239 -8.65 3.95 -27.51
C GLY A 239 -8.10 4.26 -26.13
N LYS A 240 -8.88 4.08 -25.08
CA LYS A 240 -8.41 4.36 -23.72
C LYS A 240 -7.64 3.20 -23.11
N GLY A 241 -7.91 1.98 -23.55
CA GLY A 241 -7.29 0.82 -22.94
C GLY A 241 -7.99 0.42 -21.64
N VAL A 242 -7.36 -0.52 -20.94
CA VAL A 242 -7.92 -1.06 -19.70
C VAL A 242 -7.07 -0.60 -18.53
N ASP A 243 -7.71 -0.55 -17.36
CA ASP A 243 -7.00 -0.16 -16.14
C ASP A 243 -6.02 -1.23 -15.69
N ALA A 244 -6.34 -2.50 -15.92
CA ALA A 244 -5.46 -3.59 -15.51
C ALA A 244 -5.73 -4.79 -16.39
N ALA A 245 -4.72 -5.65 -16.54
CA ALA A 245 -4.82 -6.87 -17.32
C ALA A 245 -4.27 -8.03 -16.51
N ILE A 246 -4.93 -9.18 -16.63
CA ILE A 246 -4.51 -10.40 -15.96
C ILE A 246 -4.17 -11.43 -17.04
N ILE A 247 -2.96 -11.95 -17.01
CA ILE A 247 -2.50 -12.95 -17.95
C ILE A 247 -2.64 -14.32 -17.30
N ALA A 248 -3.48 -15.18 -17.88
CA ALA A 248 -3.71 -16.51 -17.36
C ALA A 248 -3.37 -17.62 -18.34
N GLY A 249 -3.13 -17.30 -19.60
CA GLY A 249 -2.76 -18.31 -20.57
C GLY A 249 -2.27 -17.67 -21.85
N GLY A 250 -1.54 -18.46 -22.63
CA GLY A 250 -1.02 -17.99 -23.90
C GLY A 250 0.49 -18.11 -24.03
N ASN A 251 1.07 -17.33 -24.93
CA ASN A 251 2.50 -17.33 -25.19
C ASN A 251 3.07 -15.94 -24.94
N ALA A 252 4.34 -15.75 -25.29
CA ALA A 252 5.02 -14.48 -25.03
C ALA A 252 4.38 -13.31 -25.75
N ASP A 253 3.64 -13.55 -26.84
CA ASP A 253 2.95 -12.47 -27.53
C ASP A 253 1.84 -11.88 -26.67
N ILE A 254 1.26 -12.66 -25.77
CA ILE A 254 0.19 -12.14 -24.92
C ILE A 254 0.74 -11.12 -23.94
N MET A 255 2.02 -11.24 -23.54
CA MET A 255 2.62 -10.23 -22.69
C MET A 255 2.75 -8.90 -23.44
N ALA A 256 3.17 -8.95 -24.70
CA ALA A 256 3.24 -7.73 -25.50
C ALA A 256 1.85 -7.11 -25.69
N THR A 257 0.84 -7.95 -25.94
CA THR A 257 -0.52 -7.45 -26.06
C THR A 257 -0.99 -6.78 -24.78
N ALA A 258 -0.72 -7.41 -23.62
CA ALA A 258 -1.10 -6.85 -22.34
C ALA A 258 -0.41 -5.51 -22.10
N VAL A 259 0.88 -5.43 -22.43
CA VAL A 259 1.60 -4.16 -22.29
C VAL A 259 0.97 -3.10 -23.18
N LYS A 260 0.55 -3.50 -24.39
CA LYS A 260 -0.03 -2.54 -25.32
C LYS A 260 -1.37 -2.01 -24.83
N ILE A 261 -2.20 -2.88 -24.23
CA ILE A 261 -3.58 -2.49 -23.94
C ILE A 261 -3.77 -1.78 -22.60
N VAL A 262 -2.84 -1.95 -21.66
CA VAL A 262 -2.99 -1.31 -20.35
C VAL A 262 -2.57 0.15 -20.46
N LYS A 263 -3.27 1.02 -19.73
CA LYS A 263 -2.96 2.43 -19.70
C LYS A 263 -1.71 2.70 -18.86
N PRO A 264 -1.05 3.83 -19.08
CA PRO A 264 0.15 4.16 -18.28
C PRO A 264 -0.17 4.20 -16.80
N GLY A 265 0.73 3.64 -16.00
CA GLY A 265 0.52 3.51 -14.58
C GLY A 265 -0.27 2.30 -14.16
N GLY A 266 -0.79 1.51 -15.11
CA GLY A 266 -1.56 0.33 -14.77
C GLY A 266 -0.70 -0.85 -14.41
N THR A 267 -1.36 -1.93 -14.01
CA THR A 267 -0.69 -3.15 -13.55
C THR A 267 -1.06 -4.32 -14.45
N ILE A 268 -0.05 -5.12 -14.79
CA ILE A 268 -0.25 -6.37 -15.50
C ILE A 268 0.13 -7.50 -14.56
N ALA A 269 -0.84 -8.33 -14.20
CA ALA A 269 -0.63 -9.47 -13.33
C ALA A 269 -0.45 -10.73 -14.18
N ASN A 270 0.63 -11.47 -13.90
CA ASN A 270 0.95 -12.68 -14.65
C ASN A 270 0.87 -13.87 -13.69
N VAL A 271 -0.13 -14.73 -13.90
CA VAL A 271 -0.30 -15.95 -13.13
C VAL A 271 -0.32 -17.18 -14.04
N ASN A 272 0.18 -17.03 -15.27
CA ASN A 272 0.20 -18.11 -16.24
C ASN A 272 1.43 -18.98 -15.98
N TYR A 273 1.22 -20.11 -15.32
CA TYR A 273 2.34 -20.99 -15.00
C TYR A 273 2.87 -21.67 -16.26
N PHE A 274 4.19 -21.71 -16.38
CA PHE A 274 4.87 -22.34 -17.51
C PHE A 274 4.39 -21.76 -18.85
N PRO A 283 10.35 -3.58 -23.30
CA PRO A 283 10.28 -2.22 -23.88
C PRO A 283 11.17 -1.23 -23.15
N ARG A 284 11.47 -0.11 -23.82
CA ARG A 284 12.32 0.94 -23.26
C ARG A 284 11.49 2.16 -22.92
N LEU A 285 11.93 2.90 -21.91
CA LEU A 285 11.19 4.06 -21.43
C LEU A 285 11.30 5.21 -22.43
N GLU A 286 10.16 5.77 -22.80
CA GLU A 286 10.10 6.87 -23.77
C GLU A 286 9.14 7.94 -23.27
N TRP A 287 9.40 9.18 -23.72
CA TRP A 287 8.52 10.28 -23.34
C TRP A 287 7.15 10.18 -24.00
N GLY A 288 7.13 9.77 -25.27
CA GLY A 288 5.90 9.71 -26.04
C GLY A 288 5.21 8.37 -26.09
N CYS A 289 5.79 7.33 -25.50
CA CYS A 289 5.18 6.00 -25.47
C CYS A 289 5.07 5.53 -24.03
N GLY A 290 3.87 5.14 -23.64
CA GLY A 290 3.59 4.64 -22.30
C GLY A 290 3.76 3.16 -22.13
N MET A 291 4.33 2.46 -23.12
CA MET A 291 4.42 1.00 -23.06
C MET A 291 5.27 0.54 -21.89
N ALA A 292 6.32 1.29 -21.55
CA ALA A 292 7.20 0.90 -20.46
C ALA A 292 6.81 1.53 -19.12
N HIS A 293 5.81 2.40 -19.09
CA HIS A 293 5.38 3.06 -17.85
C HIS A 293 4.35 2.20 -17.12
N LYS A 294 4.70 0.94 -16.89
CA LYS A 294 3.77 -0.04 -16.36
C LYS A 294 4.41 -0.81 -15.22
N THR A 295 3.57 -1.50 -14.46
CA THR A 295 3.99 -2.40 -13.41
C THR A 295 3.58 -3.82 -13.79
N ILE A 296 4.55 -4.74 -13.77
CA ILE A 296 4.30 -6.15 -14.09
C ILE A 296 4.55 -6.94 -12.81
N LYS A 297 3.50 -7.58 -12.30
CA LYS A 297 3.58 -8.40 -11.11
C LYS A 297 3.32 -9.86 -11.48
N GLY A 298 4.17 -10.75 -11.01
CA GLY A 298 4.01 -12.16 -11.27
C GLY A 298 4.32 -13.00 -10.06
N GLY A 299 3.60 -14.11 -9.93
CA GLY A 299 3.89 -15.05 -8.87
C GLY A 299 2.79 -16.07 -8.63
N LEU A 300 3.18 -17.32 -8.44
CA LEU A 300 2.29 -18.39 -8.01
C LEU A 300 2.44 -18.49 -6.49
N CYS A 301 2.19 -17.39 -5.81
CA CYS A 301 2.54 -17.24 -4.41
C CYS A 301 1.60 -17.97 -3.44
N PRO A 302 0.32 -17.63 -3.39
CA PRO A 302 -0.44 -17.82 -2.14
C PRO A 302 -0.75 -19.29 -1.86
N GLY A 303 -0.35 -19.74 -0.67
CA GLY A 303 -0.75 -21.03 -0.17
C GLY A 303 -0.80 -21.01 1.34
N GLY A 304 -1.51 -21.99 1.89
CA GLY A 304 -1.56 -22.19 3.33
C GLY A 304 -2.97 -22.17 3.88
N ARG A 305 -3.04 -22.40 5.19
CA ARG A 305 -4.31 -22.61 5.88
C ARG A 305 -5.19 -21.36 5.86
N LEU A 306 -4.61 -20.19 6.09
CA LEU A 306 -5.41 -18.97 6.11
C LEU A 306 -6.00 -18.69 4.75
N ARG A 307 -5.21 -18.86 3.69
CA ARG A 307 -5.70 -18.67 2.34
C ARG A 307 -6.85 -19.64 2.03
N MET A 308 -6.66 -20.92 2.37
CA MET A 308 -7.73 -21.88 2.15
C MET A 308 -8.98 -21.54 2.94
N GLU A 309 -8.82 -21.09 4.19
CA GLU A 309 -9.97 -20.76 5.02
C GLU A 309 -10.74 -19.58 4.45
N ARG A 310 -10.03 -18.56 3.96
CA ARG A 310 -10.72 -17.41 3.39
C ARG A 310 -11.44 -17.78 2.09
N LEU A 311 -10.83 -18.63 1.26
CA LEU A 311 -11.52 -19.08 0.06
C LEU A 311 -12.75 -19.93 0.41
N ILE A 312 -12.63 -20.75 1.45
CA ILE A 312 -13.76 -21.56 1.92
C ILE A 312 -14.89 -20.65 2.41
N ASP A 313 -14.53 -19.56 3.09
CA ASP A 313 -15.54 -18.60 3.52
C ASP A 313 -16.22 -17.94 2.32
N LEU A 314 -15.45 -17.62 1.29
CA LEU A 314 -16.05 -17.06 0.07
C LEU A 314 -17.05 -18.02 -0.55
N VAL A 315 -16.69 -19.30 -0.61
CA VAL A 315 -17.61 -20.28 -1.20
C VAL A 315 -18.84 -20.49 -0.31
N PHE A 316 -18.62 -20.55 1.01
CA PHE A 316 -19.69 -20.89 1.94
C PHE A 316 -20.79 -19.83 1.95
N TYR A 317 -20.41 -18.55 1.88
CA TYR A 317 -21.37 -17.46 1.90
C TYR A 317 -21.85 -17.08 0.51
N LYS A 318 -21.73 -17.99 -0.46
CA LYS A 318 -22.29 -17.83 -1.81
C LYS A 318 -21.77 -16.59 -2.53
N ARG A 319 -20.53 -16.20 -2.23
CA ARG A 319 -19.91 -15.12 -2.99
C ARG A 319 -19.40 -15.59 -4.35
N VAL A 320 -19.14 -16.89 -4.51
CA VAL A 320 -18.65 -17.44 -5.76
C VAL A 320 -19.01 -18.93 -5.78
N ASP A 321 -19.36 -19.42 -6.97
CA ASP A 321 -19.69 -20.83 -7.16
C ASP A 321 -18.74 -21.46 -8.18
N PRO A 322 -17.70 -22.16 -7.75
CA PRO A 322 -16.75 -22.76 -8.69
C PRO A 322 -17.23 -24.05 -9.34
N SER A 323 -18.48 -24.45 -9.13
CA SER A 323 -18.98 -25.69 -9.72
C SER A 323 -19.09 -25.61 -11.24
N LYS A 324 -19.20 -24.40 -11.80
CA LYS A 324 -19.28 -24.25 -13.24
C LYS A 324 -18.01 -24.69 -13.95
N LEU A 325 -16.88 -24.73 -13.24
CA LEU A 325 -15.63 -25.19 -13.85
C LEU A 325 -15.66 -26.68 -14.16
N VAL A 326 -16.39 -27.45 -13.37
CA VAL A 326 -16.40 -28.91 -13.47
C VAL A 326 -17.35 -29.31 -14.59
N THR A 327 -16.79 -29.80 -15.70
CA THR A 327 -17.59 -30.27 -16.82
C THR A 327 -17.67 -31.78 -16.90
N HIS A 328 -16.70 -32.49 -16.36
CA HIS A 328 -16.68 -33.95 -16.38
C HIS A 328 -16.47 -34.46 -14.96
N VAL A 329 -17.32 -35.39 -14.53
CA VAL A 329 -17.24 -35.98 -13.20
C VAL A 329 -17.08 -37.49 -13.36
N PHE A 330 -16.07 -38.05 -12.68
CA PHE A 330 -15.80 -39.47 -12.71
C PHE A 330 -15.87 -40.03 -11.29
N ARG A 331 -16.24 -41.31 -11.20
CA ARG A 331 -16.35 -42.00 -9.91
C ARG A 331 -15.38 -43.18 -9.90
N GLY A 332 -14.63 -43.30 -8.81
CA GLY A 332 -13.77 -44.45 -8.65
C GLY A 332 -12.31 -44.08 -8.82
N PHE A 333 -11.44 -44.85 -8.16
CA PHE A 333 -10.01 -44.61 -8.21
C PHE A 333 -9.46 -44.87 -9.61
N ASP A 334 -10.01 -45.87 -10.31
CA ASP A 334 -9.48 -46.27 -11.60
C ASP A 334 -9.71 -45.24 -12.71
N ASN A 335 -10.52 -44.23 -12.47
CA ASN A 335 -10.81 -43.21 -13.48
C ASN A 335 -9.82 -42.06 -13.46
N ILE A 336 -8.82 -42.09 -12.58
CA ILE A 336 -7.80 -41.05 -12.56
C ILE A 336 -7.03 -41.04 -13.87
N GLU A 337 -6.68 -42.22 -14.37
CA GLU A 337 -5.97 -42.30 -15.65
C GLU A 337 -6.82 -41.75 -16.79
N LYS A 338 -8.12 -42.07 -16.78
CA LYS A 338 -9.01 -41.55 -17.81
C LYS A 338 -9.11 -40.04 -17.75
N ALA A 339 -9.20 -39.48 -16.54
CA ALA A 339 -9.25 -38.02 -16.40
C ALA A 339 -7.95 -37.38 -16.87
N PHE A 340 -6.81 -38.02 -16.56
CA PHE A 340 -5.53 -37.50 -17.02
C PHE A 340 -5.43 -37.53 -18.54
N MET A 341 -5.89 -38.61 -19.16
CA MET A 341 -5.92 -38.70 -20.61
C MET A 341 -6.83 -37.64 -21.22
N LEU A 342 -7.99 -37.39 -20.58
CA LEU A 342 -8.87 -36.33 -21.04
C LEU A 342 -8.18 -34.98 -20.97
N MET A 343 -7.42 -34.74 -19.90
CA MET A 343 -6.60 -33.54 -19.82
C MET A 343 -5.58 -33.48 -20.94
N LYS A 344 -5.03 -34.63 -21.35
CA LYS A 344 -4.06 -34.65 -22.43
C LYS A 344 -4.71 -34.33 -23.76
N ASP A 345 -5.85 -34.97 -24.06
CA ASP A 345 -6.50 -34.79 -25.35
C ASP A 345 -7.24 -33.47 -25.47
N LYS A 346 -7.56 -32.83 -24.33
CA LYS A 346 -8.30 -31.57 -24.21
C LYS A 346 -9.43 -31.47 -25.22
N PRO A 347 -10.51 -32.25 -25.05
CA PRO A 347 -11.62 -32.20 -26.01
C PRO A 347 -12.35 -30.87 -26.01
N LYS A 348 -13.36 -30.76 -26.87
CA LYS A 348 -14.05 -29.50 -27.09
C LYS A 348 -14.79 -29.03 -25.83
N ASP A 349 -15.47 -29.93 -25.15
CA ASP A 349 -16.39 -29.57 -24.07
C ASP A 349 -15.75 -29.64 -22.70
N LEU A 350 -14.43 -29.78 -22.61
CA LEU A 350 -13.75 -29.98 -21.34
C LEU A 350 -13.20 -28.67 -20.80
N ILE A 351 -13.48 -28.40 -19.52
CA ILE A 351 -12.81 -27.34 -18.76
C ILE A 351 -11.96 -27.94 -17.65
N LYS A 352 -12.58 -28.70 -16.75
CA LYS A 352 -11.87 -29.32 -15.63
C LYS A 352 -12.56 -30.61 -15.20
N PRO A 353 -11.89 -31.75 -15.30
CA PRO A 353 -12.47 -33.00 -14.81
C PRO A 353 -12.16 -33.24 -13.34
N VAL A 354 -13.10 -33.88 -12.66
CA VAL A 354 -13.00 -34.17 -11.24
C VAL A 354 -13.33 -35.64 -11.02
N VAL A 355 -12.50 -36.31 -10.21
CA VAL A 355 -12.70 -37.71 -9.86
C VAL A 355 -13.11 -37.78 -8.41
N ILE A 356 -14.29 -38.36 -8.15
CA ILE A 356 -14.82 -38.49 -6.81
C ILE A 356 -14.51 -39.90 -6.32
N LEU A 357 -13.86 -39.98 -5.16
CA LEU A 357 -13.49 -41.27 -4.59
C LEU A 357 -14.55 -41.77 -3.62
N HIS B 6 11.80 38.49 -29.66
CA HIS B 6 12.85 37.75 -30.35
C HIS B 6 14.06 37.53 -29.44
N HIS B 7 14.36 36.27 -29.16
CA HIS B 7 15.43 35.90 -28.24
C HIS B 7 16.30 34.83 -28.88
N LYS B 8 17.46 34.59 -28.26
CA LYS B 8 18.40 33.57 -28.69
C LYS B 8 18.07 32.23 -28.03
N GLY B 9 18.51 31.16 -28.69
CA GLY B 9 18.33 29.82 -28.16
C GLY B 9 19.19 28.79 -28.85
N PHE B 10 19.67 27.81 -28.09
CA PHE B 10 20.47 26.71 -28.63
C PHE B 10 19.52 25.60 -29.05
N ALA B 11 19.45 25.33 -30.35
CA ALA B 11 18.42 24.46 -30.90
C ALA B 11 19.02 23.37 -31.77
N MET B 12 18.27 22.28 -31.91
CA MET B 12 18.60 21.21 -32.84
C MET B 12 18.04 21.57 -34.21
N LEU B 13 18.90 21.52 -35.24
CA LEU B 13 18.49 22.08 -36.54
C LEU B 13 17.64 21.08 -37.34
N SER B 14 18.25 19.99 -37.80
CA SER B 14 17.47 18.91 -38.41
C SER B 14 17.71 17.58 -37.69
N ILE B 15 18.95 17.10 -37.67
CA ILE B 15 19.36 15.93 -36.90
C ILE B 15 20.89 15.91 -36.92
N GLY B 16 21.50 15.61 -35.78
CA GLY B 16 22.95 15.65 -35.69
C GLY B 16 23.53 17.03 -35.96
N LYS B 17 22.68 18.05 -35.93
CA LYS B 17 23.08 19.42 -36.22
C LYS B 17 22.50 20.35 -35.17
N VAL B 18 23.35 21.18 -34.59
CA VAL B 18 22.94 22.13 -33.55
C VAL B 18 23.52 23.50 -33.88
N GLY B 19 22.88 24.53 -33.37
CA GLY B 19 23.35 25.89 -33.60
C GLY B 19 22.48 26.89 -32.88
N TRP B 20 22.92 28.14 -32.93
CA TRP B 20 22.20 29.25 -32.32
C TRP B 20 21.27 29.88 -33.34
N ILE B 21 19.99 30.02 -32.97
CA ILE B 21 18.96 30.54 -33.88
C ILE B 21 18.14 31.59 -33.15
N GLU B 22 17.43 32.38 -33.94
CA GLU B 22 16.52 33.41 -33.43
C GLU B 22 15.09 32.90 -33.50
N LYS B 23 14.35 33.07 -32.40
CA LYS B 23 12.96 32.67 -32.33
C LYS B 23 12.15 33.77 -31.67
N GLU B 24 10.86 33.78 -31.98
CA GLU B 24 9.95 34.76 -31.37
C GLU B 24 9.85 34.52 -29.86
N LYS B 25 9.85 35.60 -29.11
CA LYS B 25 9.79 35.50 -27.65
C LYS B 25 8.45 34.94 -27.22
N PRO B 26 8.41 33.88 -26.42
CA PRO B 26 7.13 33.29 -26.02
C PRO B 26 6.32 34.25 -25.17
N ALA B 27 5.00 34.16 -25.31
CA ALA B 27 4.05 34.95 -24.54
C ALA B 27 3.22 34.04 -23.63
N PRO B 28 2.92 34.49 -22.42
CA PRO B 28 2.21 33.62 -21.47
C PRO B 28 0.69 33.76 -21.55
N GLY B 29 0.02 32.63 -21.40
CA GLY B 29 -1.42 32.64 -21.26
C GLY B 29 -1.83 33.07 -19.87
N PRO B 30 -3.14 33.08 -19.62
CA PRO B 30 -3.63 33.50 -18.30
C PRO B 30 -3.11 32.66 -17.15
N PHE B 31 -2.78 31.39 -17.38
CA PHE B 31 -2.28 30.51 -16.33
C PHE B 31 -0.80 30.19 -16.48
N ASP B 32 -0.09 30.88 -17.38
CA ASP B 32 1.29 30.57 -17.69
C ASP B 32 2.22 31.64 -17.13
N ALA B 33 3.52 31.37 -17.22
CA ALA B 33 4.55 32.30 -16.81
C ALA B 33 5.76 32.18 -17.74
N ILE B 34 6.50 33.28 -17.86
CA ILE B 34 7.73 33.33 -18.64
C ILE B 34 8.90 33.40 -17.67
N VAL B 35 9.88 32.51 -17.86
CA VAL B 35 11.00 32.37 -16.95
C VAL B 35 12.30 32.53 -17.73
N ARG B 36 13.23 33.32 -17.17
CA ARG B 36 14.57 33.37 -17.72
C ARG B 36 15.51 32.53 -16.86
N PRO B 37 16.41 31.77 -17.47
CA PRO B 37 17.21 30.82 -16.68
C PRO B 37 18.37 31.49 -15.96
N LEU B 38 18.66 30.98 -14.76
CA LEU B 38 19.86 31.36 -14.02
C LEU B 38 20.93 30.29 -14.04
N ALA B 39 20.55 29.03 -14.15
CA ALA B 39 21.49 27.92 -14.30
C ALA B 39 20.80 26.81 -15.08
N VAL B 40 21.53 26.22 -16.03
CA VAL B 40 21.00 25.14 -16.86
C VAL B 40 22.01 24.01 -16.89
N ALA B 41 21.53 22.82 -17.26
CA ALA B 41 22.36 21.64 -17.33
C ALA B 41 21.94 20.78 -18.53
N PRO B 42 22.86 20.46 -19.44
CA PRO B 42 22.53 19.52 -20.51
C PRO B 42 22.34 18.11 -19.97
N CYS B 43 21.58 17.32 -20.72
CA CYS B 43 21.25 15.95 -20.34
C CYS B 43 21.56 15.00 -21.48
N THR B 44 21.72 13.73 -21.13
CA THR B 44 21.93 12.70 -22.15
C THR B 44 20.70 12.54 -23.04
N SER B 45 19.52 12.91 -22.53
CA SER B 45 18.31 12.85 -23.34
C SER B 45 18.39 13.79 -24.54
N ASP B 46 18.95 14.98 -24.34
CA ASP B 46 19.12 15.91 -25.45
C ASP B 46 20.03 15.32 -26.52
N ILE B 47 21.10 14.64 -26.11
CA ILE B 47 22.04 14.06 -27.05
C ILE B 47 21.39 12.90 -27.80
N HIS B 48 20.61 12.08 -27.09
CA HIS B 48 19.88 11.01 -27.77
C HIS B 48 18.87 11.57 -28.76
N THR B 49 18.23 12.69 -28.42
CA THR B 49 17.29 13.33 -29.34
C THR B 49 18.02 13.84 -30.58
N VAL B 50 19.14 14.54 -30.40
CA VAL B 50 19.81 15.18 -31.53
C VAL B 50 20.46 14.15 -32.44
N PHE B 51 21.17 13.18 -31.86
CA PHE B 51 22.04 12.31 -32.64
C PHE B 51 21.51 10.90 -32.83
N GLU B 52 20.60 10.42 -31.99
CA GLU B 52 20.06 9.07 -32.11
C GLU B 52 18.64 9.04 -32.63
N GLY B 53 18.02 10.19 -32.87
CA GLY B 53 16.64 10.23 -33.34
C GLY B 53 15.68 9.59 -32.35
N ALA B 54 15.82 9.95 -31.07
CA ALA B 54 15.01 9.31 -30.03
C ALA B 54 13.54 9.68 -30.14
N ILE B 55 13.23 10.91 -30.54
CA ILE B 55 11.86 11.40 -30.61
C ILE B 55 11.45 11.76 -32.03
N GLY B 56 12.22 11.38 -33.03
CA GLY B 56 11.89 11.68 -34.40
C GLY B 56 12.66 12.86 -34.95
N GLU B 57 12.05 13.57 -35.91
CA GLU B 57 12.69 14.71 -36.55
C GLU B 57 12.14 16.01 -35.98
N ARG B 58 13.05 16.94 -35.67
CA ARG B 58 12.70 18.24 -35.15
C ARG B 58 13.42 19.31 -35.95
N HIS B 59 12.79 20.49 -36.03
CA HIS B 59 13.36 21.61 -36.77
C HIS B 59 13.32 22.86 -35.90
N ASN B 60 14.49 23.43 -35.65
CA ASN B 60 14.63 24.68 -34.89
C ASN B 60 13.94 24.58 -33.52
N MET B 61 14.17 23.46 -32.84
CA MET B 61 13.59 23.22 -31.53
C MET B 61 14.66 23.47 -30.46
N ILE B 62 14.39 24.42 -29.57
CA ILE B 62 15.33 24.73 -28.50
C ILE B 62 15.42 23.55 -27.54
N LEU B 63 16.64 23.18 -27.16
CA LEU B 63 16.89 22.02 -26.34
C LEU B 63 16.92 22.40 -24.86
N GLY B 64 17.10 21.40 -24.01
CA GLY B 64 17.24 21.62 -22.58
C GLY B 64 15.96 21.47 -21.78
N HIS B 65 16.02 20.75 -20.66
CA HIS B 65 14.85 20.61 -19.80
C HIS B 65 15.22 20.64 -18.31
N GLU B 66 16.39 21.15 -17.95
CA GLU B 66 16.83 21.21 -16.56
C GLU B 66 17.33 22.63 -16.28
N ALA B 67 16.48 23.46 -15.66
CA ALA B 67 16.81 24.86 -15.44
C ALA B 67 16.31 25.32 -14.08
N VAL B 68 17.08 26.24 -13.50
CA VAL B 68 16.66 27.04 -12.37
C VAL B 68 16.64 28.50 -12.85
N GLY B 69 15.51 29.18 -12.65
CA GLY B 69 15.33 30.48 -13.26
C GLY B 69 14.59 31.44 -12.35
N GLU B 70 14.40 32.65 -12.88
CA GLU B 70 13.68 33.73 -12.21
C GLU B 70 12.45 34.08 -13.04
N VAL B 71 11.31 34.23 -12.36
CA VAL B 71 10.07 34.56 -13.06
C VAL B 71 10.19 35.94 -13.69
N VAL B 72 9.87 36.03 -14.98
CA VAL B 72 9.94 37.29 -15.71
C VAL B 72 8.57 37.95 -15.81
N GLU B 73 7.54 37.19 -16.14
CA GLU B 73 6.18 37.70 -16.20
C GLU B 73 5.22 36.52 -16.11
N VAL B 74 4.00 36.82 -15.65
CA VAL B 74 2.99 35.80 -15.39
C VAL B 74 1.69 36.20 -16.05
N GLY B 75 0.78 35.23 -16.15
CA GLY B 75 -0.54 35.48 -16.65
C GLY B 75 -1.43 36.15 -15.62
N SER B 76 -2.62 36.56 -16.08
CA SER B 76 -3.55 37.26 -15.21
C SER B 76 -4.10 36.38 -14.10
N GLU B 77 -4.17 35.07 -14.31
CA GLU B 77 -4.72 34.15 -13.32
C GLU B 77 -3.65 33.53 -12.43
N VAL B 78 -2.40 33.94 -12.56
CA VAL B 78 -1.32 33.42 -11.73
C VAL B 78 -1.28 34.19 -10.43
N LYS B 79 -1.28 33.47 -9.31
CA LYS B 79 -1.40 34.08 -7.99
C LYS B 79 -0.23 33.81 -7.06
N ASP B 80 0.39 32.63 -7.14
CA ASP B 80 1.43 32.26 -6.19
C ASP B 80 2.83 32.70 -6.60
N PHE B 81 3.00 33.23 -7.80
CA PHE B 81 4.32 33.65 -8.28
C PHE B 81 4.20 34.99 -9.00
N LYS B 82 5.21 35.81 -8.85
CA LYS B 82 5.26 37.13 -9.48
C LYS B 82 6.65 37.34 -10.06
N PRO B 83 6.79 38.28 -11.00
CA PRO B 83 8.12 38.54 -11.58
C PRO B 83 9.15 38.88 -10.51
N GLY B 84 10.35 38.34 -10.68
CA GLY B 84 11.43 38.48 -9.72
C GLY B 84 11.61 37.29 -8.81
N ASP B 85 10.64 36.39 -8.74
CA ASP B 85 10.72 35.24 -7.86
C ASP B 85 11.70 34.21 -8.44
N ARG B 86 12.60 33.71 -7.59
CA ARG B 86 13.52 32.66 -7.96
C ARG B 86 12.85 31.30 -7.78
N VAL B 87 12.79 30.52 -8.85
CA VAL B 87 12.00 29.29 -8.87
C VAL B 87 12.82 28.14 -9.43
N VAL B 88 12.37 26.93 -9.12
CA VAL B 88 12.87 25.70 -9.72
C VAL B 88 11.82 25.18 -10.67
N VAL B 89 12.22 24.90 -11.91
CA VAL B 89 11.31 24.46 -12.97
C VAL B 89 11.47 22.95 -13.13
N PRO B 90 10.45 22.15 -12.85
CA PRO B 90 10.57 20.70 -13.06
C PRO B 90 10.66 20.36 -14.54
N ALA B 91 11.35 19.27 -14.83
CA ALA B 91 11.47 18.80 -16.21
C ALA B 91 10.12 18.34 -16.76
N ASN B 92 9.30 17.72 -15.92
CA ASN B 92 7.97 17.27 -16.30
C ASN B 92 6.95 18.29 -15.79
N THR B 93 6.18 18.87 -16.71
CA THR B 93 5.18 19.89 -16.40
C THR B 93 3.83 19.42 -16.92
N PRO B 94 3.10 18.64 -16.13
CA PRO B 94 1.82 18.08 -16.60
C PRO B 94 0.76 19.16 -16.79
N ASP B 95 -0.20 18.84 -17.66
CA ASP B 95 -1.39 19.67 -17.81
C ASP B 95 -2.35 19.35 -16.68
N TRP B 96 -2.63 20.34 -15.84
CA TRP B 96 -3.39 20.10 -14.62
C TRP B 96 -4.89 20.40 -14.77
N ARG B 97 -5.30 21.08 -15.83
CA ARG B 97 -6.73 21.30 -16.07
C ARG B 97 -7.34 20.23 -16.97
N THR B 98 -7.08 18.97 -16.62
CA THR B 98 -7.66 17.83 -17.31
C THR B 98 -7.99 16.76 -16.28
N SER B 99 -9.04 15.99 -16.55
CA SER B 99 -9.45 14.95 -15.62
C SER B 99 -8.44 13.81 -15.54
N GLU B 100 -7.46 13.77 -16.43
CA GLU B 100 -6.49 12.68 -16.44
C GLU B 100 -5.63 12.68 -15.16
N VAL B 101 -5.32 13.86 -14.63
CA VAL B 101 -4.48 13.94 -13.43
C VAL B 101 -5.19 13.34 -12.23
N GLN B 102 -6.52 13.21 -12.27
CA GLN B 102 -7.25 12.62 -11.16
C GLN B 102 -7.02 11.11 -11.03
N ARG B 103 -6.58 10.46 -12.10
CA ARG B 103 -6.42 9.00 -12.05
C ARG B 103 -5.39 8.59 -11.02
N GLY B 104 -4.13 8.99 -11.22
CA GLY B 104 -3.13 8.84 -10.19
C GLY B 104 -2.60 7.44 -9.97
N TYR B 105 -1.31 7.34 -9.68
CA TYR B 105 -0.66 6.08 -9.32
C TYR B 105 0.64 6.41 -8.61
N HIS B 106 1.21 5.39 -7.95
CA HIS B 106 2.44 5.54 -7.18
C HIS B 106 2.31 6.63 -6.12
N GLN B 107 1.09 6.80 -5.60
CA GLN B 107 0.78 7.78 -4.55
C GLN B 107 1.07 9.21 -5.01
N HIS B 108 0.97 9.47 -6.31
CA HIS B 108 1.04 10.83 -6.84
C HIS B 108 -0.05 11.01 -7.89
N SER B 109 -0.09 12.21 -8.48
CA SER B 109 -1.11 12.53 -9.47
C SER B 109 -0.84 11.79 -10.78
N GLY B 110 -1.88 11.73 -11.62
CA GLY B 110 -1.83 11.02 -12.87
C GLY B 110 -1.52 11.93 -14.05
N GLY B 111 -1.72 11.39 -15.24
CA GLY B 111 -1.49 12.15 -16.46
C GLY B 111 -0.06 12.58 -16.67
N MET B 112 0.89 11.80 -16.18
CA MET B 112 2.30 12.19 -16.25
C MET B 112 2.96 11.58 -17.48
N LEU B 113 2.33 11.79 -18.62
CA LEU B 113 2.84 11.46 -19.95
C LEU B 113 2.83 12.67 -20.87
N ALA B 114 1.82 13.53 -20.76
CA ALA B 114 1.78 14.80 -21.47
C ALA B 114 2.62 15.87 -20.78
N GLY B 115 3.18 15.58 -19.61
CA GLY B 115 4.02 16.54 -18.92
C GLY B 115 5.42 16.69 -19.48
N TRP B 116 5.87 15.73 -20.29
CA TRP B 116 7.18 15.80 -20.92
C TRP B 116 7.07 16.70 -22.15
N LYS B 117 7.20 18.00 -21.92
CA LYS B 117 7.01 19.00 -22.97
C LYS B 117 8.31 19.65 -23.41
N PHE B 118 9.20 19.98 -22.47
CA PHE B 118 10.42 20.71 -22.78
C PHE B 118 11.29 19.91 -23.74
N SER B 119 11.71 20.56 -24.83
CA SER B 119 12.57 19.98 -25.86
C SER B 119 11.99 18.71 -26.47
N ASN B 120 10.68 18.49 -26.32
CA ASN B 120 10.00 17.38 -26.99
C ASN B 120 8.90 17.87 -27.91
N VAL B 121 7.95 18.66 -27.41
CA VAL B 121 6.87 19.22 -28.21
C VAL B 121 6.82 20.72 -27.96
N LYS B 122 7.84 21.23 -27.27
CA LYS B 122 7.87 22.62 -26.85
C LYS B 122 9.33 23.05 -26.74
N ASP B 123 9.57 24.34 -26.92
CA ASP B 123 10.93 24.87 -26.84
C ASP B 123 11.51 24.63 -25.45
N GLY B 124 12.80 24.30 -25.40
CA GLY B 124 13.46 23.96 -24.17
C GLY B 124 13.91 25.18 -23.38
N VAL B 125 14.79 24.94 -22.41
CA VAL B 125 15.25 26.00 -21.52
C VAL B 125 16.56 26.64 -21.95
N PHE B 126 17.19 26.15 -23.02
CA PHE B 126 18.46 26.70 -23.46
C PHE B 126 18.26 27.97 -24.27
N GLY B 127 17.51 28.92 -23.73
CA GLY B 127 17.26 30.18 -24.39
C GLY B 127 17.21 31.31 -23.38
N GLU B 128 17.06 32.53 -23.89
CA GLU B 128 16.94 33.69 -23.01
C GLU B 128 15.65 33.64 -22.19
N PHE B 129 14.60 33.02 -22.74
CA PHE B 129 13.35 32.84 -22.02
C PHE B 129 12.72 31.52 -22.45
N PHE B 130 11.84 31.00 -21.60
CA PHE B 130 11.05 29.84 -21.97
C PHE B 130 9.69 29.93 -21.27
N HIS B 131 8.78 29.06 -21.71
CA HIS B 131 7.37 29.11 -21.31
C HIS B 131 7.07 27.95 -20.37
N VAL B 132 6.40 28.25 -19.26
CA VAL B 132 5.99 27.24 -18.30
C VAL B 132 4.47 27.29 -18.20
N ASN B 133 3.82 26.15 -18.47
CA ASN B 133 2.37 26.06 -18.39
C ASN B 133 1.93 25.74 -16.97
N ASP B 134 0.79 26.30 -16.57
CA ASP B 134 0.22 26.09 -15.24
C ASP B 134 1.23 26.40 -14.14
N ALA B 135 1.62 27.67 -14.09
CA ALA B 135 2.74 28.08 -13.25
C ALA B 135 2.47 27.80 -11.77
N ASP B 136 1.25 28.10 -11.30
CA ASP B 136 0.93 27.87 -9.90
C ASP B 136 0.95 26.40 -9.53
N MET B 137 0.81 25.51 -10.50
CA MET B 137 0.81 24.07 -10.26
C MET B 137 2.15 23.41 -10.53
N ASN B 138 3.10 24.12 -11.17
CA ASN B 138 4.35 23.53 -11.60
C ASN B 138 5.58 24.14 -10.94
N LEU B 139 5.64 25.47 -10.83
CA LEU B 139 6.81 26.14 -10.28
C LEU B 139 6.88 25.97 -8.77
N ALA B 140 8.10 26.07 -8.23
CA ALA B 140 8.33 25.99 -6.81
C ALA B 140 9.36 27.02 -6.39
N HIS B 141 9.13 27.68 -5.27
CA HIS B 141 10.04 28.70 -4.78
C HIS B 141 11.39 28.10 -4.37
N LEU B 142 12.47 28.79 -4.73
CA LEU B 142 13.81 28.35 -4.37
C LEU B 142 14.37 29.26 -3.29
N PRO B 143 14.67 28.74 -2.09
CA PRO B 143 15.23 29.58 -1.05
C PRO B 143 16.62 30.09 -1.41
N LYS B 144 16.97 31.26 -0.88
CA LYS B 144 18.23 31.90 -1.21
C LYS B 144 19.44 31.12 -0.71
N GLU B 145 19.26 30.23 0.26
CA GLU B 145 20.37 29.52 0.87
C GLU B 145 20.83 28.31 0.07
N ILE B 146 20.14 27.96 -1.01
CA ILE B 146 20.49 26.81 -1.84
C ILE B 146 21.29 27.30 -3.04
N PRO B 147 22.52 26.83 -3.24
CA PRO B 147 23.31 27.27 -4.39
C PRO B 147 22.69 26.80 -5.71
N LEU B 148 22.98 27.55 -6.77
CA LEU B 148 22.37 27.28 -8.07
C LEU B 148 22.78 25.91 -8.61
N GLU B 149 24.05 25.54 -8.44
CA GLU B 149 24.54 24.27 -8.96
C GLU B 149 23.83 23.09 -8.28
N ALA B 150 23.62 23.18 -6.97
CA ALA B 150 22.89 22.13 -6.27
C ALA B 150 21.42 22.14 -6.68
N ALA B 151 20.84 23.32 -6.90
CA ALA B 151 19.41 23.41 -7.20
C ALA B 151 19.09 22.85 -8.58
N VAL B 152 19.99 23.04 -9.55
CA VAL B 152 19.72 22.60 -10.92
C VAL B 152 19.81 21.08 -11.08
N MET B 153 20.31 20.35 -10.08
CA MET B 153 20.18 18.90 -10.04
C MET B 153 18.78 18.42 -9.70
N ILE B 154 17.96 19.24 -9.05
CA ILE B 154 16.62 18.85 -8.61
C ILE B 154 15.68 18.51 -9.76
N PRO B 155 15.58 19.33 -10.83
CA PRO B 155 14.47 19.13 -11.79
C PRO B 155 14.37 17.76 -12.42
N ASP B 156 15.49 17.13 -12.81
CA ASP B 156 15.41 15.82 -13.46
C ASP B 156 16.18 14.73 -12.72
N MET B 157 17.48 14.93 -12.44
CA MET B 157 18.30 13.86 -11.89
C MET B 157 17.78 13.40 -10.53
N MET B 158 17.59 14.35 -9.62
CA MET B 158 17.20 13.99 -8.26
C MET B 158 15.82 13.37 -8.23
N THR B 159 14.87 13.94 -8.97
CA THR B 159 13.51 13.41 -8.95
C THR B 159 13.46 12.01 -9.58
N THR B 160 14.20 11.78 -10.67
CA THR B 160 14.18 10.46 -11.29
C THR B 160 14.82 9.41 -10.39
N GLY B 161 16.00 9.72 -9.81
CA GLY B 161 16.64 8.78 -8.92
C GLY B 161 15.83 8.49 -7.67
N PHE B 162 15.22 9.54 -7.10
CA PHE B 162 14.44 9.36 -5.87
C PHE B 162 13.17 8.59 -6.15
N HIS B 163 12.55 8.78 -7.32
CA HIS B 163 11.40 7.95 -7.65
C HIS B 163 11.79 6.51 -7.91
N GLY B 164 12.97 6.30 -8.50
CA GLY B 164 13.47 4.95 -8.63
C GLY B 164 13.63 4.27 -7.28
N ALA B 165 14.16 5.00 -6.29
CA ALA B 165 14.27 4.45 -4.94
C ALA B 165 12.90 4.22 -4.31
N GLU B 166 11.96 5.14 -4.54
CA GLU B 166 10.62 4.99 -3.96
C GLU B 166 9.88 3.79 -4.52
N LEU B 167 9.98 3.57 -5.83
CA LEU B 167 9.27 2.47 -6.47
C LEU B 167 9.88 1.12 -6.15
N ALA B 168 11.11 1.10 -5.62
CA ALA B 168 11.77 -0.17 -5.31
C ALA B 168 11.21 -0.85 -4.06
N ASP B 169 10.31 -0.19 -3.33
CA ASP B 169 9.70 -0.76 -2.13
C ASP B 169 10.75 -1.16 -1.10
N ILE B 170 11.62 -0.20 -0.77
CA ILE B 170 12.74 -0.46 0.12
C ILE B 170 12.25 -0.46 1.57
N GLU B 171 12.52 -1.53 2.29
CA GLU B 171 12.26 -1.62 3.71
C GLU B 171 13.53 -1.30 4.51
N LEU B 172 13.35 -0.97 5.78
CA LEU B 172 14.47 -0.60 6.62
C LEU B 172 15.48 -1.74 6.72
N GLY B 173 16.74 -1.42 6.47
CA GLY B 173 17.81 -2.39 6.57
C GLY B 173 17.95 -3.32 5.38
N ALA B 174 17.12 -3.17 4.35
CA ALA B 174 17.18 -4.06 3.20
C ALA B 174 18.41 -3.78 2.35
N THR B 175 18.87 -4.80 1.63
CA THR B 175 20.00 -4.67 0.73
C THR B 175 19.49 -4.26 -0.65
N VAL B 176 20.07 -3.20 -1.20
CA VAL B 176 19.64 -2.61 -2.46
C VAL B 176 20.81 -2.58 -3.43
N ALA B 177 20.54 -2.96 -4.68
CA ALA B 177 21.53 -2.90 -5.74
C ALA B 177 21.14 -1.82 -6.74
N VAL B 178 22.10 -0.97 -7.12
CA VAL B 178 21.88 0.08 -8.10
C VAL B 178 22.78 -0.22 -9.29
N LEU B 179 22.16 -0.49 -10.44
CA LEU B 179 22.86 -0.88 -11.65
C LEU B 179 23.00 0.33 -12.55
N GLY B 180 24.24 0.78 -12.75
CA GLY B 180 24.51 2.01 -13.46
C GLY B 180 24.68 3.17 -12.50
N ILE B 181 25.86 3.78 -12.50
CA ILE B 181 26.17 4.81 -11.50
C ILE B 181 26.39 6.16 -12.17
N GLY B 182 25.65 6.41 -13.25
CA GLY B 182 25.55 7.75 -13.78
C GLY B 182 24.84 8.67 -12.81
N PRO B 183 24.59 9.92 -13.21
CA PRO B 183 23.95 10.86 -12.27
C PRO B 183 22.61 10.37 -11.74
N VAL B 184 21.79 9.75 -12.59
CA VAL B 184 20.54 9.19 -12.12
C VAL B 184 20.79 8.04 -11.16
N GLY B 185 21.79 7.20 -11.46
CA GLY B 185 22.13 6.12 -10.55
C GLY B 185 22.69 6.61 -9.22
N LEU B 186 23.48 7.69 -9.26
CA LEU B 186 23.97 8.28 -8.02
C LEU B 186 22.82 8.82 -7.17
N MET B 187 21.86 9.48 -7.81
CA MET B 187 20.68 9.94 -7.08
C MET B 187 19.83 8.77 -6.59
N ALA B 188 19.83 7.65 -7.32
CA ALA B 188 19.13 6.46 -6.84
C ALA B 188 19.81 5.90 -5.59
N VAL B 189 21.13 5.92 -5.54
CA VAL B 189 21.86 5.52 -4.34
C VAL B 189 21.49 6.43 -3.17
N ALA B 190 21.47 7.74 -3.43
CA ALA B 190 21.09 8.69 -2.38
C ALA B 190 19.67 8.45 -1.89
N GLY B 191 18.74 8.18 -2.81
CA GLY B 191 17.37 7.91 -2.42
C GLY B 191 17.22 6.61 -1.64
N ALA B 192 17.99 5.59 -2.03
CA ALA B 192 17.98 4.34 -1.28
C ALA B 192 18.48 4.56 0.15
N LYS B 193 19.52 5.38 0.30
CA LYS B 193 19.96 5.75 1.65
C LYS B 193 18.86 6.51 2.39
N LEU B 194 18.16 7.41 1.69
CA LEU B 194 17.08 8.17 2.30
C LEU B 194 15.88 7.31 2.68
N ARG B 195 15.73 6.13 2.08
CA ARG B 195 14.63 5.23 2.39
C ARG B 195 14.98 4.21 3.47
N GLY B 196 16.15 4.33 4.08
CA GLY B 196 16.51 3.43 5.16
C GLY B 196 17.14 2.13 4.73
N ALA B 197 17.78 2.10 3.56
CA ALA B 197 18.45 0.89 3.12
C ALA B 197 19.69 0.61 3.98
N GLY B 198 20.09 -0.65 4.02
CA GLY B 198 21.29 -1.04 4.73
C GLY B 198 22.46 -1.09 3.77
N ARG B 199 22.86 -2.30 3.38
CA ARG B 199 23.88 -2.45 2.36
C ARG B 199 23.36 -1.91 1.03
N ILE B 200 24.19 -1.11 0.36
CA ILE B 200 23.89 -0.59 -0.97
C ILE B 200 25.04 -0.99 -1.88
N ILE B 201 24.73 -1.75 -2.93
CA ILE B 201 25.72 -2.22 -3.90
C ILE B 201 25.57 -1.40 -5.17
N ALA B 202 26.64 -0.74 -5.56
CA ALA B 202 26.66 0.08 -6.77
C ALA B 202 27.50 -0.62 -7.83
N VAL B 203 26.98 -0.68 -9.04
CA VAL B 203 27.64 -1.37 -10.16
C VAL B 203 28.13 -0.30 -11.12
N GLY B 204 29.45 -0.22 -11.29
CA GLY B 204 30.04 0.74 -12.19
C GLY B 204 31.55 0.65 -12.12
N SER B 205 32.20 1.36 -13.04
CA SER B 205 33.65 1.27 -13.19
C SER B 205 34.37 2.62 -13.27
N ARG B 206 33.71 3.70 -13.63
CA ARG B 206 34.39 4.97 -13.80
C ARG B 206 34.83 5.52 -12.44
N PRO B 207 36.11 5.84 -12.26
CA PRO B 207 36.59 6.26 -10.93
C PRO B 207 35.83 7.44 -10.33
N VAL B 208 35.50 8.46 -11.12
CA VAL B 208 34.79 9.62 -10.57
C VAL B 208 33.38 9.22 -10.14
N CYS B 209 32.70 8.39 -10.92
CA CYS B 209 31.37 7.93 -10.55
C CYS B 209 31.44 7.00 -9.34
N VAL B 210 32.49 6.18 -9.25
CA VAL B 210 32.66 5.30 -8.10
C VAL B 210 32.88 6.11 -6.83
N ASP B 211 33.70 7.17 -6.92
CA ASP B 211 33.90 8.04 -5.77
C ASP B 211 32.61 8.74 -5.36
N ALA B 212 31.83 9.21 -6.34
CA ALA B 212 30.55 9.84 -6.02
C ALA B 212 29.60 8.84 -5.37
N ALA B 213 29.58 7.60 -5.86
CA ALA B 213 28.71 6.58 -5.28
C ALA B 213 29.11 6.27 -3.85
N LYS B 214 30.41 6.17 -3.58
CA LYS B 214 30.87 5.99 -2.21
C LYS B 214 30.45 7.16 -1.32
N TYR B 215 30.53 8.38 -1.87
CA TYR B 215 30.11 9.55 -1.10
C TYR B 215 28.62 9.51 -0.78
N TYR B 216 27.80 9.06 -1.72
CA TYR B 216 26.35 9.11 -1.54
C TYR B 216 25.78 7.93 -0.76
N GLY B 217 26.61 6.96 -0.36
CA GLY B 217 26.13 5.93 0.53
C GLY B 217 26.35 4.50 0.09
N ALA B 218 27.01 4.29 -1.04
CA ALA B 218 27.27 2.94 -1.51
C ALA B 218 28.33 2.27 -0.64
N THR B 219 28.04 1.08 -0.16
CA THR B 219 28.97 0.33 0.68
C THR B 219 29.80 -0.68 -0.10
N ASP B 220 29.32 -1.11 -1.27
CA ASP B 220 30.04 -2.07 -2.10
C ASP B 220 30.02 -1.59 -3.54
N ILE B 221 31.15 -1.77 -4.23
CA ILE B 221 31.29 -1.37 -5.63
C ILE B 221 31.63 -2.62 -6.43
N VAL B 222 30.88 -2.86 -7.51
CA VAL B 222 31.07 -4.01 -8.38
C VAL B 222 31.57 -3.51 -9.72
N ASN B 223 32.75 -3.96 -10.11
CA ASN B 223 33.36 -3.58 -11.38
C ASN B 223 33.23 -4.74 -12.35
N TYR B 224 32.76 -4.45 -13.57
CA TYR B 224 32.57 -5.50 -14.56
C TYR B 224 33.88 -6.01 -15.15
N LYS B 225 35.01 -5.39 -14.81
CA LYS B 225 36.32 -5.92 -15.19
C LYS B 225 36.80 -7.02 -14.25
N ASP B 226 35.94 -7.50 -13.35
CA ASP B 226 36.28 -8.57 -12.43
C ASP B 226 35.39 -9.79 -12.60
N GLY B 227 34.73 -9.93 -13.75
CA GLY B 227 33.83 -11.02 -13.99
C GLY B 227 32.40 -10.56 -14.18
N PRO B 228 31.49 -11.50 -14.39
CA PRO B 228 30.08 -11.15 -14.59
C PRO B 228 29.51 -10.43 -13.37
N ILE B 229 28.61 -9.48 -13.64
CA ILE B 229 28.00 -8.70 -12.56
C ILE B 229 27.19 -9.62 -11.65
N GLU B 230 26.41 -10.52 -12.25
CA GLU B 230 25.56 -11.42 -11.48
C GLU B 230 26.36 -12.29 -10.52
N SER B 231 27.47 -12.86 -11.01
CA SER B 231 28.28 -13.73 -10.17
C SER B 231 28.88 -12.95 -9.01
N GLN B 232 29.39 -11.75 -9.27
CA GLN B 232 29.98 -10.94 -8.22
C GLN B 232 28.94 -10.56 -7.17
N ILE B 233 27.75 -10.15 -7.61
CA ILE B 233 26.72 -9.74 -6.66
C ILE B 233 26.25 -10.92 -5.83
N MET B 234 26.06 -12.09 -6.47
CA MET B 234 25.65 -13.27 -5.72
C MET B 234 26.73 -13.71 -4.74
N ASN B 235 28.01 -13.54 -5.09
CA ASN B 235 29.08 -13.84 -4.16
C ASN B 235 29.08 -12.87 -2.98
N LEU B 236 28.77 -11.60 -3.24
CA LEU B 236 28.76 -10.60 -2.17
C LEU B 236 27.70 -10.90 -1.13
N THR B 237 26.52 -11.35 -1.57
CA THR B 237 25.40 -11.64 -0.68
C THR B 237 25.35 -13.09 -0.25
N GLU B 238 26.38 -13.88 -0.57
CA GLU B 238 26.44 -15.30 -0.22
C GLU B 238 25.24 -16.08 -0.79
N GLY B 239 24.87 -15.75 -2.02
CA GLY B 239 23.82 -16.47 -2.72
C GLY B 239 22.41 -16.06 -2.39
N LYS B 240 22.22 -15.09 -1.49
CA LYS B 240 20.88 -14.65 -1.13
C LYS B 240 20.29 -13.64 -2.10
N GLY B 241 21.13 -12.89 -2.82
CA GLY B 241 20.64 -11.85 -3.67
C GLY B 241 20.30 -10.59 -2.89
N VAL B 242 19.67 -9.65 -3.58
CA VAL B 242 19.31 -8.36 -3.02
C VAL B 242 17.80 -8.27 -2.86
N ASP B 243 17.37 -7.42 -1.91
CA ASP B 243 15.94 -7.23 -1.69
C ASP B 243 15.31 -6.44 -2.82
N ALA B 244 16.04 -5.52 -3.44
CA ALA B 244 15.52 -4.71 -4.53
C ALA B 244 16.66 -4.23 -5.39
N ALA B 245 16.36 -3.97 -6.66
CA ALA B 245 17.33 -3.47 -7.62
C ALA B 245 16.75 -2.28 -8.36
N ILE B 246 17.59 -1.28 -8.61
CA ILE B 246 17.21 -0.08 -9.36
C ILE B 246 18.06 -0.03 -10.61
N ILE B 247 17.41 0.02 -11.77
CA ILE B 247 18.09 0.09 -13.05
C ILE B 247 18.14 1.55 -13.49
N ALA B 248 19.34 2.08 -13.67
CA ALA B 248 19.53 3.46 -14.08
C ALA B 248 20.31 3.61 -15.38
N GLY B 249 20.92 2.55 -15.88
CA GLY B 249 21.63 2.61 -17.14
C GLY B 249 21.97 1.23 -17.65
N GLY B 250 22.19 1.14 -18.96
CA GLY B 250 22.55 -0.11 -19.59
C GLY B 250 21.60 -0.54 -20.68
N ASN B 251 21.62 -1.83 -21.02
CA ASN B 251 20.79 -2.42 -22.06
C ASN B 251 19.92 -3.52 -21.44
N ALA B 252 19.25 -4.30 -22.30
CA ALA B 252 18.39 -5.37 -21.80
C ALA B 252 19.15 -6.40 -20.97
N ASP B 253 20.46 -6.52 -21.17
CA ASP B 253 21.25 -7.46 -20.39
C ASP B 253 21.26 -7.08 -18.91
N ILE B 254 21.26 -5.77 -18.60
CA ILE B 254 21.23 -5.39 -17.20
C ILE B 254 19.86 -5.69 -16.61
N MET B 255 18.80 -5.63 -17.41
CA MET B 255 17.48 -6.06 -16.95
C MET B 255 17.48 -7.55 -16.63
N ALA B 256 18.11 -8.36 -17.48
CA ALA B 256 18.22 -9.80 -17.18
C ALA B 256 19.01 -10.02 -15.90
N THR B 257 20.11 -9.29 -15.72
CA THR B 257 20.90 -9.42 -14.49
C THR B 257 20.08 -9.01 -13.27
N ALA B 258 19.31 -7.92 -13.37
CA ALA B 258 18.47 -7.48 -12.26
C ALA B 258 17.45 -8.54 -11.90
N VAL B 259 16.83 -9.16 -12.91
CA VAL B 259 15.90 -10.25 -12.65
C VAL B 259 16.61 -11.40 -11.94
N LYS B 260 17.85 -11.68 -12.35
CA LYS B 260 18.58 -12.80 -11.76
C LYS B 260 18.94 -12.55 -10.30
N ILE B 261 19.29 -11.30 -9.95
CA ILE B 261 19.87 -11.05 -8.63
C ILE B 261 18.84 -10.75 -7.54
N VAL B 262 17.61 -10.37 -7.91
CA VAL B 262 16.60 -10.02 -6.91
C VAL B 262 15.94 -11.30 -6.39
N LYS B 263 15.70 -11.34 -5.09
CA LYS B 263 15.06 -12.48 -4.47
C LYS B 263 13.58 -12.55 -4.85
N PRO B 264 12.96 -13.73 -4.74
CA PRO B 264 11.54 -13.85 -5.08
C PRO B 264 10.69 -12.91 -4.22
N GLY B 265 9.71 -12.28 -4.85
CA GLY B 265 8.89 -11.28 -4.21
C GLY B 265 9.48 -9.89 -4.18
N GLY B 266 10.71 -9.70 -4.67
CA GLY B 266 11.32 -8.39 -4.68
C GLY B 266 10.85 -7.53 -5.84
N THR B 267 11.32 -6.30 -5.83
CA THR B 267 10.92 -5.30 -6.83
C THR B 267 12.13 -4.83 -7.61
N ILE B 268 11.97 -4.72 -8.92
CA ILE B 268 12.95 -4.13 -9.82
C ILE B 268 12.37 -2.82 -10.35
N ALA B 269 13.00 -1.70 -10.00
CA ALA B 269 12.57 -0.39 -10.47
C ALA B 269 13.42 0.01 -11.67
N ASN B 270 12.76 0.43 -12.75
CA ASN B 270 13.42 0.82 -13.98
C ASN B 270 13.15 2.29 -14.23
N VAL B 271 14.18 3.12 -14.10
CA VAL B 271 14.11 4.55 -14.39
C VAL B 271 15.12 4.94 -15.46
N ASN B 272 15.63 3.97 -16.22
CA ASN B 272 16.61 4.22 -17.26
C ASN B 272 15.89 4.67 -18.52
N TYR B 273 15.89 5.98 -18.78
CA TYR B 273 15.21 6.51 -19.95
C TYR B 273 15.95 6.11 -21.23
N PHE B 274 15.18 5.68 -22.22
CA PHE B 274 15.72 5.25 -23.52
C PHE B 274 16.78 4.17 -23.36
N PRO B 283 10.77 -13.67 -18.60
CA PRO B 283 10.90 -15.04 -18.08
C PRO B 283 9.56 -15.74 -17.94
N ARG B 284 9.59 -17.04 -17.65
CA ARG B 284 8.41 -17.87 -17.53
C ARG B 284 8.27 -18.38 -16.11
N LEU B 285 7.03 -18.39 -15.61
CA LEU B 285 6.78 -18.79 -14.23
C LEU B 285 7.05 -20.27 -14.05
N GLU B 286 7.85 -20.59 -13.02
CA GLU B 286 8.23 -21.97 -12.74
C GLU B 286 8.16 -22.22 -11.24
N TRP B 287 7.97 -23.48 -10.87
CA TRP B 287 7.94 -23.84 -9.45
C TRP B 287 9.32 -23.73 -8.81
N GLY B 288 10.35 -24.17 -9.52
CA GLY B 288 11.69 -24.20 -8.99
C GLY B 288 12.58 -23.02 -9.32
N CYS B 289 12.08 -22.06 -10.09
CA CYS B 289 12.85 -20.88 -10.45
C CYS B 289 12.08 -19.62 -10.05
N GLY B 290 12.72 -18.76 -9.28
CA GLY B 290 12.12 -17.52 -8.82
C GLY B 290 12.32 -16.33 -9.74
N MET B 291 12.84 -16.55 -10.95
CA MET B 291 13.15 -15.43 -11.84
C MET B 291 11.91 -14.65 -12.22
N ALA B 292 10.79 -15.34 -12.46
CA ALA B 292 9.56 -14.69 -12.87
C ALA B 292 8.67 -14.27 -11.70
N HIS B 293 9.03 -14.65 -10.47
CA HIS B 293 8.24 -14.27 -9.30
C HIS B 293 8.65 -12.90 -8.81
N LYS B 294 8.61 -11.90 -9.68
CA LYS B 294 9.13 -10.57 -9.40
C LYS B 294 8.11 -9.51 -9.76
N THR B 295 8.35 -8.31 -9.26
CA THR B 295 7.58 -7.12 -9.64
C THR B 295 8.52 -6.14 -10.34
N ILE B 296 8.15 -5.73 -11.54
CA ILE B 296 8.94 -4.78 -12.32
C ILE B 296 8.11 -3.50 -12.45
N LYS B 297 8.61 -2.43 -11.86
CA LYS B 297 7.96 -1.12 -11.91
C LYS B 297 8.82 -0.17 -12.71
N GLY B 298 8.21 0.51 -13.68
CA GLY B 298 8.93 1.47 -14.49
C GLY B 298 8.10 2.72 -14.72
N GLY B 299 8.80 3.85 -14.73
CA GLY B 299 8.16 5.11 -15.05
C GLY B 299 9.01 6.34 -14.80
N LEU B 300 8.98 7.29 -15.73
CA LEU B 300 9.57 8.61 -15.56
C LEU B 300 8.46 9.53 -15.12
N CYS B 301 7.81 9.18 -14.02
CA CYS B 301 6.54 9.79 -13.63
C CYS B 301 6.67 11.18 -12.99
N PRO B 302 7.36 11.31 -11.86
CA PRO B 302 7.01 12.41 -10.93
C PRO B 302 7.47 13.77 -11.42
N GLY B 303 6.51 14.70 -11.50
CA GLY B 303 6.80 16.09 -11.76
C GLY B 303 5.76 16.98 -11.10
N GLY B 304 6.08 18.25 -10.99
CA GLY B 304 5.16 19.23 -10.48
C GLY B 304 5.68 19.96 -9.24
N ARG B 305 4.86 20.92 -8.81
CA ARG B 305 5.25 21.85 -7.75
C ARG B 305 5.47 21.15 -6.42
N LEU B 306 4.58 20.22 -6.05
CA LEU B 306 4.72 19.54 -4.76
C LEU B 306 6.00 18.70 -4.73
N ARG B 307 6.28 17.99 -5.82
CA ARG B 307 7.51 17.20 -5.91
C ARG B 307 8.74 18.09 -5.78
N MET B 308 8.75 19.20 -6.53
CA MET B 308 9.88 20.13 -6.43
C MET B 308 10.03 20.69 -5.02
N GLU B 309 8.91 21.03 -4.38
CA GLU B 309 8.97 21.59 -3.03
C GLU B 309 9.52 20.59 -2.02
N ARG B 310 9.11 19.32 -2.13
CA ARG B 310 9.62 18.32 -1.21
C ARG B 310 11.12 18.06 -1.44
N LEU B 311 11.55 18.03 -2.70
CA LEU B 311 12.98 17.89 -2.96
C LEU B 311 13.77 19.09 -2.44
N ILE B 312 13.20 20.29 -2.59
CA ILE B 312 13.84 21.50 -2.07
C ILE B 312 13.95 21.42 -0.55
N ASP B 313 12.92 20.89 0.11
CA ASP B 313 12.99 20.71 1.56
C ASP B 313 14.08 19.72 1.93
N LEU B 314 14.22 18.64 1.16
CA LEU B 314 15.29 17.68 1.42
C LEU B 314 16.67 18.33 1.31
N VAL B 315 16.85 19.18 0.29
CA VAL B 315 18.14 19.84 0.12
C VAL B 315 18.36 20.87 1.23
N PHE B 316 17.32 21.63 1.57
CA PHE B 316 17.45 22.74 2.51
C PHE B 316 17.86 22.25 3.91
N TYR B 317 17.28 21.14 4.35
CA TYR B 317 17.57 20.60 5.67
C TYR B 317 18.75 19.64 5.68
N LYS B 318 19.61 19.73 4.66
CA LYS B 318 20.89 19.00 4.61
C LYS B 318 20.69 17.49 4.67
N ARG B 319 19.57 16.99 4.14
CA ARG B 319 19.38 15.55 4.03
C ARG B 319 20.16 14.97 2.84
N VAL B 320 20.47 15.78 1.84
CA VAL B 320 21.21 15.33 0.67
C VAL B 320 21.88 16.55 0.05
N ASP B 321 23.10 16.35 -0.46
CA ASP B 321 23.86 17.40 -1.14
C ASP B 321 24.15 16.99 -2.58
N PRO B 322 23.38 17.48 -3.55
CA PRO B 322 23.61 17.10 -4.95
C PRO B 322 24.74 17.85 -5.63
N SER B 323 25.52 18.64 -4.90
CA SER B 323 26.63 19.38 -5.50
C SER B 323 27.74 18.46 -5.99
N LYS B 324 27.85 17.25 -5.45
CA LYS B 324 28.88 16.32 -5.88
C LYS B 324 28.68 15.87 -7.32
N LEU B 325 27.46 15.99 -7.86
CA LEU B 325 27.22 15.61 -9.25
C LEU B 325 27.89 16.58 -10.22
N VAL B 326 28.04 17.84 -9.83
CA VAL B 326 28.54 18.89 -10.72
C VAL B 326 30.07 18.81 -10.73
N THR B 327 30.63 18.38 -11.86
CA THR B 327 32.07 18.31 -12.02
C THR B 327 32.63 19.44 -12.88
N HIS B 328 31.82 20.01 -13.77
CA HIS B 328 32.25 21.10 -14.64
C HIS B 328 31.25 22.26 -14.51
N VAL B 329 31.77 23.45 -14.27
CA VAL B 329 30.96 24.65 -14.14
C VAL B 329 31.40 25.65 -15.20
N PHE B 330 30.44 26.18 -15.95
CA PHE B 330 30.69 27.16 -16.98
C PHE B 330 29.91 28.44 -16.69
N ARG B 331 30.44 29.57 -17.14
CA ARG B 331 29.82 30.86 -16.95
C ARG B 331 29.52 31.48 -18.31
N GLY B 332 28.31 31.98 -18.48
CA GLY B 332 27.98 32.70 -19.68
C GLY B 332 27.06 31.90 -20.59
N PHE B 333 26.25 32.62 -21.37
CA PHE B 333 25.30 31.99 -22.27
C PHE B 333 26.01 31.21 -23.37
N ASP B 334 27.15 31.71 -23.84
CA ASP B 334 27.84 31.10 -24.98
C ASP B 334 28.46 29.76 -24.66
N ASN B 335 28.52 29.36 -23.39
CA ASN B 335 29.12 28.09 -23.00
C ASN B 335 28.12 26.94 -23.01
N ILE B 336 26.87 27.19 -23.38
CA ILE B 336 25.89 26.12 -23.47
C ILE B 336 26.29 25.11 -24.55
N GLU B 337 26.77 25.60 -25.69
CA GLU B 337 27.22 24.71 -26.75
C GLU B 337 28.43 23.89 -26.31
N LYS B 338 29.35 24.51 -25.58
CA LYS B 338 30.51 23.80 -25.07
C LYS B 338 30.11 22.71 -24.08
N ALA B 339 29.15 23.00 -23.20
CA ALA B 339 28.66 22.00 -22.27
C ALA B 339 27.96 20.86 -23.00
N PHE B 340 27.19 21.19 -24.04
CA PHE B 340 26.54 20.15 -24.84
C PHE B 340 27.55 19.26 -25.53
N MET B 341 28.61 19.86 -26.10
CA MET B 341 29.66 19.09 -26.73
C MET B 341 30.37 18.19 -25.71
N LEU B 342 30.61 18.71 -24.51
CA LEU B 342 31.20 17.90 -23.44
C LEU B 342 30.29 16.72 -23.11
N MET B 343 28.98 16.94 -23.08
CA MET B 343 28.04 15.86 -22.89
C MET B 343 28.11 14.85 -24.03
N LYS B 344 28.43 15.30 -25.24
CA LYS B 344 28.47 14.40 -26.39
C LYS B 344 29.64 13.42 -26.29
N ASP B 345 30.86 13.95 -26.26
CA ASP B 345 32.05 13.12 -26.17
C ASP B 345 32.49 13.01 -24.70
N LYS B 346 31.74 12.21 -23.95
CA LYS B 346 31.88 12.04 -22.51
C LYS B 346 33.33 11.76 -22.11
N PRO B 347 33.99 12.69 -21.45
CA PRO B 347 35.38 12.47 -21.04
C PRO B 347 35.45 11.69 -19.74
N LYS B 348 36.68 11.49 -19.27
CA LYS B 348 36.93 10.65 -18.10
C LYS B 348 36.32 11.25 -16.83
N ASP B 349 36.47 12.56 -16.64
CA ASP B 349 36.18 13.19 -15.36
C ASP B 349 34.82 13.89 -15.31
N LEU B 350 33.94 13.63 -16.27
CA LEU B 350 32.67 14.33 -16.36
C LEU B 350 31.54 13.50 -15.77
N ILE B 351 30.74 14.13 -14.91
CA ILE B 351 29.46 13.58 -14.46
C ILE B 351 28.30 14.45 -14.95
N LYS B 352 28.28 15.72 -14.57
CA LYS B 352 27.24 16.63 -14.97
C LYS B 352 27.77 18.06 -15.09
N PRO B 353 27.72 18.66 -16.27
CA PRO B 353 28.12 20.06 -16.41
C PRO B 353 26.98 21.02 -16.18
N VAL B 354 27.31 22.18 -15.64
CA VAL B 354 26.33 23.22 -15.29
C VAL B 354 26.82 24.54 -15.86
N VAL B 355 25.91 25.28 -16.48
CA VAL B 355 26.19 26.61 -17.01
C VAL B 355 25.44 27.62 -16.16
N ILE B 356 26.19 28.55 -15.56
CA ILE B 356 25.63 29.59 -14.70
C ILE B 356 25.48 30.85 -15.53
N LEU B 357 24.27 31.41 -15.53
CA LEU B 357 23.99 32.60 -16.32
C LEU B 357 24.16 33.86 -15.49
N HIS C 6 19.29 -24.10 39.01
CA HIS C 6 19.08 -23.12 40.06
C HIS C 6 19.99 -21.90 39.87
N HIS C 7 19.39 -20.75 39.61
CA HIS C 7 20.13 -19.53 39.32
C HIS C 7 19.50 -18.34 40.06
N LYS C 8 20.22 -17.22 40.05
CA LYS C 8 19.76 -15.99 40.66
C LYS C 8 19.07 -15.10 39.62
N GLY C 9 18.23 -14.20 40.10
CA GLY C 9 17.55 -13.26 39.24
C GLY C 9 16.95 -12.12 40.02
N PHE C 10 16.84 -10.97 39.38
CA PHE C 10 16.20 -9.79 39.97
C PHE C 10 14.73 -9.82 39.60
N ALA C 11 13.87 -10.01 40.60
CA ALA C 11 12.46 -10.28 40.35
C ALA C 11 11.58 -9.31 41.13
N MET C 12 10.34 -9.20 40.66
CA MET C 12 9.31 -8.42 41.34
C MET C 12 8.69 -9.30 42.42
N LEU C 13 8.90 -8.93 43.69
CA LEU C 13 8.31 -9.69 44.78
C LEU C 13 6.80 -9.53 44.82
N SER C 14 6.33 -8.30 44.66
CA SER C 14 4.90 -7.96 44.68
C SER C 14 4.78 -6.56 44.09
N ILE C 15 3.59 -5.98 44.19
CA ILE C 15 3.39 -4.63 43.69
C ILE C 15 4.13 -3.66 44.62
N GLY C 16 5.25 -3.12 44.15
CA GLY C 16 6.05 -2.20 44.92
C GLY C 16 7.24 -2.81 45.64
N LYS C 17 7.48 -4.10 45.48
CA LYS C 17 8.59 -4.78 46.15
C LYS C 17 9.44 -5.50 45.13
N VAL C 18 10.75 -5.30 45.20
CA VAL C 18 11.71 -5.97 44.32
C VAL C 18 12.85 -6.51 45.18
N GLY C 19 13.50 -7.56 44.68
CA GLY C 19 14.61 -8.14 45.40
C GLY C 19 15.24 -9.25 44.59
N TRP C 20 16.36 -9.76 45.11
CA TRP C 20 17.09 -10.85 44.49
C TRP C 20 16.56 -12.17 45.03
N ILE C 21 16.00 -12.99 44.15
CA ILE C 21 15.47 -14.31 44.53
C ILE C 21 16.22 -15.36 43.73
N GLU C 22 16.06 -16.62 44.15
CA GLU C 22 16.71 -17.77 43.54
C GLU C 22 15.64 -18.68 42.95
N LYS C 23 15.82 -19.05 41.69
CA LYS C 23 14.82 -19.82 40.96
C LYS C 23 15.47 -21.00 40.25
N GLU C 24 14.64 -21.98 39.90
CA GLU C 24 15.11 -23.14 39.15
C GLU C 24 15.57 -22.72 37.75
N LYS C 25 16.67 -23.30 37.31
CA LYS C 25 17.24 -22.95 36.01
C LYS C 25 16.32 -23.44 34.90
N PRO C 26 15.92 -22.58 33.97
CA PRO C 26 15.01 -23.00 32.90
C PRO C 26 15.65 -24.04 31.99
N ALA C 27 14.82 -24.94 31.47
CA ALA C 27 15.25 -25.97 30.54
C ALA C 27 14.60 -25.75 29.18
N PRO C 28 15.34 -26.01 28.09
CA PRO C 28 14.79 -25.72 26.75
C PRO C 28 14.06 -26.90 26.14
N GLY C 29 12.98 -26.59 25.43
CA GLY C 29 12.30 -27.57 24.63
C GLY C 29 13.06 -27.86 23.35
N PRO C 30 12.49 -28.74 22.52
CA PRO C 30 13.16 -29.08 21.25
C PRO C 30 13.39 -27.89 20.34
N PHE C 31 12.54 -26.85 20.40
CA PHE C 31 12.68 -25.68 19.55
C PHE C 31 13.16 -24.45 20.32
N ASP C 32 13.58 -24.61 21.57
CA ASP C 32 13.95 -23.49 22.41
C ASP C 32 15.46 -23.43 22.61
N ALA C 33 15.91 -22.35 23.24
CA ALA C 33 17.30 -22.15 23.57
C ALA C 33 17.41 -21.43 24.92
N ILE C 34 18.52 -21.66 25.61
CA ILE C 34 18.84 -21.00 26.87
C ILE C 34 19.96 -20.00 26.61
N VAL C 35 19.75 -18.76 27.04
CA VAL C 35 20.67 -17.67 26.76
C VAL C 35 21.10 -17.03 28.08
N ARG C 36 22.41 -16.79 28.22
CA ARG C 36 22.89 -15.99 29.33
C ARG C 36 23.20 -14.57 28.85
N PRO C 37 22.84 -13.55 29.63
CA PRO C 37 22.96 -12.17 29.13
C PRO C 37 24.38 -11.65 29.21
N LEU C 38 24.74 -10.83 28.22
CA LEU C 38 26.00 -10.08 28.23
C LEU C 38 25.79 -8.60 28.51
N ALA C 39 24.63 -8.05 28.15
CA ALA C 39 24.27 -6.68 28.48
C ALA C 39 22.76 -6.60 28.57
N VAL C 40 22.27 -5.88 29.59
CA VAL C 40 20.85 -5.72 29.82
C VAL C 40 20.56 -4.25 30.07
N ALA C 41 19.28 -3.88 29.90
CA ALA C 41 18.84 -2.51 30.10
C ALA C 41 17.45 -2.49 30.71
N PRO C 42 17.28 -1.84 31.86
CA PRO C 42 15.93 -1.67 32.42
C PRO C 42 15.09 -0.73 31.57
N CYS C 43 13.78 -0.91 31.67
CA CYS C 43 12.82 -0.11 30.90
C CYS C 43 11.80 0.51 31.83
N THR C 44 11.13 1.55 31.33
CA THR C 44 10.03 2.16 32.08
C THR C 44 8.87 1.19 32.24
N SER C 45 8.75 0.22 31.34
CA SER C 45 7.68 -0.77 31.44
C SER C 45 7.82 -1.62 32.71
N ASP C 46 9.05 -1.98 33.06
CA ASP C 46 9.28 -2.74 34.30
C ASP C 46 8.83 -1.93 35.51
N ILE C 47 9.14 -0.64 35.52
CA ILE C 47 8.74 0.22 36.64
C ILE C 47 7.21 0.34 36.69
N HIS C 48 6.58 0.46 35.52
CA HIS C 48 5.12 0.53 35.49
C HIS C 48 4.50 -0.75 36.03
N THR C 49 5.05 -1.90 35.68
CA THR C 49 4.53 -3.16 36.20
C THR C 49 4.73 -3.27 37.71
N VAL C 50 5.91 -2.89 38.19
CA VAL C 50 6.23 -3.10 39.61
C VAL C 50 5.43 -2.14 40.48
N PHE C 51 5.37 -0.86 40.11
CA PHE C 51 4.85 0.17 40.99
C PHE C 51 3.48 0.71 40.59
N GLU C 52 3.07 0.57 39.34
CA GLU C 52 1.78 1.08 38.90
C GLU C 52 0.75 -0.02 38.65
N GLY C 53 1.13 -1.29 38.82
CA GLY C 53 0.21 -2.39 38.57
C GLY C 53 -0.27 -2.44 37.13
N ALA C 54 0.66 -2.29 36.19
CA ALA C 54 0.28 -2.21 34.77
C ALA C 54 -0.28 -3.53 34.25
N ILE C 55 0.25 -4.66 34.73
CA ILE C 55 -0.15 -5.97 34.25
C ILE C 55 -0.79 -6.83 35.34
N GLY C 56 -1.14 -6.22 36.47
CA GLY C 56 -1.75 -6.97 37.55
C GLY C 56 -0.79 -7.36 38.63
N GLU C 57 -1.09 -8.44 39.34
CA GLU C 57 -0.26 -8.92 40.45
C GLU C 57 0.68 -10.03 39.97
N ARG C 58 1.95 -9.92 40.33
CA ARG C 58 2.96 -10.92 40.01
C ARG C 58 3.70 -11.29 41.28
N HIS C 59 4.20 -12.53 41.31
CA HIS C 59 4.93 -13.05 42.47
C HIS C 59 6.20 -13.72 41.99
N ASN C 60 7.34 -13.19 42.44
CA ASN C 60 8.66 -13.76 42.13
C ASN C 60 8.87 -13.90 40.62
N MET C 61 8.51 -12.85 39.89
CA MET C 61 8.65 -12.83 38.43
C MET C 61 9.90 -12.03 38.06
N ILE C 62 10.84 -12.67 37.39
CA ILE C 62 12.06 -11.99 36.98
C ILE C 62 11.73 -10.93 35.95
N LEU C 63 12.31 -9.74 36.13
CA LEU C 63 12.00 -8.60 35.28
C LEU C 63 12.99 -8.51 34.12
N GLY C 64 12.77 -7.51 33.25
CA GLY C 64 13.68 -7.24 32.15
C GLY C 64 13.29 -7.89 30.84
N HIS C 65 13.34 -7.12 29.74
CA HIS C 65 13.06 -7.68 28.43
C HIS C 65 13.96 -7.12 27.33
N GLU C 66 15.12 -6.56 27.68
CA GLU C 66 16.06 -6.02 26.71
C GLU C 66 17.45 -6.57 27.02
N ALA C 67 17.87 -7.61 26.30
CA ALA C 67 19.14 -8.26 26.58
C ALA C 67 19.85 -8.61 25.28
N VAL C 68 21.17 -8.51 25.33
CA VAL C 68 22.07 -9.11 24.34
C VAL C 68 22.85 -10.19 25.07
N GLY C 69 22.84 -11.40 24.51
CA GLY C 69 23.37 -12.55 25.23
C GLY C 69 24.09 -13.53 24.33
N GLU C 70 24.60 -14.58 24.96
CA GLU C 70 25.31 -15.67 24.30
C GLU C 70 24.51 -16.95 24.50
N VAL C 71 24.33 -17.71 23.41
CA VAL C 71 23.57 -18.95 23.50
C VAL C 71 24.32 -19.94 24.38
N VAL C 72 23.60 -20.50 25.35
CA VAL C 72 24.19 -21.47 26.28
C VAL C 72 23.88 -22.90 25.87
N GLU C 73 22.64 -23.19 25.49
CA GLU C 73 22.26 -24.50 25.01
C GLU C 73 20.96 -24.37 24.22
N VAL C 74 20.76 -25.32 23.31
CA VAL C 74 19.63 -25.29 22.39
C VAL C 74 18.91 -26.63 22.44
N GLY C 75 17.70 -26.64 21.88
CA GLY C 75 16.95 -27.87 21.74
C GLY C 75 17.44 -28.71 20.58
N SER C 76 16.90 -29.93 20.50
CA SER C 76 17.31 -30.87 19.47
C SER C 76 16.93 -30.42 18.07
N GLU C 77 15.86 -29.64 17.94
CA GLU C 77 15.38 -29.19 16.63
C GLU C 77 15.93 -27.81 16.24
N VAL C 78 16.83 -27.25 17.02
CA VAL C 78 17.42 -25.94 16.71
C VAL C 78 18.61 -26.16 15.79
N LYS C 79 18.64 -25.43 14.68
CA LYS C 79 19.64 -25.65 13.63
C LYS C 79 20.49 -24.42 13.33
N ASP C 80 19.96 -23.21 13.46
CA ASP C 80 20.68 -22.01 13.05
C ASP C 80 21.54 -21.41 14.15
N PHE C 81 21.46 -21.91 15.38
CA PHE C 81 22.22 -21.36 16.50
C PHE C 81 22.78 -22.48 17.35
N LYS C 82 23.98 -22.29 17.86
CA LYS C 82 24.68 -23.25 18.69
C LYS C 82 25.19 -22.54 19.94
N PRO C 83 25.48 -23.29 21.01
CA PRO C 83 26.07 -22.68 22.20
C PRO C 83 27.36 -21.93 21.85
N GLY C 84 27.52 -20.75 22.44
CA GLY C 84 28.62 -19.87 22.17
C GLY C 84 28.32 -18.75 21.21
N ASP C 85 27.20 -18.83 20.49
CA ASP C 85 26.85 -17.79 19.52
C ASP C 85 26.36 -16.54 20.24
N ARG C 86 26.88 -15.39 19.82
CA ARG C 86 26.45 -14.10 20.34
C ARG C 86 25.22 -13.64 19.57
N VAL C 87 24.13 -13.39 20.29
CA VAL C 87 22.84 -13.13 19.67
C VAL C 87 22.19 -11.89 20.27
N VAL C 88 21.24 -11.34 19.53
CA VAL C 88 20.36 -10.28 20.01
C VAL C 88 18.97 -10.89 20.21
N VAL C 89 18.41 -10.69 21.40
CA VAL C 89 17.12 -11.27 21.77
C VAL C 89 16.06 -10.18 21.67
N PRO C 90 15.09 -10.29 20.76
CA PRO C 90 14.03 -9.28 20.69
C PRO C 90 13.13 -9.32 21.91
N ALA C 91 12.58 -8.15 22.25
CA ALA C 91 11.66 -8.06 23.38
C ALA C 91 10.37 -8.82 23.10
N ASN C 92 9.90 -8.79 21.86
CA ASN C 92 8.71 -9.53 21.45
C ASN C 92 9.13 -10.82 20.76
N THR C 93 8.69 -11.96 21.32
CA THR C 93 9.05 -13.29 20.80
C THR C 93 7.76 -14.03 20.50
N PRO C 94 7.19 -13.85 19.32
CA PRO C 94 5.90 -14.48 18.99
C PRO C 94 6.02 -16.00 18.88
N ASP C 95 4.89 -16.66 19.11
CA ASP C 95 4.78 -18.09 18.86
C ASP C 95 4.58 -18.31 17.36
N TRP C 96 5.53 -18.99 16.74
CA TRP C 96 5.54 -19.11 15.29
C TRP C 96 4.90 -20.40 14.77
N ARG C 97 4.65 -21.39 15.64
CA ARG C 97 3.96 -22.60 15.22
C ARG C 97 2.44 -22.50 15.47
N THR C 98 1.85 -21.39 15.03
CA THR C 98 0.41 -21.19 15.09
C THR C 98 -0.03 -20.48 13.81
N SER C 99 -1.24 -20.77 13.37
CA SER C 99 -1.76 -20.15 12.15
C SER C 99 -2.00 -18.66 12.30
N GLU C 100 -1.94 -18.13 13.53
CA GLU C 100 -2.18 -16.71 13.75
C GLU C 100 -1.14 -15.83 13.07
N VAL C 101 0.11 -16.29 13.00
CA VAL C 101 1.17 -15.47 12.40
C VAL C 101 0.93 -15.28 10.91
N GLN C 102 0.09 -16.11 10.28
CA GLN C 102 -0.20 -15.93 8.87
C GLN C 102 -1.06 -14.70 8.62
N ARG C 103 -1.88 -14.30 9.59
CA ARG C 103 -2.72 -13.11 9.47
C ARG C 103 -1.88 -11.89 9.86
N GLY C 104 -1.05 -11.45 8.92
CA GLY C 104 -0.16 -10.34 9.17
C GLY C 104 -0.76 -8.99 8.82
N TYR C 105 -0.04 -7.95 9.22
CA TYR C 105 -0.43 -6.58 8.93
C TYR C 105 0.81 -5.70 9.04
N HIS C 106 0.72 -4.49 8.52
CA HIS C 106 1.85 -3.54 8.48
C HIS C 106 3.04 -4.14 7.76
N GLN C 107 2.77 -5.00 6.77
CA GLN C 107 3.80 -5.66 5.96
C GLN C 107 4.73 -6.52 6.80
N HIS C 108 4.25 -7.05 7.92
CA HIS C 108 4.99 -8.02 8.71
C HIS C 108 4.04 -9.14 9.13
N SER C 109 4.57 -10.10 9.88
CA SER C 109 3.79 -11.25 10.30
C SER C 109 2.79 -10.85 11.39
N GLY C 110 1.83 -11.73 11.62
CA GLY C 110 0.80 -11.53 12.62
C GLY C 110 1.13 -12.20 13.94
N GLY C 111 0.10 -12.34 14.77
CA GLY C 111 0.27 -12.96 16.07
C GLY C 111 1.17 -12.19 17.00
N MET C 112 1.27 -10.87 16.83
CA MET C 112 2.17 -10.06 17.64
C MET C 112 1.46 -9.46 18.84
N LEU C 113 0.77 -10.32 19.58
CA LEU C 113 0.17 -10.04 20.88
C LEU C 113 0.57 -11.07 21.92
N ALA C 114 0.72 -12.33 21.53
CA ALA C 114 1.25 -13.36 22.41
C ALA C 114 2.77 -13.35 22.46
N GLY C 115 3.42 -12.49 21.66
CA GLY C 115 4.87 -12.41 21.67
C GLY C 115 5.44 -11.65 22.85
N TRP C 116 4.62 -10.88 23.55
CA TRP C 116 5.07 -10.13 24.72
C TRP C 116 5.06 -11.08 25.90
N LYS C 117 6.15 -11.82 26.07
CA LYS C 117 6.28 -12.85 27.08
C LYS C 117 7.21 -12.46 28.21
N PHE C 118 8.34 -11.85 27.90
CA PHE C 118 9.35 -11.53 28.91
C PHE C 118 8.80 -10.58 29.95
N SER C 119 8.97 -10.96 31.22
CA SER C 119 8.52 -10.18 32.38
C SER C 119 7.02 -9.88 32.35
N ASN C 120 6.25 -10.62 31.55
CA ASN C 120 4.80 -10.50 31.56
C ASN C 120 4.12 -11.82 31.95
N VAL C 121 4.42 -12.91 31.24
CA VAL C 121 3.87 -14.22 31.54
C VAL C 121 5.03 -15.21 31.63
N LYS C 122 6.25 -14.69 31.64
CA LYS C 122 7.45 -15.51 31.60
C LYS C 122 8.57 -14.73 32.28
N ASP C 123 9.53 -15.47 32.85
CA ASP C 123 10.65 -14.83 33.53
C ASP C 123 11.45 -13.97 32.57
N GLY C 124 11.90 -12.82 33.06
CA GLY C 124 12.61 -11.85 32.25
C GLY C 124 14.07 -12.19 32.06
N VAL C 125 14.82 -11.20 31.59
CA VAL C 125 16.23 -11.39 31.28
C VAL C 125 17.17 -10.98 32.40
N PHE C 126 16.65 -10.44 33.51
CA PHE C 126 17.50 -10.00 34.61
C PHE C 126 17.91 -11.18 35.49
N GLY C 127 18.44 -12.23 34.88
CA GLY C 127 18.90 -13.40 35.61
C GLY C 127 20.14 -13.98 34.95
N GLU C 128 20.68 -15.01 35.59
CA GLU C 128 21.86 -15.68 35.04
C GLU C 128 21.54 -16.38 33.73
N PHE C 129 20.29 -16.83 33.55
CA PHE C 129 19.85 -17.44 32.30
C PHE C 129 18.38 -17.10 32.09
N PHE C 130 17.95 -17.18 30.84
CA PHE C 130 16.54 -17.04 30.51
C PHE C 130 16.22 -17.90 29.30
N HIS C 131 14.92 -18.07 29.05
CA HIS C 131 14.41 -19.00 28.06
C HIS C 131 13.86 -18.23 26.86
N VAL C 132 14.24 -18.65 25.66
CA VAL C 132 13.77 -18.06 24.42
C VAL C 132 13.06 -19.15 23.63
N ASN C 133 11.78 -18.91 23.30
CA ASN C 133 11.00 -19.85 22.53
C ASN C 133 11.21 -19.64 21.04
N ASP C 134 11.19 -20.73 20.29
CA ASP C 134 11.36 -20.71 18.84
C ASP C 134 12.63 -19.96 18.45
N ALA C 135 13.77 -20.52 18.87
CA ALA C 135 15.05 -19.81 18.75
C ALA C 135 15.40 -19.51 17.31
N ASP C 136 15.19 -20.46 16.40
CA ASP C 136 15.53 -20.23 14.99
C ASP C 136 14.67 -19.14 14.36
N MET C 137 13.51 -18.84 14.93
CA MET C 137 12.63 -17.82 14.40
C MET C 137 12.72 -16.49 15.15
N ASN C 138 13.42 -16.45 16.28
CA ASN C 138 13.45 -15.27 17.12
C ASN C 138 14.84 -14.67 17.28
N LEU C 139 15.87 -15.49 17.50
CA LEU C 139 17.22 -14.99 17.73
C LEU C 139 17.85 -14.50 16.43
N ALA C 140 18.80 -13.59 16.57
CA ALA C 140 19.54 -13.05 15.44
C ALA C 140 21.02 -12.93 15.81
N HIS C 141 21.89 -13.29 14.87
CA HIS C 141 23.32 -13.22 15.11
C HIS C 141 23.80 -11.78 15.26
N LEU C 142 24.67 -11.55 16.23
CA LEU C 142 25.23 -10.23 16.47
C LEU C 142 26.69 -10.20 16.02
N PRO C 143 27.04 -9.40 15.01
CA PRO C 143 28.44 -9.31 14.60
C PRO C 143 29.31 -8.71 15.69
N LYS C 144 30.57 -9.14 15.72
CA LYS C 144 31.49 -8.72 16.76
C LYS C 144 31.89 -7.25 16.65
N GLU C 145 31.62 -6.60 15.52
CA GLU C 145 31.98 -5.20 15.34
C GLU C 145 31.01 -4.23 15.99
N ILE C 146 29.88 -4.71 16.49
CA ILE C 146 28.87 -3.87 17.13
C ILE C 146 29.09 -3.91 18.64
N PRO C 147 29.30 -2.77 19.30
CA PRO C 147 29.48 -2.77 20.75
C PRO C 147 28.21 -3.19 21.48
N LEU C 148 28.39 -3.72 22.69
CA LEU C 148 27.27 -4.26 23.45
C LEU C 148 26.27 -3.16 23.80
N GLU C 149 26.74 -1.98 24.18
CA GLU C 149 25.85 -0.89 24.56
C GLU C 149 24.97 -0.47 23.39
N ALA C 150 25.55 -0.39 22.19
CA ALA C 150 24.75 -0.08 21.01
C ALA C 150 23.78 -1.21 20.68
N ALA C 151 24.22 -2.46 20.83
CA ALA C 151 23.39 -3.59 20.43
C ALA C 151 22.19 -3.75 21.35
N VAL C 152 22.35 -3.45 22.64
CA VAL C 152 21.26 -3.64 23.59
C VAL C 152 20.12 -2.65 23.40
N MET C 153 20.31 -1.63 22.57
CA MET C 153 19.22 -0.70 22.26
C MET C 153 18.30 -1.21 21.16
N ILE C 154 18.73 -2.22 20.41
CA ILE C 154 17.95 -2.80 19.32
C ILE C 154 16.67 -3.49 19.78
N PRO C 155 16.69 -4.35 20.82
CA PRO C 155 15.51 -5.21 21.06
C PRO C 155 14.20 -4.47 21.29
N ASP C 156 14.20 -3.35 22.00
CA ASP C 156 12.95 -2.65 22.29
C ASP C 156 12.90 -1.23 21.75
N MET C 157 13.86 -0.38 22.13
CA MET C 157 13.74 1.04 21.81
C MET C 157 13.83 1.29 20.31
N MET C 158 14.86 0.74 19.67
CA MET C 158 15.05 0.98 18.25
C MET C 158 13.89 0.43 17.43
N THR C 159 13.45 -0.79 17.75
CA THR C 159 12.36 -1.38 16.97
C THR C 159 11.05 -0.62 17.17
N THR C 160 10.75 -0.19 18.40
CA THR C 160 9.52 0.54 18.64
C THR C 160 9.53 1.90 17.93
N GLY C 161 10.63 2.65 18.07
CA GLY C 161 10.71 3.94 17.39
C GLY C 161 10.68 3.82 15.88
N PHE C 162 11.38 2.82 15.35
CA PHE C 162 11.43 2.65 13.89
C PHE C 162 10.09 2.21 13.35
N HIS C 163 9.35 1.38 14.10
CA HIS C 163 8.00 1.04 13.66
C HIS C 163 7.06 2.23 13.76
N GLY C 164 7.25 3.08 14.76
CA GLY C 164 6.49 4.32 14.81
C GLY C 164 6.73 5.18 13.58
N ALA C 165 7.99 5.28 13.16
CA ALA C 165 8.29 6.03 11.94
C ALA C 165 7.71 5.35 10.70
N GLU C 166 7.76 4.01 10.65
CA GLU C 166 7.24 3.30 9.49
C GLU C 166 5.73 3.46 9.37
N LEU C 167 5.01 3.38 10.48
CA LEU C 167 3.56 3.49 10.45
C LEU C 167 3.07 4.90 10.17
N ALA C 168 3.96 5.90 10.28
CA ALA C 168 3.56 7.29 10.06
C ALA C 168 3.37 7.61 8.59
N ASP C 169 3.71 6.70 7.68
CA ASP C 169 3.55 6.90 6.24
C ASP C 169 4.31 8.15 5.77
N ILE C 170 5.60 8.19 6.10
CA ILE C 170 6.42 9.36 5.81
C ILE C 170 6.85 9.32 4.35
N GLU C 171 6.58 10.40 3.62
CA GLU C 171 7.05 10.58 2.27
C GLU C 171 8.31 11.43 2.27
N LEU C 172 9.06 11.36 1.16
CA LEU C 172 10.32 12.09 1.06
C LEU C 172 10.08 13.60 1.20
N GLY C 173 10.85 14.22 2.09
CA GLY C 173 10.77 15.65 2.29
C GLY C 173 9.62 16.12 3.15
N ALA C 174 8.81 15.20 3.68
CA ALA C 174 7.67 15.59 4.49
C ALA C 174 8.11 16.08 5.87
N THR C 175 7.28 16.94 6.47
CA THR C 175 7.53 17.44 7.80
C THR C 175 6.91 16.51 8.83
N VAL C 176 7.70 16.10 9.82
CA VAL C 176 7.30 15.12 10.81
C VAL C 176 7.48 15.71 12.19
N ALA C 177 6.49 15.50 13.06
CA ALA C 177 6.55 15.93 14.46
C ALA C 177 6.62 14.70 15.36
N VAL C 178 7.53 14.74 16.33
CA VAL C 178 7.68 13.66 17.30
C VAL C 178 7.37 14.24 18.68
N LEU C 179 6.29 13.75 19.29
CA LEU C 179 5.83 14.22 20.59
C LEU C 179 6.38 13.31 21.67
N GLY C 180 7.26 13.84 22.51
CA GLY C 180 7.94 13.04 23.50
C GLY C 180 9.31 12.62 23.01
N ILE C 181 10.36 13.01 23.71
CA ILE C 181 11.72 12.76 23.24
C ILE C 181 12.48 11.87 24.21
N GLY C 182 11.77 10.93 24.84
CA GLY C 182 12.40 9.85 25.55
C GLY C 182 13.14 8.94 24.57
N PRO C 183 13.70 7.84 25.08
CA PRO C 183 14.47 6.95 24.17
C PRO C 183 13.67 6.47 22.98
N VAL C 184 12.40 6.11 23.18
CA VAL C 184 11.56 5.71 22.07
C VAL C 184 11.33 6.87 21.11
N GLY C 185 11.13 8.08 21.66
CA GLY C 185 10.98 9.25 20.81
C GLY C 185 12.24 9.59 20.04
N LEU C 186 13.40 9.43 20.68
CA LEU C 186 14.66 9.65 19.99
C LEU C 186 14.84 8.67 18.83
N MET C 187 14.51 7.39 19.08
CA MET C 187 14.55 6.41 17.99
C MET C 187 13.51 6.70 16.92
N ALA C 188 12.38 7.29 17.30
CA ALA C 188 11.40 7.71 16.30
C ALA C 188 11.94 8.83 15.42
N VAL C 189 12.67 9.77 16.02
CA VAL C 189 13.34 10.82 15.24
C VAL C 189 14.34 10.20 14.27
N ALA C 190 15.13 9.24 14.77
CA ALA C 190 16.10 8.57 13.91
C ALA C 190 15.41 7.83 12.76
N GLY C 191 14.30 7.15 13.06
CA GLY C 191 13.57 6.45 12.01
C GLY C 191 12.95 7.39 10.99
N ALA C 192 12.44 8.53 11.46
CA ALA C 192 11.91 9.53 10.54
C ALA C 192 13.00 10.05 9.61
N LYS C 193 14.20 10.27 10.14
CA LYS C 193 15.33 10.63 9.28
C LYS C 193 15.64 9.50 8.30
N LEU C 194 15.58 8.25 8.76
CA LEU C 194 15.84 7.11 7.89
C LEU C 194 14.78 6.92 6.82
N ARG C 195 13.58 7.48 7.00
CA ARG C 195 12.52 7.37 6.02
C ARG C 195 12.49 8.54 5.05
N GLY C 196 13.48 9.42 5.09
CA GLY C 196 13.56 10.52 4.15
C GLY C 196 12.74 11.74 4.53
N ALA C 197 12.49 11.95 5.82
CA ALA C 197 11.78 13.15 6.25
C ALA C 197 12.65 14.38 6.05
N GLY C 198 11.98 15.52 5.92
CA GLY C 198 12.68 16.79 5.79
C GLY C 198 12.80 17.45 7.14
N ARG C 199 11.98 18.46 7.41
CA ARG C 199 11.91 19.05 8.73
C ARG C 199 11.41 18.04 9.74
N ILE C 200 12.09 17.95 10.88
CA ILE C 200 11.67 17.10 11.99
C ILE C 200 11.56 17.98 13.22
N ILE C 201 10.37 18.04 13.80
CA ILE C 201 10.09 18.84 14.99
C ILE C 201 10.00 17.91 16.19
N ALA C 202 10.84 18.13 17.18
CA ALA C 202 10.86 17.34 18.40
C ALA C 202 10.30 18.17 19.55
N VAL C 203 9.40 17.58 20.32
CA VAL C 203 8.74 18.25 21.43
C VAL C 203 9.31 17.67 22.72
N GLY C 204 9.97 18.52 23.50
CA GLY C 204 10.55 18.09 24.76
C GLY C 204 11.31 19.24 25.39
N SER C 205 11.72 19.02 26.64
CA SER C 205 12.34 20.08 27.43
C SER C 205 13.63 19.68 28.14
N ARG C 206 13.88 18.39 28.36
CA ARG C 206 15.07 18.00 29.12
C ARG C 206 16.32 18.22 28.28
N PRO C 207 17.31 18.96 28.79
CA PRO C 207 18.50 19.29 27.98
C PRO C 207 19.22 18.10 27.38
N VAL C 208 19.39 17.00 28.12
CA VAL C 208 20.09 15.85 27.58
C VAL C 208 19.28 15.21 26.44
N CYS C 209 17.95 15.12 26.62
CA CYS C 209 17.11 14.58 25.57
C CYS C 209 17.05 15.51 24.37
N VAL C 210 17.07 16.82 24.61
CA VAL C 210 17.08 17.78 23.51
C VAL C 210 18.37 17.67 22.70
N ASP C 211 19.51 17.52 23.39
CA ASP C 211 20.77 17.33 22.70
C ASP C 211 20.78 16.04 21.89
N ALA C 212 20.25 14.95 22.47
CA ALA C 212 20.16 13.69 21.73
C ALA C 212 19.26 13.83 20.50
N ALA C 213 18.14 14.54 20.64
CA ALA C 213 17.24 14.74 19.52
C ALA C 213 17.91 15.54 18.41
N LYS C 214 18.65 16.59 18.78
CA LYS C 214 19.40 17.34 17.78
C LYS C 214 20.43 16.46 17.09
N TYR C 215 21.08 15.57 17.85
CA TYR C 215 22.05 14.66 17.26
C TYR C 215 21.39 13.70 16.27
N TYR C 216 20.19 13.21 16.59
CA TYR C 216 19.56 12.19 15.76
C TYR C 216 18.80 12.76 14.57
N GLY C 217 18.73 14.08 14.40
CA GLY C 217 18.17 14.63 13.19
C GLY C 217 17.06 15.65 13.36
N ALA C 218 16.73 16.01 14.59
CA ALA C 218 15.69 17.00 14.82
C ALA C 218 16.18 18.38 14.43
N THR C 219 15.41 19.09 13.62
CA THR C 219 15.77 20.43 13.18
C THR C 219 15.12 21.52 14.02
N ASP C 220 14.02 21.22 14.70
CA ASP C 220 13.32 22.19 15.53
C ASP C 220 12.97 21.54 16.87
N ILE C 221 13.10 22.30 17.94
CA ILE C 221 12.80 21.84 19.28
C ILE C 221 11.71 22.74 19.86
N VAL C 222 10.65 22.13 20.38
CA VAL C 222 9.52 22.85 20.96
C VAL C 222 9.50 22.57 22.45
N ASN C 223 9.65 23.62 23.25
CA ASN C 223 9.62 23.53 24.70
C ASN C 223 8.25 23.98 25.21
N TYR C 224 7.65 23.19 26.08
CA TYR C 224 6.33 23.54 26.61
C TYR C 224 6.38 24.69 27.60
N LYS C 225 7.57 25.13 28.01
CA LYS C 225 7.70 26.33 28.84
C LYS C 225 7.62 27.61 28.02
N ASP C 226 7.25 27.53 26.74
CA ASP C 226 7.12 28.71 25.89
C ASP C 226 5.71 28.86 25.34
N GLY C 227 4.72 28.22 25.97
CA GLY C 227 3.36 28.27 25.52
C GLY C 227 2.84 26.91 25.11
N PRO C 228 1.58 26.87 24.65
CA PRO C 228 1.00 25.59 24.23
C PRO C 228 1.78 24.97 23.07
N ILE C 229 1.86 23.64 23.09
CA ILE C 229 2.57 22.91 22.05
C ILE C 229 1.94 23.14 20.69
N GLU C 230 0.60 23.08 20.64
CA GLU C 230 -0.13 23.23 19.38
C GLU C 230 0.14 24.59 18.74
N SER C 231 0.06 25.66 19.54
CA SER C 231 0.27 27.00 19.00
C SER C 231 1.70 27.17 18.49
N GLN C 232 2.68 26.67 19.24
CA GLN C 232 4.08 26.77 18.81
C GLN C 232 4.30 26.02 17.51
N ILE C 233 3.78 24.80 17.40
CA ILE C 233 3.98 24.00 16.20
C ILE C 233 3.29 24.65 15.00
N MET C 234 2.06 25.15 15.20
CA MET C 234 1.37 25.83 14.10
C MET C 234 2.09 27.10 13.68
N ASN C 235 2.71 27.81 14.63
CA ASN C 235 3.51 28.98 14.27
C ASN C 235 4.75 28.57 13.49
N LEU C 236 5.36 27.44 13.85
CA LEU C 236 6.56 26.99 13.16
C LEU C 236 6.29 26.68 11.70
N THR C 237 5.15 26.05 11.40
CA THR C 237 4.79 25.65 10.05
C THR C 237 3.92 26.69 9.34
N GLU C 238 3.75 27.87 9.94
CA GLU C 238 2.94 28.95 9.36
C GLU C 238 1.50 28.49 9.09
N GLY C 239 0.94 27.74 10.03
CA GLY C 239 -0.43 27.32 9.96
C GLY C 239 -0.72 26.12 9.10
N LYS C 240 0.29 25.52 8.46
CA LYS C 240 0.06 24.37 7.60
C LYS C 240 0.00 23.07 8.39
N GLY C 241 0.66 23.00 9.55
CA GLY C 241 0.74 21.75 10.28
C GLY C 241 1.82 20.84 9.73
N VAL C 242 1.81 19.61 10.24
CA VAL C 242 2.82 18.61 9.87
C VAL C 242 2.15 17.53 9.04
N ASP C 243 2.97 16.86 8.21
CA ASP C 243 2.46 15.77 7.39
C ASP C 243 2.15 14.54 8.23
N ALA C 244 2.89 14.32 9.30
CA ALA C 244 2.67 13.16 10.16
C ALA C 244 3.21 13.46 11.55
N ALA C 245 2.63 12.79 12.55
CA ALA C 245 3.05 12.93 13.93
C ALA C 245 3.24 11.55 14.55
N ILE C 246 4.28 11.42 15.37
CA ILE C 246 4.58 10.19 16.08
C ILE C 246 4.45 10.47 17.57
N ILE C 247 3.60 9.72 18.26
CA ILE C 247 3.40 9.85 19.69
C ILE C 247 4.24 8.80 20.39
N ALA C 248 5.19 9.24 21.20
CA ALA C 248 6.08 8.35 21.93
C ALA C 248 6.02 8.51 23.44
N GLY C 249 5.37 9.56 23.94
CA GLY C 249 5.23 9.75 25.36
C GLY C 249 4.25 10.85 25.67
N GLY C 250 3.75 10.83 26.90
CA GLY C 250 2.80 11.84 27.35
C GLY C 250 1.50 11.26 27.86
N ASN C 251 0.45 12.07 27.87
CA ASN C 251 -0.86 11.69 28.35
C ASN C 251 -1.88 11.85 27.22
N ALA C 252 -3.16 11.69 27.56
CA ALA C 252 -4.23 11.75 26.56
C ALA C 252 -4.31 13.10 25.87
N ASP C 253 -3.80 14.17 26.49
CA ASP C 253 -3.81 15.48 25.84
C ASP C 253 -2.88 15.53 24.64
N ILE C 254 -1.83 14.70 24.64
CA ILE C 254 -0.91 14.68 23.50
C ILE C 254 -1.60 14.11 22.27
N MET C 255 -2.57 13.22 22.47
CA MET C 255 -3.34 12.71 21.33
C MET C 255 -4.18 13.81 20.69
N ALA C 256 -4.82 14.65 21.52
CA ALA C 256 -5.57 15.78 20.99
C ALA C 256 -4.65 16.76 20.29
N THR C 257 -3.48 17.02 20.86
CA THR C 257 -2.53 17.91 20.20
C THR C 257 -2.09 17.35 18.85
N ALA C 258 -1.79 16.04 18.79
CA ALA C 258 -1.39 15.42 17.54
C ALA C 258 -2.50 15.51 16.50
N VAL C 259 -3.76 15.27 16.91
CA VAL C 259 -4.87 15.41 16.00
C VAL C 259 -4.97 16.84 15.49
N LYS C 260 -4.72 17.81 16.38
CA LYS C 260 -4.84 19.21 15.98
C LYS C 260 -3.76 19.61 14.97
N ILE C 261 -2.53 19.10 15.13
CA ILE C 261 -1.41 19.60 14.33
C ILE C 261 -1.24 18.90 12.99
N VAL C 262 -1.79 17.71 12.81
CA VAL C 262 -1.62 16.96 11.56
C VAL C 262 -2.62 17.46 10.53
N LYS C 263 -2.17 17.61 9.29
CA LYS C 263 -3.02 18.07 8.21
C LYS C 263 -4.02 16.98 7.82
N PRO C 264 -5.13 17.36 7.19
CA PRO C 264 -6.12 16.36 6.76
C PRO C 264 -5.51 15.32 5.84
N GLY C 265 -5.88 14.06 6.05
CA GLY C 265 -5.30 12.95 5.32
C GLY C 265 -4.00 12.43 5.88
N GLY C 266 -3.45 13.07 6.91
CA GLY C 266 -2.20 12.63 7.50
C GLY C 266 -2.38 11.47 8.46
N THR C 267 -1.27 10.95 8.95
CA THR C 267 -1.24 9.80 9.83
C THR C 267 -0.64 10.16 11.17
N ILE C 268 -1.27 9.67 12.24
CA ILE C 268 -0.75 9.79 13.60
C ILE C 268 -0.39 8.39 14.06
N ALA C 269 0.90 8.15 14.30
CA ALA C 269 1.38 6.87 14.79
C ALA C 269 1.54 6.93 16.30
N ASN C 270 0.98 5.95 17.00
CA ASN C 270 1.02 5.88 18.45
C ASN C 270 1.81 4.65 18.86
N VAL C 271 3.00 4.86 19.44
CA VAL C 271 3.82 3.79 19.97
C VAL C 271 4.13 4.01 21.44
N ASN C 272 3.34 4.84 22.12
CA ASN C 272 3.54 5.14 23.53
C ASN C 272 2.88 4.04 24.35
N TYR C 273 3.69 3.13 24.89
CA TYR C 273 3.15 2.03 25.67
C TYR C 273 2.66 2.51 27.03
N PHE C 274 1.48 2.05 27.41
CA PHE C 274 0.87 2.37 28.70
C PHE C 274 0.74 3.88 28.91
N PRO C 283 -12.83 12.95 17.94
CA PRO C 283 -13.63 14.03 17.34
C PRO C 283 -14.70 13.53 16.39
N ARG C 284 -15.48 14.44 15.83
CA ARG C 284 -16.57 14.11 14.91
C ARG C 284 -16.25 14.64 13.52
N LEU C 285 -16.69 13.89 12.50
CA LEU C 285 -16.46 14.28 11.13
C LEU C 285 -17.27 15.51 10.77
N GLU C 286 -16.60 16.54 10.25
CA GLU C 286 -17.24 17.79 9.91
C GLU C 286 -16.74 18.27 8.56
N TRP C 287 -17.58 19.05 7.87
CA TRP C 287 -17.20 19.60 6.58
C TRP C 287 -16.12 20.66 6.72
N GLY C 288 -16.19 21.48 7.76
CA GLY C 288 -15.27 22.58 7.96
C GLY C 288 -14.12 22.33 8.90
N CYS C 289 -14.04 21.16 9.52
CA CYS C 289 -12.96 20.82 10.43
C CYS C 289 -12.31 19.53 9.99
N GLY C 290 -10.99 19.56 9.79
CA GLY C 290 -10.23 18.42 9.38
C GLY C 290 -9.69 17.56 10.50
N MET C 291 -10.09 17.80 11.74
CA MET C 291 -9.54 17.06 12.87
C MET C 291 -9.86 15.58 12.80
N ALA C 292 -11.06 15.22 12.34
CA ALA C 292 -11.45 13.83 12.25
C ALA C 292 -11.08 13.17 10.92
N HIS C 293 -10.57 13.93 9.95
CA HIS C 293 -10.17 13.37 8.67
C HIS C 293 -8.74 12.85 8.76
N LYS C 294 -8.47 11.96 9.71
CA LYS C 294 -7.12 11.52 10.01
C LYS C 294 -7.08 9.99 10.08
N THR C 295 -5.87 9.46 10.03
CA THR C 295 -5.61 8.05 10.24
C THR C 295 -4.76 7.89 11.50
N ILE C 296 -5.22 7.09 12.44
CA ILE C 296 -4.51 6.82 13.68
C ILE C 296 -4.10 5.36 13.68
N LYS C 297 -2.79 5.11 13.68
CA LYS C 297 -2.24 3.76 13.69
C LYS C 297 -1.47 3.55 14.98
N GLY C 298 -1.73 2.43 15.65
CA GLY C 298 -1.06 2.12 16.90
C GLY C 298 -0.71 0.65 16.97
N GLY C 299 0.41 0.38 17.65
CA GLY C 299 0.80 -1.00 17.90
C GLY C 299 2.25 -1.18 18.30
N LEU C 300 2.48 -2.05 19.28
CA LEU C 300 3.83 -2.48 19.64
C LEU C 300 4.11 -3.84 18.98
N CYS C 301 3.93 -3.85 17.66
CA CYS C 301 3.86 -5.08 16.89
C CYS C 301 5.21 -5.78 16.67
N PRO C 302 6.19 -5.14 16.02
CA PRO C 302 7.22 -5.93 15.31
C PRO C 302 8.25 -6.58 16.22
N GLY C 303 8.28 -7.92 16.20
CA GLY C 303 9.34 -8.68 16.83
C GLY C 303 9.76 -9.84 15.94
N GLY C 304 10.91 -10.41 16.25
CA GLY C 304 11.37 -11.60 15.58
C GLY C 304 12.74 -11.43 14.93
N ARG C 305 13.20 -12.55 14.37
CA ARG C 305 14.56 -12.67 13.86
C ARG C 305 14.81 -11.75 12.68
N LEU C 306 13.86 -11.66 11.74
CA LEU C 306 14.06 -10.82 10.57
C LEU C 306 14.15 -9.35 10.96
N ARG C 307 13.28 -8.92 11.87
CA ARG C 307 13.31 -7.54 12.35
C ARG C 307 14.65 -7.23 13.03
N MET C 308 15.10 -8.13 13.91
CA MET C 308 16.38 -7.93 14.57
C MET C 308 17.53 -7.91 13.56
N GLU C 309 17.50 -8.77 12.56
CA GLU C 309 18.56 -8.82 11.56
C GLU C 309 18.62 -7.54 10.75
N ARG C 310 17.46 -7.00 10.37
CA ARG C 310 17.46 -5.76 9.59
C ARG C 310 17.94 -4.57 10.44
N LEU C 311 17.55 -4.52 11.72
CA LEU C 311 18.07 -3.48 12.58
C LEU C 311 19.58 -3.61 12.78
N ILE C 312 20.06 -4.85 12.90
CA ILE C 312 21.50 -5.09 13.03
C ILE C 312 22.22 -4.63 11.77
N ASP C 313 21.61 -4.86 10.60
CA ASP C 313 22.21 -4.37 9.35
C ASP C 313 22.26 -2.85 9.33
N LEU C 314 21.21 -2.20 9.82
CA LEU C 314 21.22 -0.74 9.89
C LEU C 314 22.34 -0.23 10.78
N VAL C 315 22.55 -0.88 11.92
CA VAL C 315 23.63 -0.45 12.82
C VAL C 315 24.99 -0.75 12.21
N PHE C 316 25.14 -1.92 11.59
CA PHE C 316 26.45 -2.37 11.09
C PHE C 316 26.97 -1.45 9.98
N TYR C 317 26.09 -1.01 9.08
CA TYR C 317 26.49 -0.16 7.97
C TYR C 317 26.43 1.33 8.32
N LYS C 318 26.47 1.66 9.61
CA LYS C 318 26.59 3.04 10.10
C LYS C 318 25.44 3.93 9.63
N ARG C 319 24.26 3.35 9.44
CA ARG C 319 23.08 4.16 9.14
C ARG C 319 22.52 4.84 10.38
N VAL C 320 22.79 4.29 11.56
CA VAL C 320 22.31 4.85 12.82
C VAL C 320 23.22 4.38 13.93
N ASP C 321 23.46 5.27 14.90
CA ASP C 321 24.30 4.95 16.06
C ASP C 321 23.49 5.11 17.34
N PRO C 322 22.97 4.03 17.91
CA PRO C 322 22.16 4.14 19.13
C PRO C 322 22.97 4.29 20.41
N SER C 323 24.29 4.46 20.33
CA SER C 323 25.11 4.60 21.54
C SER C 323 24.81 5.89 22.28
N LYS C 324 24.28 6.91 21.61
CA LYS C 324 23.96 8.17 22.26
C LYS C 324 22.86 8.01 23.30
N LEU C 325 22.02 6.99 23.19
CA LEU C 325 20.98 6.75 24.18
C LEU C 325 21.55 6.36 25.53
N VAL C 326 22.71 5.71 25.55
CA VAL C 326 23.28 5.16 26.77
C VAL C 326 24.03 6.28 27.49
N THR C 327 23.48 6.73 28.62
CA THR C 327 24.11 7.76 29.43
C THR C 327 24.80 7.21 30.67
N HIS C 328 24.37 6.05 31.17
CA HIS C 328 24.95 5.44 32.35
C HIS C 328 25.31 3.99 32.03
N VAL C 329 26.54 3.60 32.33
CA VAL C 329 27.03 2.26 32.09
C VAL C 329 27.47 1.66 33.43
N PHE C 330 26.97 0.47 33.73
CA PHE C 330 27.32 -0.24 34.95
C PHE C 330 27.94 -1.58 34.61
N ARG C 331 28.82 -2.06 35.49
CA ARG C 331 29.51 -3.33 35.32
C ARG C 331 29.14 -4.26 36.47
N GLY C 332 28.81 -5.49 36.16
CA GLY C 332 28.55 -6.47 37.19
C GLY C 332 27.07 -6.78 37.34
N PHE C 333 26.80 -8.01 37.80
CA PHE C 333 25.42 -8.45 37.96
C PHE C 333 24.71 -7.68 39.07
N ASP C 334 25.44 -7.32 40.12
CA ASP C 334 24.84 -6.68 41.28
C ASP C 334 24.35 -5.26 41.01
N ASN C 335 24.71 -4.67 39.87
CA ASN C 335 24.31 -3.31 39.55
C ASN C 335 22.97 -3.24 38.83
N ILE C 336 22.31 -4.38 38.61
CA ILE C 336 20.99 -4.38 37.99
C ILE C 336 19.99 -3.64 38.88
N GLU C 337 20.04 -3.90 40.19
CA GLU C 337 19.14 -3.20 41.11
C GLU C 337 19.41 -1.71 41.12
N LYS C 338 20.69 -1.30 41.08
CA LYS C 338 21.03 0.10 41.03
C LYS C 338 20.51 0.76 39.76
N ALA C 339 20.64 0.08 38.62
CA ALA C 339 20.10 0.62 37.37
C ALA C 339 18.59 0.74 37.42
N PHE C 340 17.92 -0.26 38.01
CA PHE C 340 16.47 -0.20 38.15
C PHE C 340 16.04 0.96 39.04
N MET C 341 16.76 1.18 40.14
CA MET C 341 16.48 2.32 41.01
C MET C 341 16.70 3.64 40.28
N LEU C 342 17.77 3.72 39.48
CA LEU C 342 18.00 4.92 38.67
C LEU C 342 16.84 5.16 37.72
N MET C 343 16.33 4.08 37.10
CA MET C 343 15.15 4.20 36.26
C MET C 343 13.94 4.67 37.07
N LYS C 344 13.87 4.30 38.34
CA LYS C 344 12.72 4.69 39.16
C LYS C 344 12.72 6.19 39.45
N ASP C 345 13.86 6.73 39.87
CA ASP C 345 13.94 8.11 40.30
C ASP C 345 14.21 9.09 39.16
N LYS C 346 14.49 8.58 37.95
CA LYS C 346 14.69 9.32 36.70
C LYS C 346 15.45 10.62 36.92
N PRO C 347 16.76 10.57 37.21
CA PRO C 347 17.51 11.80 37.43
C PRO C 347 17.63 12.68 36.20
N LYS C 348 18.27 13.84 36.35
CA LYS C 348 18.30 14.84 35.30
C LYS C 348 19.04 14.35 34.06
N ASP C 349 20.18 13.69 34.25
CA ASP C 349 21.08 13.37 33.15
C ASP C 349 20.87 11.97 32.60
N LEU C 350 19.79 11.29 32.96
CA LEU C 350 19.58 9.90 32.59
C LEU C 350 18.67 9.80 31.36
N ILE C 351 19.09 9.02 30.37
CA ILE C 351 18.24 8.59 29.27
C ILE C 351 18.00 7.09 29.34
N LYS C 352 19.06 6.30 29.29
CA LYS C 352 18.95 4.84 29.35
C LYS C 352 20.20 4.23 30.00
N PRO C 353 20.05 3.52 31.11
CA PRO C 353 21.19 2.83 31.71
C PRO C 353 21.36 1.43 31.16
N VAL C 354 22.63 1.02 31.09
CA VAL C 354 23.00 -0.29 30.56
C VAL C 354 23.95 -0.97 31.55
N VAL C 355 23.69 -2.25 31.82
CA VAL C 355 24.53 -3.05 32.71
C VAL C 355 25.26 -4.08 31.86
N ILE C 356 26.59 -4.04 31.91
CA ILE C 356 27.44 -4.96 31.16
C ILE C 356 27.85 -6.09 32.09
N LEU C 357 27.58 -7.33 31.67
CA LEU C 357 27.92 -8.49 32.48
C LEU C 357 29.29 -9.04 32.10
N HIS D 6 -33.20 35.47 -11.67
CA HIS D 6 -34.03 35.28 -10.50
C HIS D 6 -34.78 33.96 -10.56
N HIS D 7 -34.48 33.05 -9.63
CA HIS D 7 -35.05 31.72 -9.63
C HIS D 7 -35.54 31.37 -8.23
N LYS D 8 -36.32 30.28 -8.16
CA LYS D 8 -36.82 29.76 -6.90
C LYS D 8 -35.81 28.84 -6.25
N GLY D 9 -35.92 28.71 -4.93
CA GLY D 9 -35.06 27.80 -4.18
C GLY D 9 -35.55 27.55 -2.77
N PHE D 10 -35.45 26.31 -2.32
CA PHE D 10 -35.80 25.94 -0.95
C PHE D 10 -34.58 26.19 -0.07
N ALA D 11 -34.67 27.19 0.81
CA ALA D 11 -33.51 27.68 1.53
C ALA D 11 -33.76 27.64 3.03
N MET D 12 -32.66 27.64 3.78
CA MET D 12 -32.69 27.75 5.23
C MET D 12 -32.80 29.22 5.59
N LEU D 13 -33.93 29.62 6.17
CA LEU D 13 -34.11 31.01 6.58
C LEU D 13 -33.22 31.35 7.77
N SER D 14 -33.16 30.46 8.75
CA SER D 14 -32.37 30.62 9.96
C SER D 14 -32.30 29.25 10.63
N ILE D 15 -31.76 29.22 11.84
CA ILE D 15 -31.69 27.96 12.58
C ILE D 15 -33.11 27.56 12.99
N GLY D 16 -33.67 26.55 12.30
CA GLY D 16 -35.00 26.08 12.58
C GLY D 16 -36.08 26.61 11.66
N LYS D 17 -35.74 27.41 10.67
CA LYS D 17 -36.72 28.00 9.76
C LYS D 17 -36.33 27.71 8.33
N VAL D 18 -37.29 27.22 7.54
CA VAL D 18 -37.10 26.93 6.13
C VAL D 18 -38.26 27.53 5.34
N GLY D 19 -38.02 27.81 4.07
CA GLY D 19 -39.06 28.37 3.23
C GLY D 19 -38.55 28.58 1.81
N TRP D 20 -39.48 28.97 0.95
CA TRP D 20 -39.17 29.26 -0.45
C TRP D 20 -38.85 30.74 -0.60
N ILE D 21 -37.72 31.04 -1.22
CA ILE D 21 -37.26 32.41 -1.40
C ILE D 21 -36.80 32.61 -2.84
N GLU D 22 -36.66 33.89 -3.22
CA GLU D 22 -36.16 34.28 -4.53
C GLU D 22 -34.72 34.73 -4.42
N LYS D 23 -33.87 34.22 -5.30
CA LYS D 23 -32.46 34.59 -5.34
C LYS D 23 -32.05 34.86 -6.78
N GLU D 24 -30.99 35.66 -6.92
CA GLU D 24 -30.46 35.97 -8.24
C GLU D 24 -29.94 34.70 -8.90
N LYS D 25 -30.22 34.56 -10.19
CA LYS D 25 -29.80 33.37 -10.92
C LYS D 25 -28.28 33.34 -11.04
N PRO D 26 -27.62 32.25 -10.64
CA PRO D 26 -26.15 32.21 -10.70
C PRO D 26 -25.65 32.28 -12.13
N ALA D 27 -24.48 32.90 -12.29
CA ALA D 27 -23.81 33.03 -13.57
C ALA D 27 -22.51 32.23 -13.57
N PRO D 28 -22.16 31.58 -14.67
CA PRO D 28 -20.97 30.74 -14.69
C PRO D 28 -19.70 31.49 -15.10
N GLY D 29 -18.61 31.17 -14.40
CA GLY D 29 -17.32 31.65 -14.79
C GLY D 29 -16.79 30.90 -16.00
N PRO D 30 -15.57 31.25 -16.43
CA PRO D 30 -14.99 30.59 -17.61
C PRO D 30 -14.83 29.09 -17.45
N PHE D 31 -14.63 28.59 -16.23
CA PHE D 31 -14.45 27.16 -15.99
C PHE D 31 -15.67 26.53 -15.30
N ASP D 32 -16.77 27.26 -15.18
CA ASP D 32 -17.93 26.80 -14.43
C ASP D 32 -19.06 26.42 -15.38
N ALA D 33 -20.11 25.83 -14.79
CA ALA D 33 -21.31 25.47 -15.53
C ALA D 33 -22.53 25.67 -14.65
N ILE D 34 -23.67 25.92 -15.29
CA ILE D 34 -24.96 26.06 -14.62
C ILE D 34 -25.78 24.82 -14.94
N VAL D 35 -26.34 24.20 -13.91
CA VAL D 35 -27.06 22.94 -14.04
C VAL D 35 -28.45 23.10 -13.45
N ARG D 36 -29.47 22.61 -14.17
CA ARG D 36 -30.79 22.52 -13.59
C ARG D 36 -31.07 21.07 -13.18
N PRO D 37 -31.68 20.85 -12.03
CA PRO D 37 -31.82 19.49 -11.50
C PRO D 37 -32.95 18.71 -12.17
N LEU D 38 -32.72 17.42 -12.35
CA LEU D 38 -33.75 16.49 -12.79
C LEU D 38 -34.26 15.60 -11.67
N ALA D 39 -33.42 15.30 -10.69
CA ALA D 39 -33.82 14.55 -9.51
C ALA D 39 -32.94 14.98 -8.35
N VAL D 40 -33.55 15.19 -7.18
CA VAL D 40 -32.83 15.61 -5.98
C VAL D 40 -33.26 14.72 -4.82
N ALA D 41 -32.42 14.71 -3.78
CA ALA D 41 -32.68 13.92 -2.59
C ALA D 41 -32.24 14.69 -1.35
N PRO D 42 -33.12 14.90 -0.37
CA PRO D 42 -32.70 15.49 0.90
C PRO D 42 -31.82 14.52 1.69
N CYS D 43 -31.01 15.10 2.57
CA CYS D 43 -30.06 14.33 3.38
C CYS D 43 -30.23 14.70 4.84
N THR D 44 -29.74 13.81 5.71
CA THR D 44 -29.74 14.10 7.14
C THR D 44 -28.81 15.27 7.47
N SER D 45 -27.80 15.51 6.63
CA SER D 45 -26.90 16.63 6.84
C SER D 45 -27.65 17.96 6.76
N ASP D 46 -28.61 18.07 5.83
CA ASP D 46 -29.41 19.29 5.74
C ASP D 46 -30.22 19.51 7.02
N ILE D 47 -30.78 18.43 7.58
CA ILE D 47 -31.55 18.55 8.80
C ILE D 47 -30.65 18.95 9.97
N HIS D 48 -29.46 18.35 10.05
CA HIS D 48 -28.51 18.74 11.10
C HIS D 48 -28.11 20.20 10.96
N THR D 49 -27.93 20.67 9.72
CA THR D 49 -27.58 22.07 9.51
C THR D 49 -28.71 23.00 9.95
N VAL D 50 -29.94 22.68 9.55
CA VAL D 50 -31.06 23.59 9.81
C VAL D 50 -31.42 23.60 11.29
N PHE D 51 -31.51 22.43 11.92
CA PHE D 51 -32.10 22.32 13.24
C PHE D 51 -31.09 22.07 14.37
N GLU D 52 -29.90 21.57 14.06
CA GLU D 52 -28.90 21.30 15.08
C GLU D 52 -27.74 22.29 15.07
N GLY D 53 -27.73 23.24 14.14
CA GLY D 53 -26.65 24.20 14.05
C GLY D 53 -25.31 23.54 13.78
N ALA D 54 -25.29 22.61 12.82
CA ALA D 54 -24.07 21.85 12.54
C ALA D 54 -22.95 22.72 11.99
N ILE D 55 -23.28 23.68 11.13
CA ILE D 55 -22.30 24.52 10.46
C ILE D 55 -22.41 25.98 10.87
N GLY D 56 -23.19 26.29 11.91
CA GLY D 56 -23.33 27.66 12.36
C GLY D 56 -24.61 28.31 11.88
N GLU D 57 -24.59 29.63 11.74
CA GLU D 57 -25.76 30.40 11.33
C GLU D 57 -25.70 30.69 9.84
N ARG D 58 -26.82 30.46 9.16
CA ARG D 58 -26.95 30.72 7.73
C ARG D 58 -28.22 31.53 7.49
N HIS D 59 -28.20 32.34 6.43
CA HIS D 59 -29.33 33.18 6.08
C HIS D 59 -29.60 33.06 4.58
N ASN D 60 -30.81 32.61 4.24
CA ASN D 60 -31.24 32.50 2.84
C ASN D 60 -30.27 31.66 2.02
N MET D 61 -29.85 30.53 2.58
CA MET D 61 -28.94 29.61 1.91
C MET D 61 -29.72 28.42 1.37
N ILE D 62 -29.68 28.23 0.05
CA ILE D 62 -30.38 27.11 -0.56
C ILE D 62 -29.75 25.80 -0.12
N LEU D 63 -30.59 24.84 0.25
CA LEU D 63 -30.14 23.57 0.79
C LEU D 63 -29.97 22.53 -0.32
N GLY D 64 -29.51 21.34 0.07
CA GLY D 64 -29.39 20.22 -0.85
C GLY D 64 -28.02 20.07 -1.48
N HIS D 65 -27.51 18.84 -1.52
CA HIS D 65 -26.25 18.56 -2.19
C HIS D 65 -26.24 17.23 -2.92
N GLU D 66 -27.40 16.69 -3.28
CA GLU D 66 -27.51 15.42 -3.99
C GLU D 66 -28.46 15.62 -5.17
N ALA D 67 -27.90 15.82 -6.36
CA ALA D 67 -28.71 16.11 -7.53
C ALA D 67 -28.15 15.43 -8.77
N VAL D 68 -29.06 15.00 -9.63
CA VAL D 68 -28.76 14.62 -11.00
C VAL D 68 -29.45 15.64 -11.89
N GLY D 69 -28.71 16.25 -12.80
CA GLY D 69 -29.23 17.38 -13.56
C GLY D 69 -28.77 17.39 -14.99
N GLU D 70 -29.24 18.41 -15.71
CA GLU D 70 -28.89 18.64 -17.11
C GLU D 70 -28.16 19.97 -17.23
N VAL D 71 -27.05 19.97 -17.95
CA VAL D 71 -26.29 21.20 -18.15
C VAL D 71 -27.10 22.17 -18.99
N VAL D 72 -27.18 23.42 -18.55
CA VAL D 72 -27.88 24.45 -19.30
C VAL D 72 -26.96 25.58 -19.75
N GLU D 73 -25.79 25.73 -19.14
CA GLU D 73 -24.86 26.79 -19.51
C GLU D 73 -23.47 26.40 -19.05
N VAL D 74 -22.46 26.73 -19.86
CA VAL D 74 -21.07 26.44 -19.54
C VAL D 74 -20.24 27.70 -19.76
N GLY D 75 -19.05 27.71 -19.16
CA GLY D 75 -18.10 28.78 -19.39
C GLY D 75 -17.38 28.63 -20.70
N SER D 76 -16.63 29.68 -21.05
CA SER D 76 -15.89 29.69 -22.31
C SER D 76 -14.78 28.64 -22.35
N GLU D 77 -14.23 28.28 -21.20
CA GLU D 77 -13.12 27.31 -21.13
C GLU D 77 -13.61 25.89 -20.88
N VAL D 78 -14.91 25.65 -20.84
CA VAL D 78 -15.46 24.32 -20.62
C VAL D 78 -15.50 23.59 -21.97
N LYS D 79 -14.92 22.39 -22.00
CA LYS D 79 -14.77 21.64 -23.24
C LYS D 79 -15.48 20.30 -23.27
N ASP D 80 -15.56 19.59 -22.14
CA ASP D 80 -16.11 18.24 -22.13
C ASP D 80 -17.61 18.18 -21.93
N PHE D 81 -18.27 19.30 -21.64
CA PHE D 81 -19.70 19.32 -21.41
C PHE D 81 -20.30 20.53 -22.11
N LYS D 82 -21.52 20.36 -22.61
CA LYS D 82 -22.25 21.39 -23.31
C LYS D 82 -23.70 21.37 -22.83
N PRO D 83 -24.44 22.47 -23.02
CA PRO D 83 -25.84 22.50 -22.60
C PRO D 83 -26.64 21.36 -23.23
N GLY D 84 -27.52 20.76 -22.43
CA GLY D 84 -28.29 19.62 -22.83
C GLY D 84 -27.75 18.30 -22.34
N ASP D 85 -26.50 18.26 -21.87
CA ASP D 85 -25.91 17.01 -21.41
C ASP D 85 -26.46 16.63 -20.05
N ARG D 86 -26.83 15.36 -19.91
CA ARG D 86 -27.31 14.82 -18.64
C ARG D 86 -26.11 14.37 -17.82
N VAL D 87 -25.97 14.91 -16.61
CA VAL D 87 -24.78 14.73 -15.81
C VAL D 87 -25.16 14.33 -14.38
N VAL D 88 -24.18 13.76 -13.68
CA VAL D 88 -24.25 13.51 -12.25
C VAL D 88 -23.33 14.48 -11.55
N VAL D 89 -23.85 15.19 -10.55
CA VAL D 89 -23.12 16.22 -9.83
C VAL D 89 -22.68 15.64 -8.49
N PRO D 90 -21.39 15.48 -8.24
CA PRO D 90 -20.94 14.99 -6.93
C PRO D 90 -21.22 15.99 -5.83
N ALA D 91 -21.44 15.47 -4.62
CA ALA D 91 -21.66 16.32 -3.47
C ALA D 91 -20.41 17.12 -3.11
N ASN D 92 -19.24 16.51 -3.26
CA ASN D 92 -17.96 17.17 -3.01
C ASN D 92 -17.39 17.64 -4.35
N THR D 93 -17.16 18.94 -4.49
CA THR D 93 -16.64 19.55 -5.71
C THR D 93 -15.38 20.32 -5.36
N PRO D 94 -14.23 19.66 -5.33
CA PRO D 94 -12.98 20.33 -4.92
C PRO D 94 -12.54 21.37 -5.93
N ASP D 95 -11.75 22.32 -5.42
CA ASP D 95 -11.08 23.29 -6.28
C ASP D 95 -9.83 22.63 -6.87
N TRP D 96 -9.80 22.52 -8.19
CA TRP D 96 -8.75 21.75 -8.85
C TRP D 96 -7.59 22.60 -9.36
N ARG D 97 -7.73 23.92 -9.40
CA ARG D 97 -6.62 24.79 -9.76
C ARG D 97 -5.86 25.26 -8.52
N THR D 98 -5.48 24.33 -7.66
CA THR D 98 -4.70 24.61 -6.47
C THR D 98 -3.70 23.48 -6.26
N SER D 99 -2.49 23.84 -5.83
CA SER D 99 -1.46 22.84 -5.59
C SER D 99 -1.82 21.89 -4.45
N GLU D 100 -2.79 22.28 -3.61
CA GLU D 100 -3.22 21.41 -2.52
C GLU D 100 -3.78 20.09 -3.05
N VAL D 101 -4.39 20.11 -4.23
CA VAL D 101 -4.95 18.90 -4.82
C VAL D 101 -3.86 17.89 -5.15
N GLN D 102 -2.62 18.35 -5.33
CA GLN D 102 -1.52 17.44 -5.66
C GLN D 102 -1.09 16.58 -4.48
N ARG D 103 -1.43 16.97 -3.25
CA ARG D 103 -0.94 16.24 -2.08
C ARG D 103 -1.43 14.80 -2.10
N GLY D 104 -2.74 14.60 -1.99
CA GLY D 104 -3.33 13.29 -2.20
C GLY D 104 -3.15 12.29 -1.09
N TYR D 105 -4.16 11.47 -0.87
CA TYR D 105 -4.11 10.38 0.09
C TYR D 105 -5.23 9.39 -0.26
N HIS D 106 -5.15 8.21 0.33
CA HIS D 106 -6.12 7.14 0.08
C HIS D 106 -6.20 6.80 -1.41
N GLN D 107 -5.08 6.95 -2.12
CA GLN D 107 -4.99 6.67 -3.55
C GLN D 107 -5.93 7.54 -4.39
N HIS D 108 -6.26 8.73 -3.89
CA HIS D 108 -7.01 9.71 -4.66
C HIS D 108 -6.37 11.09 -4.48
N SER D 109 -6.96 12.09 -5.11
CA SER D 109 -6.43 13.44 -5.05
C SER D 109 -6.66 14.05 -3.68
N GLY D 110 -5.94 15.14 -3.41
CA GLY D 110 -6.01 15.85 -2.16
C GLY D 110 -6.93 17.05 -2.22
N GLY D 111 -6.78 17.93 -1.23
CA GLY D 111 -7.60 19.13 -1.16
C GLY D 111 -9.09 18.85 -1.02
N MET D 112 -9.45 17.73 -0.40
CA MET D 112 -10.85 17.33 -0.28
C MET D 112 -11.43 17.79 1.05
N LEU D 113 -11.25 19.07 1.35
CA LEU D 113 -11.89 19.71 2.49
C LEU D 113 -12.61 20.97 2.02
N ALA D 114 -12.06 21.62 1.00
CA ALA D 114 -12.70 22.76 0.37
C ALA D 114 -13.72 22.34 -0.70
N GLY D 115 -13.86 21.04 -0.96
CA GLY D 115 -14.83 20.57 -1.92
C GLY D 115 -16.25 20.53 -1.40
N TRP D 116 -16.43 20.60 -0.08
CA TRP D 116 -17.77 20.59 0.51
C TRP D 116 -18.31 22.00 0.44
N LYS D 117 -18.86 22.36 -0.71
CA LYS D 117 -19.37 23.70 -0.98
C LYS D 117 -20.89 23.77 -0.95
N PHE D 118 -21.57 22.81 -1.55
CA PHE D 118 -23.02 22.84 -1.64
C PHE D 118 -23.65 22.85 -0.25
N SER D 119 -24.58 23.79 -0.04
CA SER D 119 -25.33 23.95 1.21
C SER D 119 -24.45 24.24 2.41
N ASN D 120 -23.17 24.58 2.20
CA ASN D 120 -22.27 24.95 3.28
C ASN D 120 -21.75 26.36 3.13
N VAL D 121 -21.12 26.68 1.99
CA VAL D 121 -20.59 28.02 1.72
C VAL D 121 -21.11 28.47 0.37
N LYS D 122 -22.06 27.72 -0.18
CA LYS D 122 -22.58 27.97 -1.51
C LYS D 122 -24.01 27.46 -1.57
N ASP D 123 -24.81 28.07 -2.46
CA ASP D 123 -26.19 27.66 -2.60
C ASP D 123 -26.29 26.20 -3.05
N GLY D 124 -27.27 25.50 -2.50
CA GLY D 124 -27.43 24.08 -2.75
C GLY D 124 -28.15 23.80 -4.06
N VAL D 125 -28.59 22.55 -4.20
CA VAL D 125 -29.23 22.09 -5.43
C VAL D 125 -30.74 22.17 -5.40
N PHE D 126 -31.34 22.57 -4.27
CA PHE D 126 -32.80 22.62 -4.18
C PHE D 126 -33.34 23.91 -4.79
N GLY D 127 -32.95 24.19 -6.03
CA GLY D 127 -33.41 25.36 -6.74
C GLY D 127 -33.59 25.06 -8.21
N GLU D 128 -34.08 26.06 -8.94
CA GLU D 128 -34.25 25.89 -10.38
C GLU D 128 -32.90 25.77 -11.08
N PHE D 129 -31.85 26.37 -10.54
CA PHE D 129 -30.51 26.24 -11.08
C PHE D 129 -29.51 26.28 -9.94
N PHE D 130 -28.32 25.74 -10.19
CA PHE D 130 -27.22 25.86 -9.25
C PHE D 130 -25.90 25.91 -10.01
N HIS D 131 -24.84 26.25 -9.30
CA HIS D 131 -23.54 26.54 -9.87
C HIS D 131 -22.57 25.42 -9.53
N VAL D 132 -21.85 24.92 -10.53
CA VAL D 132 -20.83 23.90 -10.36
C VAL D 132 -19.49 24.46 -10.80
N ASN D 133 -18.53 24.47 -9.90
CA ASN D 133 -17.19 24.96 -10.21
C ASN D 133 -16.34 23.87 -10.83
N ASP D 134 -15.48 24.27 -11.77
CA ASP D 134 -14.57 23.35 -12.46
C ASP D 134 -15.34 22.18 -13.08
N ALA D 135 -16.21 22.53 -14.04
CA ALA D 135 -17.16 21.56 -14.57
C ALA D 135 -16.46 20.38 -15.23
N ASP D 136 -15.41 20.62 -16.01
CA ASP D 136 -14.70 19.54 -16.67
C ASP D 136 -14.02 18.61 -15.68
N MET D 137 -13.76 19.07 -14.46
CA MET D 137 -13.10 18.27 -13.45
C MET D 137 -14.07 17.64 -12.46
N ASN D 138 -15.34 18.04 -12.46
CA ASN D 138 -16.29 17.60 -11.45
C ASN D 138 -17.48 16.84 -12.02
N LEU D 139 -18.06 17.30 -13.13
CA LEU D 139 -19.24 16.66 -13.69
C LEU D 139 -18.87 15.34 -14.38
N ALA D 140 -19.86 14.45 -14.45
CA ALA D 140 -19.69 13.17 -15.12
C ALA D 140 -20.94 12.87 -15.95
N HIS D 141 -20.73 12.34 -17.15
CA HIS D 141 -21.84 12.01 -18.03
C HIS D 141 -22.67 10.86 -17.47
N LEU D 142 -24.00 11.00 -17.57
CA LEU D 142 -24.91 9.97 -17.10
C LEU D 142 -25.54 9.27 -18.29
N PRO D 143 -25.30 7.97 -18.47
CA PRO D 143 -25.94 7.25 -19.57
C PRO D 143 -27.45 7.19 -19.40
N LYS D 144 -28.15 7.15 -20.54
CA LYS D 144 -29.61 7.18 -20.52
C LYS D 144 -30.22 5.90 -19.97
N GLU D 145 -29.44 4.82 -19.87
CA GLU D 145 -29.96 3.54 -19.39
C GLU D 145 -30.06 3.47 -17.87
N ILE D 146 -29.55 4.46 -17.15
CA ILE D 146 -29.59 4.48 -15.69
C ILE D 146 -30.79 5.31 -15.25
N PRO D 147 -31.72 4.77 -14.48
CA PRO D 147 -32.86 5.57 -14.02
C PRO D 147 -32.43 6.67 -13.07
N LEU D 148 -33.26 7.73 -13.02
CA LEU D 148 -32.92 8.91 -12.23
C LEU D 148 -32.82 8.59 -10.75
N GLU D 149 -33.75 7.76 -10.25
CA GLU D 149 -33.76 7.42 -8.82
C GLU D 149 -32.49 6.67 -8.43
N ALA D 150 -32.04 5.75 -9.27
CA ALA D 150 -30.78 5.06 -9.01
C ALA D 150 -29.59 6.00 -9.11
N ALA D 151 -29.62 6.92 -10.09
CA ALA D 151 -28.47 7.79 -10.33
C ALA D 151 -28.30 8.80 -9.19
N VAL D 152 -29.40 9.28 -8.62
CA VAL D 152 -29.32 10.29 -7.57
C VAL D 152 -28.72 9.76 -6.27
N MET D 153 -28.56 8.44 -6.14
CA MET D 153 -27.92 7.87 -4.97
C MET D 153 -26.40 7.89 -5.06
N ILE D 154 -25.84 8.10 -6.25
CA ILE D 154 -24.39 8.12 -6.47
C ILE D 154 -23.70 9.29 -5.78
N PRO D 155 -24.19 10.53 -5.88
CA PRO D 155 -23.35 11.67 -5.44
C PRO D 155 -22.88 11.64 -4.00
N ASP D 156 -23.71 11.19 -3.05
CA ASP D 156 -23.30 11.20 -1.65
C ASP D 156 -23.32 9.81 -1.01
N MET D 157 -24.46 9.12 -1.04
CA MET D 157 -24.59 7.88 -0.27
C MET D 157 -23.65 6.81 -0.79
N MET D 158 -23.68 6.57 -2.10
CA MET D 158 -22.88 5.49 -2.67
C MET D 158 -21.39 5.77 -2.50
N THR D 159 -20.96 7.01 -2.76
CA THR D 159 -19.54 7.33 -2.66
C THR D 159 -19.06 7.25 -1.21
N THR D 160 -19.87 7.71 -0.25
CA THR D 160 -19.45 7.65 1.14
C THR D 160 -19.37 6.21 1.64
N GLY D 161 -20.39 5.40 1.35
CA GLY D 161 -20.35 4.01 1.77
C GLY D 161 -19.23 3.22 1.11
N PHE D 162 -19.01 3.47 -0.19
CA PHE D 162 -17.96 2.73 -0.91
C PHE D 162 -16.57 3.15 -0.43
N HIS D 163 -16.39 4.43 -0.09
CA HIS D 163 -15.11 4.83 0.48
C HIS D 163 -14.92 4.26 1.88
N GLY D 164 -16.00 4.14 2.66
CA GLY D 164 -15.90 3.44 3.93
C GLY D 164 -15.45 2.02 3.77
N ALA D 165 -15.99 1.32 2.76
CA ALA D 165 -15.55 -0.04 2.48
C ALA D 165 -14.09 -0.08 2.00
N GLU D 166 -13.70 0.89 1.16
CA GLU D 166 -12.33 0.91 0.65
C GLU D 166 -11.32 1.15 1.75
N LEU D 167 -11.62 2.08 2.67
CA LEU D 167 -10.69 2.40 3.74
C LEU D 167 -10.59 1.31 4.80
N ALA D 168 -11.53 0.36 4.80
CA ALA D 168 -11.53 -0.70 5.79
C ALA D 168 -10.46 -1.76 5.52
N ASP D 169 -9.77 -1.70 4.39
CA ASP D 169 -8.71 -2.64 4.04
C ASP D 169 -9.23 -4.08 4.04
N ILE D 170 -10.31 -4.29 3.29
CA ILE D 170 -10.99 -5.59 3.27
C ILE D 170 -10.22 -6.53 2.35
N GLU D 171 -9.84 -7.70 2.88
CA GLU D 171 -9.25 -8.77 2.10
C GLU D 171 -10.31 -9.78 1.71
N LEU D 172 -9.99 -10.58 0.70
CA LEU D 172 -10.95 -11.57 0.19
C LEU D 172 -11.33 -12.56 1.28
N GLY D 173 -12.64 -12.74 1.47
CA GLY D 173 -13.15 -13.68 2.44
C GLY D 173 -13.15 -13.20 3.87
N ALA D 174 -12.74 -11.97 4.13
CA ALA D 174 -12.68 -11.45 5.49
C ALA D 174 -14.08 -11.15 6.01
N THR D 175 -14.22 -11.21 7.34
CA THR D 175 -15.48 -10.89 8.00
C THR D 175 -15.52 -9.40 8.31
N VAL D 176 -16.61 -8.75 7.91
CA VAL D 176 -16.76 -7.31 8.03
C VAL D 176 -18.03 -7.01 8.80
N ALA D 177 -17.94 -6.05 9.73
CA ALA D 177 -19.08 -5.58 10.50
C ALA D 177 -19.42 -4.15 10.10
N VAL D 178 -20.69 -3.87 9.88
CA VAL D 178 -21.17 -2.54 9.53
C VAL D 178 -22.09 -2.08 10.65
N LEU D 179 -21.69 -1.04 11.37
CA LEU D 179 -22.45 -0.51 12.49
C LEU D 179 -23.29 0.66 12.02
N GLY D 180 -24.61 0.49 12.04
CA GLY D 180 -25.52 1.47 11.49
C GLY D 180 -25.93 1.11 10.09
N ILE D 181 -27.23 0.91 9.85
CA ILE D 181 -27.69 0.42 8.56
C ILE D 181 -28.60 1.45 7.90
N GLY D 182 -28.31 2.73 8.11
CA GLY D 182 -28.92 3.77 7.32
C GLY D 182 -28.43 3.69 5.88
N PRO D 183 -28.83 4.65 5.04
CA PRO D 183 -28.43 4.57 3.62
C PRO D 183 -26.93 4.48 3.42
N VAL D 184 -26.15 5.24 4.18
CA VAL D 184 -24.70 5.15 4.09
C VAL D 184 -24.22 3.77 4.55
N GLY D 185 -24.84 3.23 5.60
CA GLY D 185 -24.47 1.90 6.05
C GLY D 185 -24.85 0.82 5.05
N LEU D 186 -26.01 0.97 4.40
CA LEU D 186 -26.40 0.03 3.36
C LEU D 186 -25.40 0.06 2.19
N MET D 187 -24.99 1.27 1.78
CA MET D 187 -23.97 1.36 0.74
C MET D 187 -22.63 0.83 1.22
N ALA D 188 -22.33 0.92 2.51
CA ALA D 188 -21.11 0.32 3.05
C ALA D 188 -21.18 -1.20 2.95
N VAL D 189 -22.35 -1.78 3.23
CA VAL D 189 -22.53 -3.23 3.06
C VAL D 189 -22.31 -3.62 1.60
N ALA D 190 -22.90 -2.84 0.68
CA ALA D 190 -22.71 -3.11 -0.75
C ALA D 190 -21.24 -3.01 -1.15
N GLY D 191 -20.54 -2.00 -0.65
CA GLY D 191 -19.13 -1.85 -0.95
C GLY D 191 -18.28 -2.98 -0.38
N ALA D 192 -18.63 -3.44 0.83
CA ALA D 192 -17.92 -4.57 1.42
C ALA D 192 -18.11 -5.83 0.56
N LYS D 193 -19.33 -6.03 0.06
CA LYS D 193 -19.55 -7.12 -0.87
C LYS D 193 -18.72 -6.94 -2.14
N LEU D 194 -18.64 -5.71 -2.64
CA LEU D 194 -17.85 -5.41 -3.83
C LEU D 194 -16.35 -5.58 -3.60
N ARG D 195 -15.89 -5.55 -2.35
CA ARG D 195 -14.48 -5.74 -2.04
C ARG D 195 -14.12 -7.19 -1.78
N GLY D 196 -15.05 -8.12 -1.97
CA GLY D 196 -14.75 -9.52 -1.76
C GLY D 196 -14.85 -9.99 -0.33
N ALA D 197 -15.67 -9.34 0.49
CA ALA D 197 -15.86 -9.79 1.86
C ALA D 197 -16.64 -11.09 1.89
N GLY D 198 -16.46 -11.84 2.98
CA GLY D 198 -17.20 -13.07 3.18
C GLY D 198 -18.42 -12.81 4.02
N ARG D 199 -18.37 -13.20 5.29
CA ARG D 199 -19.43 -12.86 6.22
C ARG D 199 -19.52 -11.35 6.40
N ILE D 200 -20.73 -10.81 6.32
CA ILE D 200 -21.00 -9.40 6.57
C ILE D 200 -22.06 -9.32 7.67
N ILE D 201 -21.71 -8.67 8.78
CA ILE D 201 -22.61 -8.52 9.91
C ILE D 201 -23.11 -7.08 9.93
N ALA D 202 -24.43 -6.92 9.86
CA ALA D 202 -25.07 -5.62 9.88
C ALA D 202 -25.76 -5.41 11.22
N VAL D 203 -25.56 -4.25 11.82
CA VAL D 203 -26.13 -3.93 13.13
C VAL D 203 -27.22 -2.90 12.91
N GLY D 204 -28.46 -3.27 13.25
CA GLY D 204 -29.59 -2.38 13.11
C GLY D 204 -30.87 -3.11 13.48
N SER D 205 -31.94 -2.33 13.58
CA SER D 205 -33.21 -2.85 14.06
C SER D 205 -34.43 -2.50 13.21
N ARG D 206 -34.37 -1.46 12.38
CA ARG D 206 -35.54 -1.06 11.62
C ARG D 206 -35.84 -2.09 10.53
N PRO D 207 -37.07 -2.61 10.45
CA PRO D 207 -37.35 -3.70 9.51
C PRO D 207 -37.04 -3.38 8.05
N VAL D 208 -37.34 -2.16 7.59
CA VAL D 208 -37.06 -1.82 6.19
C VAL D 208 -35.55 -1.76 5.94
N CYS D 209 -34.81 -1.20 6.90
CA CYS D 209 -33.35 -1.16 6.76
C CYS D 209 -32.75 -2.55 6.86
N VAL D 210 -33.31 -3.41 7.71
CA VAL D 210 -32.82 -4.78 7.82
C VAL D 210 -33.06 -5.53 6.51
N ASP D 211 -34.23 -5.36 5.91
CA ASP D 211 -34.51 -5.98 4.62
C ASP D 211 -33.56 -5.49 3.55
N ALA D 212 -33.30 -4.17 3.51
CA ALA D 212 -32.36 -3.63 2.54
C ALA D 212 -30.96 -4.19 2.76
N ALA D 213 -30.54 -4.32 4.02
CA ALA D 213 -29.22 -4.85 4.32
C ALA D 213 -29.11 -6.30 3.88
N LYS D 214 -30.15 -7.10 4.10
CA LYS D 214 -30.16 -8.47 3.61
C LYS D 214 -30.07 -8.51 2.09
N TYR D 215 -30.77 -7.58 1.42
CA TYR D 215 -30.71 -7.52 -0.04
C TYR D 215 -29.31 -7.18 -0.52
N TYR D 216 -28.61 -6.27 0.15
CA TYR D 216 -27.32 -5.79 -0.33
C TYR D 216 -26.15 -6.69 0.07
N GLY D 217 -26.38 -7.77 0.82
CA GLY D 217 -25.32 -8.73 1.04
C GLY D 217 -25.02 -9.08 2.48
N ALA D 218 -25.78 -8.53 3.42
CA ALA D 218 -25.56 -8.85 4.83
C ALA D 218 -26.02 -10.27 5.13
N THR D 219 -25.15 -11.05 5.76
CA THR D 219 -25.47 -12.43 6.12
C THR D 219 -25.95 -12.58 7.55
N ASP D 220 -25.63 -11.63 8.43
CA ASP D 220 -26.05 -11.67 9.82
C ASP D 220 -26.56 -10.30 10.23
N ILE D 221 -27.64 -10.29 11.02
CA ILE D 221 -28.25 -9.06 11.50
C ILE D 221 -28.23 -9.08 13.02
N VAL D 222 -27.73 -8.01 13.62
CA VAL D 222 -27.63 -7.88 15.07
C VAL D 222 -28.59 -6.78 15.51
N ASN D 223 -29.54 -7.15 16.36
CA ASN D 223 -30.52 -6.22 16.91
C ASN D 223 -30.13 -5.86 18.34
N TYR D 224 -30.34 -4.60 18.71
CA TYR D 224 -29.98 -4.15 20.05
C TYR D 224 -31.09 -4.48 21.04
N LYS D 225 -31.56 -5.73 20.99
CA LYS D 225 -32.56 -6.22 21.93
C LYS D 225 -32.22 -7.58 22.52
N ASP D 226 -31.43 -8.40 21.84
CA ASP D 226 -30.91 -9.62 22.46
C ASP D 226 -29.89 -9.30 23.55
N GLY D 227 -29.28 -8.13 23.50
CA GLY D 227 -28.28 -7.74 24.47
C GLY D 227 -27.32 -6.72 23.89
N PRO D 228 -26.17 -6.55 24.55
CA PRO D 228 -25.16 -5.61 24.03
C PRO D 228 -24.66 -6.04 22.66
N ILE D 229 -24.33 -5.04 21.84
CA ILE D 229 -23.87 -5.30 20.47
C ILE D 229 -22.57 -6.10 20.50
N GLU D 230 -21.65 -5.70 21.39
CA GLU D 230 -20.35 -6.36 21.45
C GLU D 230 -20.49 -7.82 21.82
N SER D 231 -21.33 -8.13 22.80
CA SER D 231 -21.52 -9.52 23.21
C SER D 231 -22.10 -10.36 22.08
N GLN D 232 -23.11 -9.82 21.39
CA GLN D 232 -23.73 -10.55 20.29
C GLN D 232 -22.73 -10.81 19.16
N ILE D 233 -21.95 -9.78 18.81
CA ILE D 233 -20.99 -9.94 17.71
C ILE D 233 -19.90 -10.92 18.09
N MET D 234 -19.40 -10.85 19.34
CA MET D 234 -18.37 -11.78 19.78
C MET D 234 -18.90 -13.21 19.83
N ASN D 235 -20.17 -13.39 20.21
CA ASN D 235 -20.75 -14.73 20.17
C ASN D 235 -20.95 -15.21 18.73
N LEU D 236 -21.23 -14.30 17.81
CA LEU D 236 -21.40 -14.69 16.40
C LEU D 236 -20.12 -15.25 15.81
N THR D 237 -18.98 -14.63 16.15
CA THR D 237 -17.68 -15.03 15.61
C THR D 237 -16.92 -15.97 16.54
N GLU D 238 -17.57 -16.48 17.58
CA GLU D 238 -16.95 -17.40 18.54
C GLU D 238 -15.71 -16.78 19.19
N GLY D 239 -15.80 -15.50 19.53
CA GLY D 239 -14.75 -14.81 20.23
C GLY D 239 -13.59 -14.32 19.39
N LYS D 240 -13.63 -14.53 18.07
CA LYS D 240 -12.54 -14.08 17.22
C LYS D 240 -12.67 -12.62 16.82
N GLY D 241 -13.89 -12.09 16.78
CA GLY D 241 -14.10 -10.74 16.30
C GLY D 241 -14.14 -10.68 14.79
N VAL D 242 -14.13 -9.45 14.28
CA VAL D 242 -14.22 -9.20 12.84
C VAL D 242 -12.90 -8.66 12.34
N ASP D 243 -12.65 -8.88 11.04
CA ASP D 243 -11.42 -8.38 10.44
C ASP D 243 -11.44 -6.87 10.28
N ALA D 244 -12.62 -6.28 10.05
CA ALA D 244 -12.74 -4.85 9.89
C ALA D 244 -14.16 -4.42 10.24
N ALA D 245 -14.30 -3.17 10.66
CA ALA D 245 -15.58 -2.59 11.01
C ALA D 245 -15.74 -1.24 10.32
N ILE D 246 -16.95 -0.96 9.85
CA ILE D 246 -17.28 0.30 9.21
C ILE D 246 -18.33 0.99 10.06
N ILE D 247 -18.05 2.21 10.50
CA ILE D 247 -18.97 3.00 11.29
C ILE D 247 -19.69 3.97 10.38
N ALA D 248 -21.02 3.82 10.29
CA ALA D 248 -21.84 4.66 9.44
C ALA D 248 -22.91 5.42 10.19
N GLY D 249 -23.15 5.11 11.46
CA GLY D 249 -24.14 5.84 12.24
C GLY D 249 -24.03 5.47 13.70
N GLY D 250 -24.58 6.34 14.54
CA GLY D 250 -24.57 6.12 15.97
C GLY D 250 -23.92 7.24 16.76
N ASN D 251 -23.49 6.93 17.98
CA ASN D 251 -22.87 7.89 18.87
C ASN D 251 -21.46 7.41 19.23
N ALA D 252 -20.83 8.10 20.18
CA ALA D 252 -19.45 7.79 20.56
C ALA D 252 -19.29 6.39 21.12
N ASP D 253 -20.38 5.79 21.64
CA ASP D 253 -20.29 4.43 22.14
C ASP D 253 -20.06 3.42 21.03
N ILE D 254 -20.50 3.73 19.81
CA ILE D 254 -20.28 2.82 18.69
C ILE D 254 -18.80 2.73 18.35
N MET D 255 -18.04 3.81 18.59
CA MET D 255 -16.60 3.75 18.38
C MET D 255 -15.94 2.79 19.36
N ALA D 256 -16.35 2.83 20.63
CA ALA D 256 -15.83 1.89 21.61
C ALA D 256 -16.21 0.45 21.25
N THR D 257 -17.46 0.25 20.80
CA THR D 257 -17.86 -1.09 20.37
C THR D 257 -17.03 -1.58 19.19
N ALA D 258 -16.79 -0.70 18.21
CA ALA D 258 -15.98 -1.08 17.05
C ALA D 258 -14.56 -1.43 17.47
N VAL D 259 -13.98 -0.65 18.38
CA VAL D 259 -12.65 -0.97 18.90
C VAL D 259 -12.66 -2.32 19.59
N LYS D 260 -13.73 -2.61 20.33
CA LYS D 260 -13.82 -3.87 21.05
C LYS D 260 -13.89 -5.07 20.10
N ILE D 261 -14.65 -4.95 19.01
CA ILE D 261 -14.94 -6.12 18.20
C ILE D 261 -13.90 -6.42 17.11
N VAL D 262 -13.08 -5.45 16.73
CA VAL D 262 -12.09 -5.68 15.69
C VAL D 262 -10.87 -6.38 16.28
N LYS D 263 -10.31 -7.33 15.52
CA LYS D 263 -9.13 -8.05 15.96
C LYS D 263 -7.89 -7.16 15.88
N PRO D 264 -6.84 -7.50 16.62
CA PRO D 264 -5.61 -6.69 16.57
C PRO D 264 -5.05 -6.63 15.15
N GLY D 265 -4.59 -5.43 14.78
CA GLY D 265 -4.12 -5.18 13.43
C GLY D 265 -5.21 -4.84 12.43
N GLY D 266 -6.48 -4.88 12.84
CA GLY D 266 -7.56 -4.56 11.94
C GLY D 266 -7.78 -3.07 11.78
N THR D 267 -8.71 -2.73 10.89
CA THR D 267 -8.99 -1.34 10.55
C THR D 267 -10.44 -1.01 10.88
N ILE D 268 -10.65 0.16 11.48
CA ILE D 268 -11.97 0.71 11.73
C ILE D 268 -12.13 1.95 10.85
N ALA D 269 -13.05 1.89 9.90
CA ALA D 269 -13.34 3.00 9.01
C ALA D 269 -14.53 3.79 9.53
N ASN D 270 -14.37 5.10 9.64
CA ASN D 270 -15.40 5.98 10.17
C ASN D 270 -15.85 6.92 9.06
N VAL D 271 -17.09 6.77 8.60
CA VAL D 271 -17.68 7.64 7.60
C VAL D 271 -18.98 8.25 8.10
N ASN D 272 -19.19 8.27 9.42
CA ASN D 272 -20.39 8.81 10.03
C ASN D 272 -20.22 10.31 10.22
N TYR D 273 -20.97 11.10 9.45
CA TYR D 273 -20.82 12.54 9.47
C TYR D 273 -21.59 13.18 10.62
N PHE D 274 -20.96 14.13 11.28
CA PHE D 274 -21.57 14.89 12.38
C PHE D 274 -22.12 13.99 13.48
N PRO D 283 -7.77 2.45 24.03
CA PRO D 283 -7.27 3.70 24.61
C PRO D 283 -5.74 3.73 24.70
N ARG D 284 -5.18 3.11 25.72
CA ARG D 284 -3.74 3.06 25.91
C ARG D 284 -3.20 1.70 25.47
N LEU D 285 -1.96 1.71 24.99
CA LEU D 285 -1.33 0.50 24.47
C LEU D 285 -0.94 -0.42 25.62
N GLU D 286 -1.35 -1.69 25.54
CA GLU D 286 -1.07 -2.68 26.56
C GLU D 286 -0.60 -3.97 25.93
N TRP D 287 0.20 -4.73 26.69
CA TRP D 287 0.69 -6.01 26.19
C TRP D 287 -0.43 -7.05 26.11
N GLY D 288 -1.33 -7.05 27.08
CA GLY D 288 -2.35 -8.09 27.15
C GLY D 288 -3.68 -7.69 26.57
N CYS D 289 -3.83 -6.42 26.18
CA CYS D 289 -5.06 -5.92 25.58
C CYS D 289 -4.76 -5.39 24.19
N GLY D 290 -5.47 -5.90 23.19
CA GLY D 290 -5.30 -5.48 21.82
C GLY D 290 -6.19 -4.35 21.37
N MET D 291 -6.93 -3.72 22.29
CA MET D 291 -7.88 -2.70 21.90
C MET D 291 -7.21 -1.50 21.26
N ALA D 292 -5.99 -1.17 21.67
CA ALA D 292 -5.27 -0.04 21.09
C ALA D 292 -4.40 -0.43 19.90
N HIS D 293 -4.28 -1.72 19.60
CA HIS D 293 -3.47 -2.17 18.48
C HIS D 293 -4.28 -2.17 17.19
N LYS D 294 -4.85 -1.02 16.82
CA LYS D 294 -5.76 -0.94 15.70
C LYS D 294 -5.46 0.31 14.88
N THR D 295 -6.03 0.35 13.68
CA THR D 295 -5.94 1.50 12.79
C THR D 295 -7.34 2.08 12.61
N ILE D 296 -7.47 3.38 12.85
CA ILE D 296 -8.73 4.09 12.69
C ILE D 296 -8.57 5.09 11.55
N LYS D 297 -9.34 4.90 10.49
CA LYS D 297 -9.31 5.76 9.32
C LYS D 297 -10.66 6.45 9.18
N GLY D 298 -10.63 7.77 8.96
CA GLY D 298 -11.86 8.53 8.80
C GLY D 298 -11.71 9.59 7.73
N GLY D 299 -12.83 9.90 7.08
CA GLY D 299 -12.87 10.97 6.13
C GLY D 299 -14.01 10.91 5.15
N LEU D 300 -14.62 12.06 4.88
CA LEU D 300 -15.61 12.19 3.81
C LEU D 300 -14.93 12.75 2.56
N CYS D 301 -13.89 12.03 2.15
CA CYS D 301 -12.94 12.53 1.16
C CYS D 301 -13.46 12.56 -0.27
N PRO D 302 -13.82 11.39 -0.87
CA PRO D 302 -13.75 11.29 -2.34
C PRO D 302 -14.86 12.02 -3.08
N GLY D 303 -14.48 12.99 -3.91
CA GLY D 303 -15.37 13.62 -4.85
C GLY D 303 -14.67 13.87 -6.17
N GLY D 304 -15.47 14.17 -7.19
CA GLY D 304 -14.95 14.56 -8.48
C GLY D 304 -15.42 13.64 -9.60
N ARG D 305 -14.99 14.04 -10.80
CA ARG D 305 -15.48 13.43 -12.04
C ARG D 305 -15.07 11.96 -12.15
N LEU D 306 -13.82 11.63 -11.82
CA LEU D 306 -13.38 10.25 -11.95
C LEU D 306 -14.13 9.33 -10.99
N ARG D 307 -14.34 9.79 -9.76
CA ARG D 307 -15.12 9.02 -8.79
C ARG D 307 -16.53 8.79 -9.28
N MET D 308 -17.18 9.86 -9.77
CA MET D 308 -18.54 9.72 -10.28
C MET D 308 -18.59 8.77 -11.48
N GLU D 309 -17.60 8.86 -12.38
CA GLU D 309 -17.57 8.00 -13.56
C GLU D 309 -17.41 6.53 -13.17
N ARG D 310 -16.55 6.25 -12.20
CA ARG D 310 -16.37 4.86 -11.79
C ARG D 310 -17.61 4.32 -11.10
N LEU D 311 -18.28 5.13 -10.28
CA LEU D 311 -19.54 4.68 -9.68
C LEU D 311 -20.60 4.46 -10.75
N ILE D 312 -20.64 5.32 -11.76
CA ILE D 312 -21.59 5.16 -12.86
C ILE D 312 -21.30 3.87 -13.61
N ASP D 313 -20.02 3.54 -13.79
CA ASP D 313 -19.66 2.27 -14.42
C ASP D 313 -20.12 1.09 -13.59
N LEU D 314 -19.98 1.19 -12.26
CA LEU D 314 -20.46 0.12 -11.39
C LEU D 314 -21.97 -0.08 -11.53
N VAL D 315 -22.73 1.02 -11.61
CA VAL D 315 -24.17 0.90 -11.75
C VAL D 315 -24.54 0.37 -13.13
N PHE D 316 -23.86 0.85 -14.17
CA PHE D 316 -24.22 0.52 -15.55
C PHE D 316 -24.04 -0.97 -15.84
N TYR D 317 -22.97 -1.57 -15.32
CA TYR D 317 -22.69 -2.98 -15.55
C TYR D 317 -23.33 -3.88 -14.51
N LYS D 318 -24.37 -3.39 -13.82
CA LYS D 318 -25.19 -4.18 -12.91
C LYS D 318 -24.37 -4.80 -11.77
N ARG D 319 -23.30 -4.13 -11.35
CA ARG D 319 -22.57 -4.59 -10.17
C ARG D 319 -23.28 -4.21 -8.87
N VAL D 320 -24.13 -3.18 -8.90
CA VAL D 320 -24.87 -2.75 -7.72
C VAL D 320 -26.11 -2.01 -8.20
N ASP D 321 -27.21 -2.18 -7.46
CA ASP D 321 -28.47 -1.51 -7.76
C ASP D 321 -28.89 -0.65 -6.58
N PRO D 322 -28.64 0.67 -6.60
CA PRO D 322 -29.00 1.53 -5.48
C PRO D 322 -30.47 1.93 -5.45
N SER D 323 -31.32 1.36 -6.30
CA SER D 323 -32.74 1.72 -6.32
C SER D 323 -33.46 1.28 -5.06
N LYS D 324 -32.94 0.27 -4.35
CA LYS D 324 -33.60 -0.20 -3.13
C LYS D 324 -33.54 0.83 -2.01
N LEU D 325 -32.62 1.81 -2.10
CA LEU D 325 -32.57 2.87 -1.09
C LEU D 325 -33.78 3.79 -1.17
N VAL D 326 -34.36 3.93 -2.36
CA VAL D 326 -35.45 4.88 -2.58
C VAL D 326 -36.76 4.23 -2.17
N THR D 327 -37.33 4.69 -1.06
CA THR D 327 -38.61 4.19 -0.57
C THR D 327 -39.77 5.13 -0.88
N HIS D 328 -39.50 6.42 -1.04
CA HIS D 328 -40.53 7.41 -1.34
C HIS D 328 -40.11 8.21 -2.56
N VAL D 329 -41.00 8.31 -3.54
CA VAL D 329 -40.75 9.06 -4.77
C VAL D 329 -41.79 10.16 -4.87
N PHE D 330 -41.33 11.39 -5.07
CA PHE D 330 -42.21 12.54 -5.20
C PHE D 330 -42.03 13.17 -6.58
N ARG D 331 -43.08 13.83 -7.05
CA ARG D 331 -43.11 14.46 -8.36
C ARG D 331 -43.37 15.94 -8.21
N GLY D 332 -42.53 16.76 -8.82
CA GLY D 332 -42.76 18.18 -8.86
C GLY D 332 -41.82 18.95 -7.94
N PHE D 333 -41.61 20.22 -8.28
CA PHE D 333 -40.71 21.07 -7.49
C PHE D 333 -41.28 21.35 -6.11
N ASP D 334 -42.60 21.47 -5.99
CA ASP D 334 -43.23 21.84 -4.73
C ASP D 334 -43.14 20.75 -3.66
N ASN D 335 -42.72 19.53 -4.02
CA ASN D 335 -42.63 18.43 -3.07
C ASN D 335 -41.28 18.36 -2.37
N ILE D 336 -40.36 19.29 -2.67
CA ILE D 336 -39.07 19.31 -1.98
C ILE D 336 -39.27 19.56 -0.49
N GLU D 337 -40.15 20.50 -0.14
CA GLU D 337 -40.43 20.77 1.27
C GLU D 337 -41.05 19.56 1.95
N LYS D 338 -41.95 18.87 1.25
CA LYS D 338 -42.56 17.67 1.83
C LYS D 338 -41.52 16.58 2.05
N ALA D 339 -40.60 16.40 1.11
CA ALA D 339 -39.53 15.41 1.28
C ALA D 339 -38.62 15.79 2.44
N PHE D 340 -38.31 17.09 2.58
CA PHE D 340 -37.49 17.55 3.70
C PHE D 340 -38.18 17.30 5.03
N MET D 341 -39.50 17.57 5.09
CA MET D 341 -40.26 17.28 6.31
C MET D 341 -40.27 15.80 6.62
N LEU D 342 -40.42 14.96 5.59
CA LEU D 342 -40.36 13.51 5.79
C LEU D 342 -39.01 13.11 6.35
N MET D 343 -37.94 13.71 5.84
CA MET D 343 -36.61 13.48 6.42
C MET D 343 -36.55 13.94 7.87
N LYS D 344 -37.32 14.97 8.23
CA LYS D 344 -37.27 15.49 9.60
C LYS D 344 -37.90 14.53 10.60
N ASP D 345 -39.11 14.04 10.31
CA ASP D 345 -39.81 13.19 11.27
C ASP D 345 -39.47 11.71 11.13
N LYS D 346 -38.80 11.32 10.05
CA LYS D 346 -38.25 9.99 9.80
C LYS D 346 -39.22 8.86 10.18
N PRO D 347 -40.28 8.64 9.39
CA PRO D 347 -41.18 7.52 9.66
C PRO D 347 -40.46 6.18 9.55
N LYS D 348 -41.14 5.13 10.02
CA LYS D 348 -40.50 3.82 10.13
C LYS D 348 -40.21 3.21 8.76
N ASP D 349 -40.98 3.56 7.74
CA ASP D 349 -40.85 2.95 6.43
C ASP D 349 -39.96 3.76 5.48
N LEU D 350 -39.28 4.79 5.98
CA LEU D 350 -38.51 5.69 5.13
C LEU D 350 -37.02 5.35 5.22
N ILE D 351 -36.38 5.24 4.06
CA ILE D 351 -34.92 5.19 3.97
C ILE D 351 -34.37 6.44 3.28
N LYS D 352 -34.81 6.71 2.05
CA LYS D 352 -34.35 7.87 1.31
C LYS D 352 -35.43 8.34 0.34
N PRO D 353 -35.93 9.57 0.49
CA PRO D 353 -36.89 10.11 -0.47
C PRO D 353 -36.21 10.81 -1.64
N VAL D 354 -36.84 10.72 -2.80
CA VAL D 354 -36.33 11.29 -4.04
C VAL D 354 -37.43 12.10 -4.71
N VAL D 355 -37.09 13.30 -5.15
CA VAL D 355 -38.01 14.18 -5.85
C VAL D 355 -37.59 14.25 -7.31
N ILE D 356 -38.49 13.85 -8.21
CA ILE D 356 -38.24 13.84 -9.64
C ILE D 356 -38.82 15.13 -10.23
N LEU D 357 -38.00 15.86 -10.97
CA LEU D 357 -38.43 17.13 -11.55
C LEU D 357 -38.92 16.92 -12.98
ZN ZN E . -2.90 -27.10 -10.71
MG MG F . -2.09 -18.97 4.32
MG MG G . 1.74 -13.34 -3.82
MG MG H . 3.84 17.52 -7.83
MG MG I . 5.45 7.39 -10.52
ZN ZN J . 17.30 15.16 -18.05
MG MG K . 10.72 -10.76 12.34
MG MG L . 3.12 -3.40 13.19
ZN ZN M . 11.50 -1.90 27.23
MG MG N . -12.48 12.21 -8.84
MG MG O . -10.32 9.35 1.16
ZN ZN P . -26.02 13.93 1.77
#